data_6G16
#
_entry.id   6G16
#
_cell.length_a   82.232
_cell.length_b   150.352
_cell.length_c   95.694
_cell.angle_alpha   90.00
_cell.angle_beta   94.99
_cell.angle_gamma   90.00
#
_symmetry.space_group_name_H-M   'P 1 21 1'
#
loop_
_entity.id
_entity.type
_entity.pdbx_description
1 polymer 'Histone-binding protein RBBP4'
2 polymer 'Metastasis-associated protein MTA1'
#
loop_
_entity_poly.entity_id
_entity_poly.type
_entity_poly.pdbx_seq_one_letter_code
_entity_poly.pdbx_strand_id
1 'polypeptide(L)'
;MADKEAAFDDAVEERVINEEYKIWKKNTPFLYDLVMTHALEWPSLTAQWLPDVTRPEGKDFSIHRLVLGTHTSDEQNHLV
IASVQLPNDDAQFDASHYDSEKGEFGGFGSVSGKIEIEIKINHEGEVNRARYMPQNPCIIATKTPSSDVLVFDYTKHPSK
PDPSGECNPDLRLRGHQKEGYGLSWNPNLSGHLLSASDDHTICLWDISAVPKEGKVVDAKTIFTGHTAVVEDVSWHLLHE
SLFGSVADDQKLMIWDTRSNNTSKPSHSVDAHTAEVNCLSFNPYSEFILATGSADKTVALWDLRNLKLKLHSFESHKDEI
FQVQWSPHNETILASSGTDRRLNVWDLSKIGEEQSPEDAEDGPPELLFIHGGHTAKISDFSWNPNEPWVICSVSEDNIMQ
VWQMAENIYNDEDPEGSVDPEGQGS
;
A,C,E,G
2 'polypeptide(L)'
;GAAMKTRQAFYLHTTKLTRIARRLCREILRPWHAARHPYLPINSAAIKAECTARLPEASQSPLVLKQAVRKPLEAVLRYL
ETHPR
;
B,D,F,H
#
# COMPACT_ATOMS: atom_id res chain seq x y z
N ASP A 10 -2.76 -25.83 -2.09
CA ASP A 10 -3.89 -26.69 -1.61
C ASP A 10 -3.83 -28.09 -2.23
N ALA A 11 -4.35 -29.08 -1.54
CA ALA A 11 -4.30 -30.50 -1.98
C ALA A 11 -4.83 -30.72 -3.41
N VAL A 12 -5.87 -29.97 -3.80
CA VAL A 12 -6.48 -30.14 -5.12
C VAL A 12 -5.50 -29.70 -6.20
N GLU A 13 -4.85 -28.55 -6.01
CA GLU A 13 -3.86 -28.08 -6.99
C GLU A 13 -2.66 -29.03 -7.08
N GLU A 14 -2.29 -29.63 -5.96
CA GLU A 14 -1.19 -30.60 -5.94
C GLU A 14 -1.52 -31.80 -6.83
N ARG A 15 -2.76 -32.27 -6.75
CA ARG A 15 -3.18 -33.43 -7.52
C ARG A 15 -3.19 -33.12 -9.00
N VAL A 16 -3.67 -31.93 -9.35
CA VAL A 16 -3.66 -31.48 -10.72
C VAL A 16 -2.23 -31.45 -11.23
N ILE A 17 -1.32 -30.86 -10.46
CA ILE A 17 0.10 -30.79 -10.86
C ILE A 17 0.67 -32.18 -11.05
N ASN A 18 0.33 -33.10 -10.15
CA ASN A 18 0.80 -34.48 -10.28
C ASN A 18 0.28 -35.16 -11.54
N GLU A 19 -1.01 -34.95 -11.84
CA GLU A 19 -1.60 -35.51 -13.04
C GLU A 19 -0.85 -34.97 -14.27
N GLU A 20 -0.60 -33.66 -14.29
CA GLU A 20 0.09 -33.03 -15.42
C GLU A 20 1.53 -33.48 -15.58
N TYR A 21 2.20 -33.74 -14.47
CA TYR A 21 3.54 -34.30 -14.53
C TYR A 21 3.54 -35.70 -15.17
N LYS A 22 2.57 -36.55 -14.82
CA LYS A 22 2.46 -37.91 -15.37
C LYS A 22 2.24 -37.85 -16.88
N ILE A 23 1.41 -36.93 -17.32
CA ILE A 23 1.17 -36.77 -18.76
C ILE A 23 2.49 -36.38 -19.47
N TRP A 24 3.13 -35.32 -18.99
CA TRP A 24 4.42 -34.90 -19.47
C TRP A 24 5.40 -36.06 -19.55
N LYS A 25 5.53 -36.82 -18.47
CA LYS A 25 6.51 -37.91 -18.40
C LYS A 25 6.28 -38.99 -19.46
N LYS A 26 5.02 -39.29 -19.71
CA LYS A 26 4.65 -40.25 -20.73
C LYS A 26 4.88 -39.72 -22.16
N ASN A 27 4.75 -38.39 -22.30
CA ASN A 27 5.02 -37.67 -23.55
C ASN A 27 6.53 -37.54 -23.84
N THR A 28 7.41 -37.75 -22.87
CA THR A 28 8.80 -37.37 -23.04
C THR A 28 9.54 -37.89 -24.29
N PRO A 29 9.29 -39.12 -24.71
CA PRO A 29 10.04 -39.55 -25.88
C PRO A 29 9.72 -38.79 -27.16
N PHE A 30 8.53 -38.22 -27.22
CA PHE A 30 8.09 -37.47 -28.41
C PHE A 30 8.46 -35.97 -28.39
N LEU A 31 8.75 -35.45 -27.20
CA LEU A 31 9.18 -34.08 -27.02
C LEU A 31 10.67 -33.94 -26.79
N TYR A 32 11.37 -34.98 -26.31
CA TYR A 32 12.78 -34.88 -25.94
C TYR A 32 13.63 -35.95 -26.57
N ASP A 33 14.93 -35.69 -26.65
CA ASP A 33 15.96 -36.68 -26.96
C ASP A 33 16.72 -37.10 -25.71
N LEU A 34 16.75 -36.26 -24.69
CA LEU A 34 17.40 -36.57 -23.42
C LEU A 34 16.63 -35.95 -22.27
N VAL A 35 16.32 -36.74 -21.24
CA VAL A 35 15.82 -36.25 -19.96
C VAL A 35 16.50 -37.02 -18.87
N MET A 36 17.16 -36.35 -17.94
CA MET A 36 17.79 -36.98 -16.76
C MET A 36 17.29 -36.21 -15.59
N THR A 37 16.79 -36.88 -14.56
CA THR A 37 16.33 -36.16 -13.38
C THR A 37 16.99 -36.68 -12.15
N HIS A 38 17.00 -35.88 -11.09
CA HIS A 38 17.70 -36.20 -9.86
C HIS A 38 17.18 -35.36 -8.75
N ALA A 39 16.84 -35.98 -7.62
CA ALA A 39 16.35 -35.28 -6.41
C ALA A 39 17.52 -34.91 -5.55
N LEU A 40 17.75 -33.61 -5.38
CA LEU A 40 18.81 -33.12 -4.51
C LEU A 40 18.31 -33.21 -3.08
N GLU A 41 19.23 -33.33 -2.13
CA GLU A 41 18.90 -33.32 -0.71
C GLU A 41 18.21 -32.02 -0.32
N TRP A 42 18.81 -30.92 -0.76
CA TRP A 42 18.23 -29.57 -0.61
C TRP A 42 18.05 -28.86 -1.96
N PRO A 43 17.02 -28.00 -2.05
CA PRO A 43 16.82 -27.29 -3.32
C PRO A 43 17.96 -26.34 -3.59
N SER A 44 18.30 -26.19 -4.87
CA SER A 44 19.35 -25.27 -5.28
C SER A 44 18.65 -24.11 -5.89
N LEU A 45 19.11 -22.91 -5.54
CA LEU A 45 18.65 -21.67 -6.14
C LEU A 45 19.52 -21.23 -7.31
N THR A 46 20.62 -21.93 -7.55
CA THR A 46 21.60 -21.59 -8.58
C THR A 46 21.97 -22.84 -9.39
N ALA A 47 22.33 -22.64 -10.64
CA ALA A 47 22.83 -23.67 -11.50
C ALA A 47 23.66 -23.03 -12.58
N GLN A 48 24.85 -23.56 -12.82
CA GLN A 48 25.69 -23.12 -13.92
C GLN A 48 26.61 -24.26 -14.31
N TRP A 49 26.65 -24.57 -15.61
CA TRP A 49 27.60 -25.55 -16.12
C TRP A 49 28.98 -24.92 -16.09
N LEU A 50 29.96 -25.69 -15.64
CA LEU A 50 31.36 -25.34 -15.83
C LEU A 50 31.74 -25.66 -17.27
N PRO A 51 32.81 -25.02 -17.79
CA PRO A 51 33.17 -25.17 -19.21
C PRO A 51 33.89 -26.45 -19.57
N ASP A 52 34.56 -27.09 -18.60
CA ASP A 52 35.33 -28.32 -18.86
C ASP A 52 34.41 -29.51 -19.18
N VAL A 53 34.82 -30.33 -20.13
CA VAL A 53 34.19 -31.66 -20.34
C VAL A 53 35.31 -32.68 -20.51
N THR A 54 35.23 -33.78 -19.74
CA THR A 54 36.24 -34.86 -19.80
C THR A 54 35.58 -36.04 -20.51
N ARG A 55 36.33 -36.69 -21.40
CA ARG A 55 35.76 -37.70 -22.30
C ARG A 55 36.46 -39.04 -22.10
N PRO A 56 36.00 -39.83 -21.12
CA PRO A 56 36.77 -40.99 -20.70
C PRO A 56 36.87 -41.99 -21.84
N GLU A 57 38.10 -42.42 -22.14
CA GLU A 57 38.37 -43.30 -23.29
C GLU A 57 37.55 -44.58 -23.20
N GLY A 58 37.00 -45.00 -24.35
CA GLY A 58 36.22 -46.24 -24.45
C GLY A 58 34.73 -46.13 -24.12
N LYS A 59 34.34 -45.02 -23.48
CA LYS A 59 32.98 -44.86 -23.01
C LYS A 59 32.16 -44.13 -24.05
N ASP A 60 30.86 -44.44 -24.08
CA ASP A 60 29.92 -43.77 -24.98
C ASP A 60 29.22 -42.56 -24.31
N PHE A 61 29.90 -41.93 -23.35
CA PHE A 61 29.41 -40.72 -22.70
C PHE A 61 30.57 -39.83 -22.38
N SER A 62 30.25 -38.57 -22.09
CA SER A 62 31.23 -37.58 -21.62
C SER A 62 30.78 -37.10 -20.26
N ILE A 63 31.70 -36.51 -19.50
CA ILE A 63 31.42 -35.98 -18.17
C ILE A 63 31.39 -34.45 -18.19
N HIS A 64 30.32 -33.89 -17.64
CA HIS A 64 30.07 -32.47 -17.57
C HIS A 64 29.83 -32.14 -16.14
N ARG A 65 30.08 -30.90 -15.74
CA ARG A 65 29.93 -30.54 -14.33
C ARG A 65 29.15 -29.25 -14.12
N LEU A 66 28.45 -29.19 -12.99
CA LEU A 66 27.54 -28.12 -12.63
C LEU A 66 27.92 -27.52 -11.28
N VAL A 67 27.83 -26.20 -11.16
CA VAL A 67 27.88 -25.56 -9.87
C VAL A 67 26.45 -25.41 -9.37
N LEU A 68 26.18 -25.98 -8.20
CA LEU A 68 24.91 -25.86 -7.51
C LEU A 68 25.16 -25.40 -6.07
N GLY A 69 24.09 -25.16 -5.34
CA GLY A 69 24.16 -24.74 -3.96
C GLY A 69 22.97 -25.29 -3.20
N THR A 70 22.81 -24.83 -1.96
CA THR A 70 21.74 -25.32 -1.09
C THR A 70 21.01 -24.14 -0.47
N HIS A 71 19.70 -24.28 -0.26
CA HIS A 71 18.90 -23.17 0.29
C HIS A 71 18.46 -23.36 1.76
N THR A 72 18.87 -24.44 2.42
CA THR A 72 18.38 -24.78 3.77
C THR A 72 18.74 -23.76 4.86
N SER A 73 17.85 -23.64 5.85
CA SER A 73 17.97 -22.69 6.98
C SER A 73 18.30 -23.33 8.34
N ASP A 74 18.04 -24.62 8.50
CA ASP A 74 18.27 -25.33 9.76
C ASP A 74 19.48 -26.27 9.69
N GLU A 75 20.10 -26.37 8.53
CA GLU A 75 21.21 -27.31 8.32
C GLU A 75 22.37 -26.56 7.67
N GLN A 76 23.52 -27.23 7.65
CA GLN A 76 24.70 -26.63 7.08
C GLN A 76 24.58 -26.54 5.56
N ASN A 77 24.68 -25.34 5.04
CA ASN A 77 24.64 -25.11 3.61
C ASN A 77 25.95 -25.54 2.94
N HIS A 78 25.85 -25.90 1.65
CA HIS A 78 27.01 -26.32 0.86
C HIS A 78 27.03 -25.65 -0.49
N LEU A 79 28.21 -25.31 -0.95
CA LEU A 79 28.45 -25.03 -2.35
C LEU A 79 28.79 -26.36 -2.94
N VAL A 80 28.08 -26.71 -4.02
CA VAL A 80 28.11 -28.06 -4.56
C VAL A 80 28.63 -28.07 -5.98
N ILE A 81 29.45 -29.07 -6.30
CA ILE A 81 29.81 -29.37 -7.67
C ILE A 81 29.40 -30.80 -7.99
N ALA A 82 28.57 -30.96 -9.02
CA ALA A 82 28.03 -32.24 -9.42
C ALA A 82 28.53 -32.57 -10.81
N SER A 83 28.73 -33.86 -11.07
CA SER A 83 29.12 -34.36 -12.38
C SER A 83 27.91 -34.92 -13.04
N VAL A 84 27.85 -34.84 -14.37
CA VAL A 84 26.73 -35.37 -15.15
C VAL A 84 27.27 -36.13 -16.36
N GLN A 85 26.83 -37.38 -16.54
CA GLN A 85 27.17 -38.16 -17.74
C GLN A 85 26.24 -37.90 -18.90
N LEU A 86 26.78 -37.42 -20.03
CA LEU A 86 25.96 -37.10 -21.20
C LEU A 86 26.32 -38.03 -22.34
N PRO A 87 25.30 -38.65 -22.99
CA PRO A 87 25.50 -39.55 -24.12
C PRO A 87 26.21 -38.90 -25.28
N ASN A 88 27.08 -39.67 -25.94
CA ASN A 88 27.65 -39.26 -27.22
C ASN A 88 26.63 -39.59 -28.31
N ASP A 89 26.71 -38.90 -29.44
CA ASP A 89 25.80 -39.17 -30.56
C ASP A 89 26.16 -40.51 -31.22
N GLY A 103 15.15 -51.61 -33.19
CA GLY A 103 13.82 -51.11 -33.59
C GLY A 103 12.80 -51.15 -32.44
N GLU A 104 12.93 -50.18 -31.51
CA GLU A 104 12.10 -50.10 -30.29
C GLU A 104 11.73 -48.64 -29.92
N PHE A 105 10.49 -48.42 -29.47
CA PHE A 105 10.04 -47.07 -29.07
C PHE A 105 10.40 -46.76 -27.62
N GLY A 106 10.41 -45.46 -27.29
CA GLY A 106 10.78 -45.00 -25.96
C GLY A 106 12.28 -44.75 -25.85
N GLY A 107 12.87 -45.33 -24.80
CA GLY A 107 14.27 -45.05 -24.41
C GLY A 107 14.55 -44.86 -22.92
N PHE A 108 13.63 -45.28 -22.05
CA PHE A 108 13.75 -45.12 -20.61
C PHE A 108 14.79 -46.04 -20.02
N GLY A 109 15.57 -45.53 -19.09
CA GLY A 109 16.54 -46.32 -18.36
C GLY A 109 16.73 -45.85 -16.93
N SER A 110 17.72 -46.44 -16.27
CA SER A 110 18.11 -46.05 -14.92
C SER A 110 18.95 -44.76 -15.02
N VAL A 111 18.84 -43.91 -14.00
CA VAL A 111 19.74 -42.75 -13.81
C VAL A 111 20.93 -43.02 -12.88
N SER A 112 20.95 -44.17 -12.22
CA SER A 112 21.92 -44.45 -11.17
C SER A 112 23.34 -44.23 -11.64
N GLY A 113 24.05 -43.39 -10.92
CA GLY A 113 25.44 -43.07 -11.21
C GLY A 113 25.71 -42.14 -12.38
N LYS A 114 24.65 -41.62 -13.02
CA LYS A 114 24.81 -40.68 -14.12
C LYS A 114 24.97 -39.22 -13.63
N ILE A 115 24.42 -38.96 -12.44
CA ILE A 115 24.52 -37.67 -11.77
C ILE A 115 25.05 -37.91 -10.37
N GLU A 116 26.27 -37.44 -10.09
CA GLU A 116 26.91 -37.63 -8.79
C GLU A 116 27.44 -36.31 -8.26
N ILE A 117 27.46 -36.18 -6.94
CA ILE A 117 28.04 -35.04 -6.28
C ILE A 117 29.53 -35.32 -6.09
N GLU A 118 30.38 -34.45 -6.64
CA GLU A 118 31.83 -34.57 -6.52
C GLU A 118 32.37 -33.79 -5.33
N ILE A 119 31.84 -32.58 -5.14
CA ILE A 119 32.39 -31.66 -4.13
C ILE A 119 31.28 -31.03 -3.34
N LYS A 120 31.46 -30.97 -2.03
CA LYS A 120 30.64 -30.19 -1.10
C LYS A 120 31.60 -29.29 -0.31
N ILE A 121 31.25 -28.01 -0.18
CA ILE A 121 32.06 -27.06 0.57
C ILE A 121 31.14 -26.35 1.51
N ASN A 122 31.48 -26.32 2.80
CA ASN A 122 30.63 -25.63 3.78
C ASN A 122 30.50 -24.15 3.37
N HIS A 123 29.29 -23.62 3.52
CA HIS A 123 28.97 -22.23 3.14
C HIS A 123 28.09 -21.65 4.24
N GLU A 124 28.35 -20.42 4.68
CA GLU A 124 27.63 -19.90 5.85
C GLU A 124 26.14 -19.70 5.60
N GLY A 125 25.74 -18.73 4.82
CA GLY A 125 24.31 -18.57 4.53
C GLY A 125 23.85 -19.58 3.48
N GLU A 126 22.63 -19.40 2.98
CA GLU A 126 22.18 -20.10 1.77
C GLU A 126 22.89 -19.52 0.52
N VAL A 127 23.17 -20.40 -0.45
CA VAL A 127 23.77 -20.01 -1.70
C VAL A 127 22.64 -19.48 -2.59
N ASN A 128 22.50 -18.15 -2.66
CA ASN A 128 21.52 -17.53 -3.52
C ASN A 128 21.92 -17.57 -4.99
N ARG A 129 23.21 -17.43 -5.25
CA ARG A 129 23.74 -17.56 -6.60
C ARG A 129 25.19 -17.91 -6.55
N ALA A 130 25.65 -18.72 -7.50
CA ALA A 130 27.05 -19.07 -7.59
C ALA A 130 27.50 -19.02 -9.03
N ARG A 131 28.58 -18.30 -9.27
CA ARG A 131 29.12 -18.12 -10.60
C ARG A 131 30.62 -18.30 -10.63
N TYR A 132 31.11 -19.03 -11.61
CA TYR A 132 32.54 -19.32 -11.69
C TYR A 132 33.24 -18.16 -12.38
N MET A 133 34.51 -17.93 -12.04
CA MET A 133 35.31 -16.91 -12.72
C MET A 133 35.78 -17.42 -14.09
N PRO A 134 35.33 -16.79 -15.20
CA PRO A 134 35.70 -17.30 -16.52
C PRO A 134 37.20 -17.50 -16.72
N GLN A 135 38.01 -16.59 -16.21
CA GLN A 135 39.48 -16.68 -16.37
C GLN A 135 40.18 -17.80 -15.56
N ASN A 136 39.49 -18.43 -14.62
CA ASN A 136 40.02 -19.56 -13.86
C ASN A 136 38.79 -20.19 -13.14
N PRO A 137 38.12 -21.14 -13.83
CA PRO A 137 36.90 -21.78 -13.35
C PRO A 137 37.00 -22.54 -12.03
N CYS A 138 38.18 -22.62 -11.42
CA CYS A 138 38.29 -23.17 -10.04
C CYS A 138 37.78 -22.22 -8.98
N ILE A 139 37.71 -20.93 -9.33
CA ILE A 139 37.24 -19.88 -8.43
C ILE A 139 35.71 -19.66 -8.59
N ILE A 140 34.97 -19.95 -7.53
CA ILE A 140 33.54 -19.71 -7.50
C ILE A 140 33.25 -18.54 -6.56
N ALA A 141 32.51 -17.55 -7.06
CA ALA A 141 31.93 -16.50 -6.19
C ALA A 141 30.50 -16.89 -5.84
N THR A 142 30.13 -16.65 -4.58
CA THR A 142 28.77 -16.89 -4.11
C THR A 142 28.11 -15.65 -3.49
N LYS A 143 26.79 -15.62 -3.57
CA LYS A 143 25.98 -14.52 -3.12
C LYS A 143 25.22 -15.05 -1.94
N THR A 144 25.34 -14.35 -0.83
CA THR A 144 24.71 -14.77 0.41
C THR A 144 23.47 -13.90 0.57
N PRO A 145 22.63 -14.19 1.56
CA PRO A 145 21.49 -13.28 1.78
C PRO A 145 21.92 -11.95 2.43
N SER A 146 23.10 -11.90 3.04
CA SER A 146 23.73 -10.65 3.45
C SER A 146 24.38 -10.00 2.22
N SER A 147 24.98 -8.83 2.42
CA SER A 147 25.61 -8.09 1.31
C SER A 147 27.04 -8.49 0.99
N ASP A 148 27.58 -9.44 1.74
CA ASP A 148 28.88 -10.00 1.41
C ASP A 148 28.79 -11.04 0.29
N VAL A 149 29.86 -11.09 -0.51
CA VAL A 149 30.05 -12.11 -1.55
C VAL A 149 31.24 -12.93 -1.12
N LEU A 150 31.10 -14.26 -1.13
CA LEU A 150 32.22 -15.15 -0.72
C LEU A 150 32.89 -15.69 -1.94
N VAL A 151 34.20 -15.88 -1.89
CA VAL A 151 34.93 -16.46 -3.01
C VAL A 151 35.63 -17.71 -2.55
N PHE A 152 35.45 -18.78 -3.30
CA PHE A 152 36.04 -20.09 -2.98
C PHE A 152 36.83 -20.64 -4.15
N ASP A 153 37.99 -21.20 -3.85
CA ASP A 153 38.76 -21.99 -4.82
C ASP A 153 38.47 -23.41 -4.39
N TYR A 154 37.71 -24.16 -5.18
CA TYR A 154 37.36 -25.53 -4.76
C TYR A 154 38.52 -26.56 -4.79
N THR A 155 39.63 -26.22 -5.43
CA THR A 155 40.83 -27.07 -5.33
C THR A 155 41.52 -26.95 -3.96
N LYS A 156 41.30 -25.83 -3.25
CA LYS A 156 41.88 -25.57 -1.93
C LYS A 156 41.02 -26.04 -0.74
N HIS A 157 40.04 -26.93 -0.98
CA HIS A 157 39.24 -27.49 0.11
C HIS A 157 39.19 -29.01 -0.07
N PRO A 158 38.90 -29.75 1.01
CA PRO A 158 38.62 -31.18 0.83
C PRO A 158 37.27 -31.38 0.12
N SER A 159 37.14 -32.45 -0.66
CA SER A 159 35.93 -32.66 -1.47
C SER A 159 34.70 -33.03 -0.63
N LYS A 160 34.91 -33.78 0.46
CA LYS A 160 33.85 -34.01 1.45
C LYS A 160 34.28 -33.34 2.77
N PRO A 161 33.51 -32.32 3.22
CA PRO A 161 33.81 -31.67 4.48
C PRO A 161 33.41 -32.54 5.68
N ASP A 162 33.98 -32.24 6.85
CA ASP A 162 33.43 -32.75 8.11
C ASP A 162 32.10 -32.05 8.40
N PRO A 163 31.26 -32.64 9.29
CA PRO A 163 30.03 -31.94 9.70
C PRO A 163 30.31 -30.55 10.28
N SER A 164 29.30 -29.69 10.25
CA SER A 164 29.44 -28.29 10.68
C SER A 164 28.62 -27.94 11.92
N GLY A 165 29.10 -26.94 12.65
CA GLY A 165 28.45 -26.47 13.85
C GLY A 165 27.48 -25.37 13.46
N GLU A 166 26.19 -25.67 13.57
CA GLU A 166 25.14 -24.78 13.08
C GLU A 166 24.81 -23.70 14.11
N CYS A 167 24.51 -22.50 13.61
CA CYS A 167 24.06 -21.40 14.46
C CYS A 167 22.55 -21.57 14.68
N ASN A 168 22.15 -21.70 15.95
CA ASN A 168 20.74 -21.88 16.32
C ASN A 168 20.18 -20.66 17.02
N PRO A 169 20.00 -19.56 16.27
CA PRO A 169 19.41 -18.40 16.90
C PRO A 169 17.97 -18.66 17.23
N ASP A 170 17.57 -18.33 18.45
CA ASP A 170 16.19 -18.50 18.90
C ASP A 170 15.25 -17.50 18.23
N LEU A 171 15.78 -16.38 17.74
CA LEU A 171 15.11 -15.58 16.70
C LEU A 171 16.18 -14.98 15.81
N ARG A 172 15.83 -14.67 14.55
CA ARG A 172 16.70 -13.85 13.70
C ARG A 172 15.90 -12.62 13.27
N LEU A 173 16.31 -11.46 13.80
CA LEU A 173 15.67 -10.19 13.46
C LEU A 173 16.32 -9.63 12.20
N ARG A 174 15.56 -9.57 11.12
CA ARG A 174 16.13 -9.17 9.83
C ARG A 174 16.17 -7.64 9.74
N GLY A 175 17.28 -7.14 9.21
CA GLY A 175 17.60 -5.73 9.31
C GLY A 175 18.09 -5.13 8.02
N HIS A 176 17.61 -5.65 6.88
CA HIS A 176 17.97 -5.05 5.59
C HIS A 176 16.94 -5.41 4.56
N GLN A 177 16.68 -4.44 3.69
CA GLN A 177 15.88 -4.69 2.52
C GLN A 177 16.45 -5.91 1.80
N LYS A 178 15.71 -6.43 0.83
CA LYS A 178 16.16 -7.56 0.03
C LYS A 178 17.56 -7.33 -0.57
N GLU A 179 18.25 -8.44 -0.80
CA GLU A 179 19.42 -8.49 -1.66
C GLU A 179 19.01 -9.19 -2.97
N GLY A 180 19.25 -8.54 -4.11
CA GLY A 180 19.05 -9.18 -5.41
C GLY A 180 20.19 -10.15 -5.62
N TYR A 181 20.01 -11.12 -6.53
CA TYR A 181 20.99 -12.18 -6.70
C TYR A 181 22.08 -11.85 -7.71
N GLY A 182 21.97 -10.72 -8.38
CA GLY A 182 22.96 -10.27 -9.35
C GLY A 182 24.39 -10.48 -8.95
N LEU A 183 25.11 -11.17 -9.81
CA LEU A 183 26.50 -11.51 -9.60
C LEU A 183 27.16 -11.84 -10.94
N SER A 184 28.06 -10.99 -11.41
CA SER A 184 28.69 -11.19 -12.70
C SER A 184 30.19 -10.90 -12.63
N TRP A 185 31.01 -11.84 -13.11
CA TRP A 185 32.45 -11.65 -13.31
C TRP A 185 32.70 -10.99 -14.65
N ASN A 186 33.65 -10.09 -14.73
CA ASN A 186 34.02 -9.52 -16.02
C ASN A 186 34.82 -10.56 -16.77
N PRO A 187 34.35 -10.97 -17.95
CA PRO A 187 35.11 -11.95 -18.76
C PRO A 187 36.28 -11.37 -19.56
N ASN A 188 36.50 -10.06 -19.48
CA ASN A 188 37.62 -9.38 -20.14
C ASN A 188 38.64 -8.76 -19.17
N LEU A 189 38.25 -8.48 -17.92
CA LEU A 189 39.14 -8.05 -16.86
C LEU A 189 39.13 -9.09 -15.73
N SER A 190 40.21 -9.84 -15.63
CA SER A 190 40.33 -10.88 -14.64
C SER A 190 40.14 -10.35 -13.21
N GLY A 191 39.19 -10.93 -12.49
CA GLY A 191 38.97 -10.60 -11.08
C GLY A 191 38.06 -9.41 -10.80
N HIS A 192 37.52 -8.77 -11.85
CA HIS A 192 36.54 -7.69 -11.64
C HIS A 192 35.13 -8.29 -11.51
N LEU A 193 34.49 -8.03 -10.38
CA LEU A 193 33.23 -8.69 -10.01
C LEU A 193 32.17 -7.68 -9.62
N LEU A 194 31.02 -7.74 -10.30
CA LEU A 194 29.86 -6.92 -9.94
C LEU A 194 28.87 -7.69 -9.07
N SER A 195 28.22 -6.99 -8.15
CA SER A 195 27.12 -7.58 -7.42
C SER A 195 26.05 -6.57 -7.11
N ALA A 196 24.83 -7.05 -6.95
CA ALA A 196 23.71 -6.21 -6.52
C ALA A 196 23.67 -6.13 -4.99
N SER A 197 24.02 -4.98 -4.43
CA SER A 197 23.98 -4.80 -2.97
C SER A 197 22.53 -4.65 -2.44
N ASP A 198 22.42 -4.52 -1.12
CA ASP A 198 21.13 -4.51 -0.37
C ASP A 198 20.52 -3.13 -0.11
N ASP A 199 21.15 -2.09 -0.67
CA ASP A 199 20.75 -0.69 -0.45
C ASP A 199 20.51 0.10 -1.75
N HIS A 200 20.04 -0.58 -2.79
CA HIS A 200 19.77 0.02 -4.11
C HIS A 200 21.01 0.33 -4.96
N THR A 201 22.19 -0.05 -4.49
CA THR A 201 23.44 0.19 -5.24
C THR A 201 24.06 -1.09 -5.81
N ILE A 202 25.16 -0.93 -6.53
CA ILE A 202 25.91 -2.01 -7.16
C ILE A 202 27.38 -1.93 -6.72
N CYS A 203 27.92 -3.00 -6.17
CA CYS A 203 29.33 -3.04 -5.80
C CYS A 203 30.18 -3.56 -6.94
N LEU A 204 31.40 -3.05 -7.04
CA LEU A 204 32.42 -3.58 -7.93
C LEU A 204 33.65 -3.89 -7.07
N TRP A 205 34.13 -5.14 -7.13
CA TRP A 205 35.40 -5.52 -6.50
C TRP A 205 36.41 -5.88 -7.56
N ASP A 206 37.68 -5.69 -7.23
CA ASP A 206 38.80 -6.16 -8.06
C ASP A 206 39.64 -7.07 -7.18
N ILE A 207 39.58 -8.39 -7.43
CA ILE A 207 40.31 -9.35 -6.59
C ILE A 207 41.66 -9.77 -7.18
N SER A 208 41.98 -9.30 -8.40
CA SER A 208 43.33 -9.49 -8.95
C SER A 208 44.30 -8.72 -8.06
N ALA A 209 45.43 -9.36 -7.74
CA ALA A 209 46.45 -8.75 -6.87
C ALA A 209 45.85 -8.19 -5.56
N VAL A 210 45.00 -8.97 -4.90
CA VAL A 210 44.66 -8.73 -3.50
C VAL A 210 45.89 -9.19 -2.71
N PRO A 211 46.23 -8.49 -1.60
CA PRO A 211 47.33 -8.92 -0.71
C PRO A 211 47.27 -10.37 -0.21
N LYS A 212 48.40 -10.83 0.31
CA LYS A 212 48.58 -12.21 0.79
C LYS A 212 47.89 -12.37 2.16
N GLU A 213 48.15 -11.42 3.04
CA GLU A 213 47.59 -11.40 4.39
C GLU A 213 46.09 -11.07 4.42
N GLY A 214 45.68 -10.09 3.60
CA GLY A 214 44.28 -9.61 3.57
C GLY A 214 43.33 -10.64 2.97
N LYS A 215 42.42 -11.14 3.82
CA LYS A 215 41.36 -12.07 3.43
C LYS A 215 40.04 -11.35 3.11
N VAL A 216 39.80 -10.18 3.70
CA VAL A 216 38.65 -9.33 3.37
C VAL A 216 39.01 -8.28 2.32
N VAL A 217 38.10 -7.97 1.41
CA VAL A 217 38.34 -6.98 0.34
C VAL A 217 37.17 -6.01 0.20
N ASP A 218 37.43 -4.71 0.28
CA ASP A 218 36.40 -3.68 0.15
C ASP A 218 36.20 -3.35 -1.32
N ALA A 219 35.06 -2.71 -1.57
CA ALA A 219 34.66 -2.42 -2.93
C ALA A 219 35.56 -1.34 -3.54
N LYS A 220 35.96 -1.54 -4.79
CA LYS A 220 36.61 -0.52 -5.56
C LYS A 220 35.64 0.62 -5.90
N THR A 221 34.37 0.30 -6.19
CA THR A 221 33.39 1.32 -6.61
C THR A 221 31.99 0.94 -6.13
N ILE A 222 31.15 1.95 -5.90
CA ILE A 222 29.75 1.74 -5.60
C ILE A 222 29.03 2.57 -6.63
N PHE A 223 28.11 1.97 -7.38
CA PHE A 223 27.27 2.71 -8.34
C PHE A 223 25.87 2.93 -7.72
N THR A 224 25.46 4.19 -7.60
CA THR A 224 24.12 4.53 -7.08
C THR A 224 23.39 5.06 -8.28
N GLY A 225 22.07 4.91 -8.33
CA GLY A 225 21.30 5.27 -9.55
C GLY A 225 19.87 4.74 -9.44
N HIS A 226 19.76 3.44 -9.21
CA HIS A 226 18.46 2.83 -8.97
C HIS A 226 17.91 3.40 -7.66
N THR A 227 16.59 3.49 -7.58
CA THR A 227 15.88 3.92 -6.39
C THR A 227 15.17 2.77 -5.65
N ALA A 228 15.48 1.52 -6.01
CA ALA A 228 14.86 0.34 -5.37
C ALA A 228 15.80 -0.85 -5.50
N VAL A 229 15.45 -1.93 -4.81
CA VAL A 229 16.25 -3.18 -4.84
C VAL A 229 16.79 -3.48 -6.24
N VAL A 230 18.10 -3.48 -6.39
CA VAL A 230 18.74 -3.91 -7.62
C VAL A 230 18.65 -5.43 -7.69
N GLU A 231 18.10 -5.93 -8.80
CA GLU A 231 17.85 -7.37 -8.94
C GLU A 231 19.00 -8.13 -9.60
N ASP A 232 19.51 -7.61 -10.71
CA ASP A 232 20.52 -8.30 -11.49
C ASP A 232 21.47 -7.34 -12.08
N VAL A 233 22.70 -7.79 -12.30
CA VAL A 233 23.75 -7.07 -13.02
C VAL A 233 24.45 -8.04 -13.95
N SER A 234 24.95 -7.53 -15.06
CA SER A 234 25.74 -8.33 -15.95
C SER A 234 26.75 -7.46 -16.70
N TRP A 235 28.01 -7.90 -16.77
CA TRP A 235 28.98 -7.28 -17.66
C TRP A 235 28.55 -7.51 -19.09
N HIS A 236 28.90 -6.57 -19.96
CA HIS A 236 28.86 -6.77 -21.42
C HIS A 236 29.93 -7.83 -21.73
N LEU A 237 29.73 -8.58 -22.78
CA LEU A 237 30.62 -9.71 -23.09
C LEU A 237 31.87 -9.32 -23.89
N LEU A 238 31.80 -8.18 -24.58
CA LEU A 238 32.87 -7.66 -25.46
C LEU A 238 33.54 -6.36 -24.92
N HIS A 239 32.72 -5.34 -24.65
CA HIS A 239 33.20 -4.08 -24.09
C HIS A 239 33.49 -4.18 -22.62
N GLU A 240 34.77 -4.20 -22.28
CA GLU A 240 35.23 -4.45 -20.91
C GLU A 240 34.80 -3.47 -19.85
N SER A 241 34.42 -2.26 -20.25
CA SER A 241 34.00 -1.24 -19.28
C SER A 241 32.47 -1.05 -19.19
N LEU A 242 31.71 -1.80 -19.99
CA LEU A 242 30.23 -1.72 -19.95
C LEU A 242 29.60 -2.80 -19.09
N PHE A 243 28.59 -2.42 -18.31
CA PHE A 243 27.70 -3.38 -17.68
C PHE A 243 26.29 -2.85 -17.63
N GLY A 244 25.35 -3.77 -17.46
CA GLY A 244 23.91 -3.45 -17.38
C GLY A 244 23.43 -3.83 -16.00
N SER A 245 22.34 -3.21 -15.57
CA SER A 245 21.69 -3.55 -14.32
C SER A 245 20.18 -3.36 -14.46
N VAL A 246 19.43 -4.07 -13.63
CA VAL A 246 17.98 -3.98 -13.61
C VAL A 246 17.51 -4.02 -12.15
N ALA A 247 16.38 -3.39 -11.88
CA ALA A 247 15.91 -3.23 -10.51
C ALA A 247 14.42 -3.08 -10.38
N ASP A 248 13.96 -3.07 -9.12
CA ASP A 248 12.53 -2.98 -8.79
C ASP A 248 11.91 -1.61 -9.10
N ASP A 249 12.76 -0.65 -9.39
CA ASP A 249 12.34 0.64 -9.94
C ASP A 249 11.91 0.64 -11.43
N GLN A 250 11.77 -0.55 -12.02
CA GLN A 250 11.31 -0.72 -13.40
C GLN A 250 12.32 -0.29 -14.48
N LYS A 251 13.56 -0.12 -14.08
CA LYS A 251 14.58 0.42 -14.96
C LYS A 251 15.63 -0.60 -15.40
N LEU A 252 16.06 -0.45 -16.65
CA LEU A 252 17.30 -1.00 -17.15
C LEU A 252 18.31 0.17 -17.18
N MET A 253 19.51 -0.07 -16.68
CA MET A 253 20.56 0.93 -16.67
C MET A 253 21.88 0.43 -17.22
N ILE A 254 22.44 1.14 -18.19
CA ILE A 254 23.75 0.79 -18.80
C ILE A 254 24.82 1.70 -18.17
N TRP A 255 25.86 1.10 -17.62
CA TRP A 255 26.90 1.83 -16.89
C TRP A 255 28.17 1.69 -17.64
N ASP A 256 29.06 2.67 -17.47
CA ASP A 256 30.43 2.66 -18.00
C ASP A 256 31.40 2.94 -16.86
N THR A 257 32.31 1.99 -16.61
CA THR A 257 33.24 2.12 -15.48
C THR A 257 34.21 3.28 -15.62
N ARG A 258 34.51 3.64 -16.87
CA ARG A 258 35.33 4.84 -17.18
C ARG A 258 34.70 6.18 -16.77
N SER A 259 33.38 6.29 -16.75
CA SER A 259 32.72 7.51 -16.32
C SER A 259 33.15 7.88 -14.89
N ASN A 260 33.28 9.18 -14.64
CA ASN A 260 33.67 9.68 -13.32
C ASN A 260 32.46 9.77 -12.39
N ASN A 261 31.28 9.92 -12.97
CA ASN A 261 30.05 10.04 -12.21
C ASN A 261 29.44 8.64 -11.98
N THR A 262 29.58 8.17 -10.75
CA THR A 262 29.04 6.87 -10.32
C THR A 262 27.67 6.99 -9.65
N SER A 263 27.06 8.17 -9.69
CA SER A 263 25.69 8.36 -9.22
C SER A 263 24.67 8.43 -10.37
N LYS A 264 25.13 8.28 -11.61
CA LYS A 264 24.27 8.36 -12.75
C LYS A 264 24.84 7.50 -13.87
N PRO A 265 24.02 6.60 -14.44
CA PRO A 265 24.48 5.72 -15.53
C PRO A 265 24.50 6.41 -16.91
N SER A 266 25.16 5.78 -17.86
CA SER A 266 25.21 6.24 -19.22
C SER A 266 23.87 6.28 -19.91
N HIS A 267 23.02 5.29 -19.63
CA HIS A 267 21.67 5.19 -20.23
C HIS A 267 20.72 4.60 -19.20
N SER A 268 19.46 5.01 -19.31
CA SER A 268 18.42 4.66 -18.34
C SER A 268 17.13 4.47 -19.15
N VAL A 269 16.53 3.28 -19.04
CA VAL A 269 15.34 2.94 -19.78
C VAL A 269 14.23 2.52 -18.80
N ASP A 270 13.00 3.00 -19.04
CA ASP A 270 11.83 2.43 -18.40
C ASP A 270 11.53 1.14 -19.11
N ALA A 271 12.14 0.06 -18.62
CA ALA A 271 12.10 -1.22 -19.33
C ALA A 271 10.75 -1.93 -19.31
N HIS A 272 10.06 -1.85 -18.17
CA HIS A 272 8.83 -2.61 -17.92
C HIS A 272 7.87 -1.86 -16.97
N THR A 273 6.66 -2.42 -16.86
CA THR A 273 5.63 -1.89 -15.99
C THR A 273 5.61 -2.52 -14.59
N ALA A 274 6.59 -3.37 -14.29
CA ALA A 274 6.80 -3.92 -12.95
C ALA A 274 8.28 -4.19 -12.73
N GLU A 275 8.62 -4.78 -11.59
CA GLU A 275 10.01 -5.10 -11.21
C GLU A 275 10.73 -5.78 -12.35
N VAL A 276 11.97 -5.42 -12.58
CA VAL A 276 12.80 -6.08 -13.57
C VAL A 276 13.78 -6.98 -12.82
N ASN A 277 13.69 -8.28 -13.05
CA ASN A 277 14.43 -9.23 -12.25
C ASN A 277 15.71 -9.72 -12.89
N CYS A 278 15.89 -9.57 -14.19
CA CYS A 278 17.05 -10.15 -14.85
C CYS A 278 17.36 -9.53 -16.22
N LEU A 279 18.61 -9.72 -16.64
CA LEU A 279 19.04 -9.34 -17.99
C LEU A 279 20.12 -10.28 -18.49
N SER A 280 20.27 -10.34 -19.81
CA SER A 280 21.25 -11.18 -20.46
C SER A 280 21.59 -10.60 -21.83
N PHE A 281 22.90 -10.41 -22.05
CA PHE A 281 23.43 -9.93 -23.33
C PHE A 281 23.55 -11.09 -24.31
N ASN A 282 23.22 -10.83 -25.56
CA ASN A 282 23.32 -11.83 -26.63
C ASN A 282 24.77 -12.05 -26.99
N PRO A 283 25.27 -13.31 -26.91
CA PRO A 283 26.70 -13.57 -27.11
C PRO A 283 27.22 -13.49 -28.56
N TYR A 284 26.34 -13.24 -29.53
CA TYR A 284 26.75 -13.06 -30.91
C TYR A 284 26.53 -11.64 -31.43
N SER A 285 26.16 -10.70 -30.56
CA SER A 285 25.85 -9.34 -30.98
C SER A 285 26.07 -8.41 -29.82
N GLU A 286 27.05 -7.54 -29.99
CA GLU A 286 27.39 -6.52 -29.02
C GLU A 286 26.24 -5.56 -28.68
N PHE A 287 25.27 -5.43 -29.57
CA PHE A 287 24.14 -4.52 -29.37
C PHE A 287 22.89 -5.10 -28.73
N ILE A 288 22.66 -6.42 -28.81
CA ILE A 288 21.40 -7.00 -28.34
C ILE A 288 21.43 -7.55 -26.89
N LEU A 289 20.37 -7.27 -26.16
CA LEU A 289 20.20 -7.88 -24.84
C LEU A 289 18.73 -8.15 -24.57
N ALA A 290 18.46 -8.92 -23.53
CA ALA A 290 17.09 -9.20 -23.14
C ALA A 290 16.94 -8.97 -21.65
N THR A 291 15.74 -8.53 -21.25
CA THR A 291 15.40 -8.36 -19.85
C THR A 291 14.16 -9.14 -19.53
N GLY A 292 14.04 -9.51 -18.27
CA GLY A 292 12.86 -10.23 -17.78
C GLY A 292 12.26 -9.61 -16.54
N SER A 293 10.94 -9.62 -16.48
CA SER A 293 10.21 -8.84 -15.49
C SER A 293 9.04 -9.54 -14.77
N ALA A 294 8.73 -9.01 -13.59
CA ALA A 294 7.51 -9.31 -12.88
C ALA A 294 6.21 -8.98 -13.67
N ASP A 295 6.33 -8.23 -14.74
CA ASP A 295 5.19 -7.94 -15.57
C ASP A 295 4.83 -9.09 -16.51
N LYS A 296 5.60 -10.16 -16.46
CA LYS A 296 5.37 -11.43 -17.17
C LYS A 296 5.90 -11.47 -18.60
N THR A 297 6.79 -10.55 -18.95
CA THR A 297 7.31 -10.43 -20.29
C THR A 297 8.82 -10.47 -20.30
N VAL A 298 9.36 -10.86 -21.45
CA VAL A 298 10.77 -10.67 -21.75
C VAL A 298 10.85 -9.61 -22.82
N ALA A 299 11.76 -8.67 -22.66
CA ALA A 299 11.92 -7.60 -23.60
C ALA A 299 13.25 -7.72 -24.31
N LEU A 300 13.26 -7.28 -25.56
CA LEU A 300 14.41 -7.32 -26.42
C LEU A 300 14.86 -5.90 -26.69
N TRP A 301 16.12 -5.60 -26.39
CA TRP A 301 16.67 -4.25 -26.49
C TRP A 301 17.88 -4.22 -27.40
N ASP A 302 18.06 -3.08 -28.08
CA ASP A 302 19.25 -2.76 -28.90
C ASP A 302 19.92 -1.58 -28.26
N LEU A 303 21.18 -1.70 -27.89
CA LEU A 303 21.92 -0.58 -27.26
C LEU A 303 22.09 0.70 -28.11
N ARG A 304 21.99 0.56 -29.42
CA ARG A 304 22.04 1.72 -30.32
C ARG A 304 20.74 2.55 -30.32
N ASN A 305 19.65 2.03 -29.78
CA ASN A 305 18.40 2.79 -29.66
C ASN A 305 17.54 2.20 -28.52
N LEU A 306 17.89 2.56 -27.28
CA LEU A 306 17.18 2.08 -26.08
C LEU A 306 15.87 2.78 -25.75
N LYS A 307 15.53 3.87 -26.45
CA LYS A 307 14.19 4.47 -26.31
C LYS A 307 13.14 3.62 -27.03
N LEU A 308 13.58 2.72 -27.91
CA LEU A 308 12.69 1.75 -28.57
C LEU A 308 12.93 0.25 -28.15
N LYS A 309 11.91 -0.36 -27.54
CA LYS A 309 11.90 -1.78 -27.24
C LYS A 309 11.66 -2.61 -28.52
N LEU A 310 12.60 -3.46 -28.91
CA LEU A 310 12.46 -4.20 -30.18
C LEU A 310 11.32 -5.20 -30.23
N HIS A 311 11.10 -5.92 -29.12
CA HIS A 311 10.11 -6.98 -29.06
C HIS A 311 9.76 -7.30 -27.64
N SER A 312 8.57 -7.86 -27.47
CA SER A 312 8.11 -8.34 -26.18
C SER A 312 7.62 -9.78 -26.29
N PHE A 313 8.27 -10.68 -25.57
CA PHE A 313 7.85 -12.07 -25.51
C PHE A 313 6.84 -12.23 -24.41
N GLU A 314 5.57 -12.28 -24.78
CA GLU A 314 4.49 -12.60 -23.86
C GLU A 314 4.06 -14.04 -24.14
N SER A 315 4.13 -14.85 -23.10
CA SER A 315 3.36 -16.10 -23.05
C SER A 315 3.31 -16.66 -21.64
N HIS A 316 4.40 -16.46 -20.90
CA HIS A 316 4.44 -16.79 -19.49
C HIS A 316 3.16 -16.39 -18.72
N LYS A 317 2.84 -17.28 -17.78
CA LYS A 317 1.70 -17.15 -16.92
C LYS A 317 2.07 -16.40 -15.64
N ASP A 318 3.36 -16.21 -15.41
CA ASP A 318 3.81 -15.58 -14.19
C ASP A 318 5.12 -14.79 -14.38
N GLU A 319 5.75 -14.39 -13.28
CA GLU A 319 6.91 -13.52 -13.29
C GLU A 319 8.11 -14.21 -13.89
N ILE A 320 8.90 -13.48 -14.66
CA ILE A 320 10.18 -13.95 -15.17
C ILE A 320 11.29 -13.61 -14.18
N PHE A 321 12.11 -14.59 -13.87
CA PHE A 321 13.24 -14.38 -12.98
C PHE A 321 14.58 -14.65 -13.62
N GLN A 322 14.61 -15.48 -14.65
CA GLN A 322 15.84 -15.78 -15.35
C GLN A 322 15.56 -15.74 -16.85
N VAL A 323 16.53 -15.25 -17.59
CA VAL A 323 16.53 -15.31 -19.05
C VAL A 323 17.97 -15.49 -19.54
N GLN A 324 18.18 -16.40 -20.49
CA GLN A 324 19.53 -16.80 -20.95
C GLN A 324 19.53 -17.10 -22.41
N TRP A 325 20.52 -16.57 -23.12
CA TRP A 325 20.66 -16.79 -24.55
C TRP A 325 21.36 -18.10 -24.77
N SER A 326 20.99 -18.79 -25.84
CA SER A 326 21.71 -19.99 -26.25
C SER A 326 23.16 -19.62 -26.59
N PRO A 327 24.12 -20.40 -26.05
CA PRO A 327 25.52 -20.21 -26.42
C PRO A 327 25.88 -20.71 -27.80
N HIS A 328 25.01 -21.46 -28.43
CA HIS A 328 25.25 -21.99 -29.77
C HIS A 328 24.41 -21.36 -30.89
N ASN A 329 23.26 -20.74 -30.57
CA ASN A 329 22.33 -20.21 -31.59
C ASN A 329 21.89 -18.79 -31.35
N GLU A 330 22.35 -17.88 -32.22
CA GLU A 330 22.20 -16.43 -32.03
C GLU A 330 20.75 -15.96 -31.86
N THR A 331 19.81 -16.71 -32.41
CA THR A 331 18.41 -16.37 -32.33
C THR A 331 17.59 -17.12 -31.26
N ILE A 332 18.25 -17.84 -30.34
CA ILE A 332 17.55 -18.66 -29.37
C ILE A 332 17.72 -18.08 -27.98
N LEU A 333 16.63 -18.00 -27.22
CA LEU A 333 16.74 -17.76 -25.79
C LEU A 333 15.66 -18.47 -24.98
N ALA A 334 15.94 -18.64 -23.68
CA ALA A 334 15.03 -19.27 -22.75
C ALA A 334 14.79 -18.39 -21.54
N SER A 335 13.61 -18.59 -20.96
CA SER A 335 13.15 -17.81 -19.83
C SER A 335 12.45 -18.73 -18.85
N SER A 336 12.47 -18.33 -17.60
CA SER A 336 11.88 -19.08 -16.52
C SER A 336 11.48 -18.15 -15.37
N GLY A 337 10.80 -18.69 -14.38
CA GLY A 337 10.44 -17.91 -13.22
C GLY A 337 9.48 -18.60 -12.31
N THR A 338 8.42 -17.91 -11.93
CA THR A 338 7.54 -18.32 -10.81
C THR A 338 6.69 -19.50 -11.20
N ASP A 339 6.18 -19.48 -12.41
CA ASP A 339 5.50 -20.61 -12.96
C ASP A 339 6.45 -21.83 -13.08
N ARG A 340 5.89 -23.04 -13.15
CA ARG A 340 6.72 -24.24 -13.24
C ARG A 340 7.29 -24.55 -14.63
N ARG A 341 7.00 -23.72 -15.61
CA ARG A 341 7.44 -23.95 -16.97
C ARG A 341 8.58 -23.07 -17.38
N LEU A 342 9.40 -23.60 -18.27
CA LEU A 342 10.53 -22.91 -18.87
C LEU A 342 10.30 -22.82 -20.37
N ASN A 343 10.33 -21.61 -20.90
CA ASN A 343 10.02 -21.38 -22.31
C ASN A 343 11.25 -21.13 -23.11
N VAL A 344 11.24 -21.63 -24.34
CA VAL A 344 12.33 -21.46 -25.27
C VAL A 344 11.79 -20.70 -26.48
N TRP A 345 12.46 -19.60 -26.80
CA TRP A 345 12.05 -18.70 -27.86
C TRP A 345 13.02 -18.73 -29.02
N ASP A 346 12.46 -18.70 -30.22
CA ASP A 346 13.24 -18.63 -31.48
C ASP A 346 12.90 -17.33 -32.22
N LEU A 347 13.81 -16.37 -32.15
CA LEU A 347 13.64 -15.03 -32.77
C LEU A 347 13.38 -15.08 -34.26
N SER A 348 13.95 -16.08 -34.93
CA SER A 348 13.82 -16.24 -36.36
C SER A 348 12.42 -16.56 -36.82
N LYS A 349 11.58 -17.06 -35.93
CA LYS A 349 10.18 -17.33 -36.25
C LYS A 349 9.26 -16.14 -35.99
N ILE A 350 9.79 -15.03 -35.47
CA ILE A 350 8.96 -13.83 -35.27
C ILE A 350 8.41 -13.37 -36.65
N GLY A 351 7.08 -13.17 -36.71
CA GLY A 351 6.42 -12.74 -37.93
C GLY A 351 5.82 -13.86 -38.78
N GLU A 352 6.23 -15.11 -38.53
CA GLU A 352 5.77 -16.26 -39.32
C GLU A 352 4.27 -16.45 -39.29
N GLU A 353 3.73 -16.95 -40.39
CA GLU A 353 2.31 -17.28 -40.49
C GLU A 353 2.03 -18.49 -39.61
N GLN A 354 0.83 -18.54 -39.05
CA GLN A 354 0.35 -19.68 -38.30
C GLN A 354 -1.08 -19.93 -38.67
N SER A 355 -1.52 -21.18 -38.57
CA SER A 355 -2.94 -21.52 -38.60
C SER A 355 -3.62 -20.90 -37.37
N PRO A 356 -4.94 -20.64 -37.47
CA PRO A 356 -5.60 -20.05 -36.29
C PRO A 356 -5.51 -20.92 -35.02
N GLU A 357 -5.47 -22.24 -35.23
CA GLU A 357 -5.34 -23.23 -34.16
C GLU A 357 -3.99 -23.09 -33.43
N ASP A 358 -2.92 -23.05 -34.19
CA ASP A 358 -1.57 -22.83 -33.65
C ASP A 358 -1.41 -21.46 -32.98
N ALA A 359 -2.17 -20.47 -33.46
CA ALA A 359 -2.18 -19.13 -32.85
C ALA A 359 -2.66 -19.17 -31.39
N GLU A 360 -3.60 -20.07 -31.10
CA GLU A 360 -4.12 -20.27 -29.73
C GLU A 360 -3.07 -20.84 -28.78
N ASP A 361 -2.20 -21.70 -29.30
CA ASP A 361 -1.09 -22.28 -28.54
C ASP A 361 -0.06 -21.24 -28.15
N GLY A 362 -0.02 -20.12 -28.85
CA GLY A 362 0.93 -19.04 -28.62
C GLY A 362 1.57 -18.62 -29.92
N PRO A 363 2.34 -17.53 -29.89
CA PRO A 363 2.98 -17.03 -31.11
C PRO A 363 4.01 -18.03 -31.63
N PRO A 364 4.35 -17.92 -32.91
CA PRO A 364 5.29 -18.87 -33.48
C PRO A 364 6.69 -18.86 -32.86
N GLU A 365 7.11 -17.72 -32.35
CA GLU A 365 8.43 -17.60 -31.70
C GLU A 365 8.58 -18.36 -30.38
N LEU A 366 7.47 -18.84 -29.81
CA LEU A 366 7.54 -19.80 -28.72
C LEU A 366 7.81 -21.18 -29.29
N LEU A 367 9.06 -21.62 -29.21
CA LEU A 367 9.50 -22.86 -29.82
C LEU A 367 9.14 -24.07 -28.95
N PHE A 368 9.28 -23.95 -27.64
CA PHE A 368 9.16 -25.10 -26.78
C PHE A 368 8.83 -24.72 -25.35
N ILE A 369 7.86 -25.42 -24.77
CA ILE A 369 7.52 -25.25 -23.35
C ILE A 369 7.95 -26.51 -22.61
N HIS A 370 8.88 -26.36 -21.70
CA HIS A 370 9.36 -27.45 -20.86
C HIS A 370 8.48 -27.59 -19.63
N GLY A 371 7.75 -28.70 -19.56
CA GLY A 371 6.79 -28.97 -18.45
C GLY A 371 7.21 -29.92 -17.33
N GLY A 372 8.49 -30.31 -17.31
CA GLY A 372 9.02 -31.26 -16.35
C GLY A 372 9.02 -30.91 -14.87
N HIS A 373 9.04 -29.64 -14.55
CA HIS A 373 9.11 -29.24 -13.16
C HIS A 373 7.73 -29.05 -12.60
N THR A 374 7.58 -29.32 -11.32
CA THR A 374 6.29 -29.25 -10.64
C THR A 374 6.27 -28.11 -9.61
N ALA A 375 7.24 -27.22 -9.70
CA ALA A 375 7.39 -26.11 -8.78
C ALA A 375 8.24 -25.05 -9.42
N LYS A 376 8.28 -23.85 -8.82
CA LYS A 376 9.02 -22.70 -9.30
C LYS A 376 10.45 -23.05 -9.72
N ILE A 377 10.83 -22.58 -10.91
CA ILE A 377 12.18 -22.80 -11.42
C ILE A 377 13.06 -21.67 -10.95
N SER A 378 14.13 -22.03 -10.24
CA SER A 378 14.97 -21.07 -9.54
C SER A 378 16.08 -20.53 -10.45
N ASP A 379 16.68 -21.41 -11.21
CA ASP A 379 17.71 -21.03 -12.16
C ASP A 379 17.78 -22.12 -13.24
N PHE A 380 18.47 -21.79 -14.32
CA PHE A 380 18.83 -22.75 -15.36
C PHE A 380 20.05 -22.30 -16.16
N SER A 381 20.69 -23.23 -16.84
CA SER A 381 21.90 -23.00 -17.54
C SER A 381 21.95 -23.82 -18.80
N TRP A 382 22.24 -23.19 -19.93
CA TRP A 382 22.49 -23.88 -21.20
C TRP A 382 23.86 -24.51 -21.10
N ASN A 383 23.98 -25.77 -21.50
CA ASN A 383 25.27 -26.44 -21.50
C ASN A 383 26.11 -25.80 -22.61
N PRO A 384 27.31 -25.30 -22.27
CA PRO A 384 28.15 -24.65 -23.25
C PRO A 384 28.82 -25.59 -24.25
N ASN A 385 28.78 -26.90 -24.00
CA ASN A 385 29.49 -27.89 -24.82
C ASN A 385 28.61 -28.83 -25.67
N GLU A 386 27.40 -29.20 -25.22
CA GLU A 386 26.47 -29.97 -26.06
C GLU A 386 25.22 -29.14 -26.35
N PRO A 387 25.05 -28.71 -27.62
CA PRO A 387 23.91 -27.90 -28.01
C PRO A 387 22.57 -28.45 -27.56
N TRP A 388 21.66 -27.52 -27.21
CA TRP A 388 20.29 -27.79 -26.78
C TRP A 388 20.09 -28.50 -25.43
N VAL A 389 21.18 -28.77 -24.74
CA VAL A 389 21.12 -29.30 -23.41
C VAL A 389 21.00 -28.17 -22.40
N ILE A 390 20.01 -28.29 -21.55
CA ILE A 390 19.74 -27.36 -20.46
C ILE A 390 19.73 -28.12 -19.14
N CYS A 391 20.21 -27.49 -18.08
CA CYS A 391 19.96 -27.95 -16.73
C CYS A 391 19.10 -26.91 -16.03
N SER A 392 18.01 -27.34 -15.42
CA SER A 392 17.13 -26.49 -14.67
C SER A 392 16.90 -27.06 -13.28
N VAL A 393 16.78 -26.19 -12.29
CA VAL A 393 16.59 -26.60 -10.90
C VAL A 393 15.37 -25.90 -10.33
N SER A 394 14.63 -26.59 -9.47
CA SER A 394 13.38 -26.05 -8.93
C SER A 394 13.31 -26.18 -7.42
N GLU A 395 12.33 -25.48 -6.86
CA GLU A 395 12.06 -25.43 -5.41
C GLU A 395 11.64 -26.77 -4.81
N ASP A 396 11.12 -27.69 -5.63
CA ASP A 396 10.82 -29.06 -5.21
C ASP A 396 12.03 -29.98 -4.94
N ASN A 397 13.27 -29.47 -5.07
CA ASN A 397 14.54 -30.26 -4.97
C ASN A 397 15.02 -30.91 -6.27
N ILE A 398 14.25 -30.80 -7.35
CA ILE A 398 14.57 -31.53 -8.56
C ILE A 398 15.54 -30.74 -9.43
N MET A 399 16.53 -31.44 -9.94
CA MET A 399 17.41 -30.99 -11.01
C MET A 399 17.11 -31.85 -12.24
N GLN A 400 16.82 -31.19 -13.36
CA GLN A 400 16.60 -31.87 -14.64
C GLN A 400 17.67 -31.42 -15.63
N VAL A 401 18.26 -32.35 -16.34
CA VAL A 401 19.15 -32.09 -17.44
C VAL A 401 18.41 -32.64 -18.66
N TRP A 402 18.18 -31.83 -19.67
CA TRP A 402 17.32 -32.25 -20.76
C TRP A 402 17.71 -31.61 -22.09
N GLN A 403 17.19 -32.19 -23.17
CA GLN A 403 17.40 -31.74 -24.50
C GLN A 403 16.13 -32.03 -25.27
N MET A 404 15.49 -31.01 -25.84
CA MET A 404 14.30 -31.19 -26.65
C MET A 404 14.63 -31.98 -27.92
N ALA A 405 13.61 -32.62 -28.47
CA ALA A 405 13.74 -33.40 -29.67
C ALA A 405 14.27 -32.59 -30.84
N GLU A 406 15.23 -33.14 -31.57
CA GLU A 406 15.84 -32.50 -32.73
C GLU A 406 14.83 -32.13 -33.81
N ASN A 407 13.71 -32.84 -33.94
CA ASN A 407 12.76 -32.49 -34.95
C ASN A 407 12.00 -31.19 -34.60
N ILE A 408 12.08 -30.74 -33.35
CA ILE A 408 11.52 -29.45 -33.00
C ILE A 408 12.51 -28.32 -33.31
N TYR A 409 13.77 -28.48 -32.90
CA TYR A 409 14.77 -27.41 -33.11
C TYR A 409 15.41 -27.34 -34.52
N ASN A 410 15.36 -28.42 -35.30
CA ASN A 410 15.75 -28.42 -36.74
C ASN A 410 14.52 -28.33 -37.64
N ASP A 411 13.47 -27.60 -37.26
CA ASP A 411 12.26 -27.61 -38.10
C ASP A 411 11.23 -26.54 -37.73
N ARG B 7 9.55 -37.89 -5.51
CA ARG B 7 9.13 -38.13 -6.94
C ARG B 7 10.18 -38.97 -7.65
N GLN B 8 9.75 -40.06 -8.29
CA GLN B 8 10.69 -41.04 -8.91
C GLN B 8 11.66 -40.44 -9.99
N ALA B 9 12.96 -40.69 -9.84
CA ALA B 9 13.97 -40.15 -10.78
C ALA B 9 14.05 -41.03 -12.01
N PHE B 10 14.36 -40.46 -13.16
CA PHE B 10 14.47 -41.25 -14.37
C PHE B 10 15.42 -40.69 -15.39
N TYR B 11 15.72 -41.51 -16.39
CA TYR B 11 16.61 -41.23 -17.49
C TYR B 11 15.90 -41.61 -18.79
N LEU B 12 16.03 -40.77 -19.81
CA LEU B 12 15.45 -41.01 -21.14
C LEU B 12 16.49 -40.60 -22.15
N HIS B 13 16.93 -41.55 -22.95
CA HIS B 13 17.74 -41.28 -24.14
C HIS B 13 16.91 -41.88 -25.23
N THR B 14 16.29 -41.03 -26.04
CA THR B 14 15.24 -41.45 -26.97
C THR B 14 15.83 -42.32 -28.04
N THR B 15 15.15 -43.43 -28.38
CA THR B 15 15.69 -44.40 -29.37
C THR B 15 15.66 -43.87 -30.81
N LYS B 16 16.59 -44.36 -31.61
CA LYS B 16 16.68 -43.97 -33.02
C LYS B 16 15.37 -44.22 -33.73
N LEU B 17 14.70 -45.31 -33.38
CA LEU B 17 13.41 -45.61 -33.97
C LEU B 17 12.35 -44.55 -33.61
N THR B 18 12.35 -44.10 -32.36
CA THR B 18 11.38 -43.09 -31.98
C THR B 18 11.69 -41.78 -32.71
N ARG B 19 12.98 -41.46 -32.87
CA ARG B 19 13.38 -40.26 -33.60
C ARG B 19 12.86 -40.25 -35.03
N ILE B 20 13.02 -41.36 -35.74
CA ILE B 20 12.51 -41.45 -37.12
C ILE B 20 10.99 -41.55 -37.18
N ALA B 21 10.38 -42.16 -36.18
CA ALA B 21 8.93 -42.17 -36.10
C ALA B 21 8.35 -40.74 -36.01
N ARG B 22 9.02 -39.89 -35.23
CA ARG B 22 8.58 -38.52 -35.05
C ARG B 22 8.58 -37.78 -36.40
N ARG B 23 9.55 -38.08 -37.25
CA ARG B 23 9.62 -37.45 -38.57
C ARG B 23 8.59 -38.06 -39.52
N LEU B 24 8.59 -39.39 -39.62
CA LEU B 24 7.57 -40.10 -40.42
C LEU B 24 6.13 -39.72 -40.14
N CYS B 25 5.79 -39.58 -38.86
CA CYS B 25 4.42 -39.34 -38.44
C CYS B 25 4.24 -37.88 -37.99
N ARG B 26 5.06 -37.01 -38.59
CA ARG B 26 4.90 -35.57 -38.45
C ARG B 26 3.45 -35.08 -38.41
N GLU B 27 2.60 -35.62 -39.29
CA GLU B 27 1.22 -35.12 -39.41
C GLU B 27 0.32 -35.54 -38.25
N ILE B 28 0.67 -36.63 -37.59
CA ILE B 28 -0.04 -37.11 -36.41
C ILE B 28 0.50 -36.46 -35.12
N LEU B 29 1.79 -36.51 -34.94
CA LEU B 29 2.46 -35.92 -33.79
C LEU B 29 2.28 -34.41 -33.69
N ARG B 30 2.51 -33.71 -34.80
CA ARG B 30 2.38 -32.25 -34.88
C ARG B 30 3.33 -31.59 -33.87
N PRO B 31 4.64 -31.75 -34.04
CA PRO B 31 5.62 -31.32 -33.04
C PRO B 31 5.53 -29.86 -32.63
N TRP B 32 5.27 -28.99 -33.62
CA TRP B 32 5.08 -27.56 -33.40
C TRP B 32 3.99 -27.30 -32.35
N HIS B 33 2.94 -28.11 -32.40
CA HIS B 33 1.81 -28.05 -31.48
C HIS B 33 2.12 -28.73 -30.15
N ALA B 34 2.58 -29.98 -30.23
CA ALA B 34 3.02 -30.74 -29.04
C ALA B 34 4.08 -30.03 -28.20
N ALA B 35 4.99 -29.33 -28.85
CA ALA B 35 6.06 -28.63 -28.16
C ALA B 35 5.56 -27.55 -27.20
N ARG B 36 4.34 -27.08 -27.45
CA ARG B 36 3.71 -26.08 -26.60
C ARG B 36 2.55 -26.64 -25.74
N HIS B 37 2.49 -27.97 -25.66
CA HIS B 37 1.45 -28.67 -24.89
C HIS B 37 2.04 -29.89 -24.20
N PRO B 38 2.95 -29.66 -23.25
CA PRO B 38 3.53 -30.72 -22.45
C PRO B 38 2.47 -31.57 -21.72
N TYR B 39 1.36 -30.93 -21.35
CA TYR B 39 0.36 -31.56 -20.51
C TYR B 39 -0.84 -32.11 -21.26
N LEU B 40 -0.76 -32.18 -22.60
CA LEU B 40 -1.70 -32.93 -23.44
C LEU B 40 -1.14 -34.31 -23.77
N PRO B 41 -1.96 -35.36 -23.64
CA PRO B 41 -1.48 -36.67 -24.05
C PRO B 41 -1.26 -36.72 -25.54
N ILE B 42 -0.05 -37.05 -25.95
CA ILE B 42 0.25 -37.29 -27.34
C ILE B 42 -0.32 -38.65 -27.75
N ASN B 43 -0.90 -38.73 -28.93
CA ASN B 43 -1.41 -39.99 -29.48
C ASN B 43 -0.33 -40.98 -29.90
N SER B 44 0.38 -41.54 -28.93
CA SER B 44 1.46 -42.48 -29.21
C SER B 44 1.01 -43.76 -29.94
N ALA B 45 -0.17 -44.26 -29.58
CA ALA B 45 -0.71 -45.45 -30.27
C ALA B 45 -0.77 -45.22 -31.78
N ALA B 46 -1.51 -44.19 -32.18
CA ALA B 46 -1.59 -43.79 -33.59
C ALA B 46 -0.20 -43.65 -34.25
N ILE B 47 0.74 -43.01 -33.56
CA ILE B 47 2.10 -42.81 -34.07
C ILE B 47 2.80 -44.14 -34.31
N LYS B 48 2.71 -45.04 -33.32
CA LYS B 48 3.39 -46.36 -33.39
C LYS B 48 2.82 -47.20 -34.54
N ALA B 49 1.51 -47.17 -34.69
CA ALA B 49 0.83 -47.87 -35.76
C ALA B 49 1.35 -47.37 -37.09
N GLU B 50 1.17 -46.08 -37.35
CA GLU B 50 1.53 -45.51 -38.66
C GLU B 50 3.04 -45.59 -38.94
N CYS B 51 3.86 -45.60 -37.90
CA CYS B 51 5.29 -45.81 -38.08
C CYS B 51 5.60 -47.24 -38.54
N THR B 52 5.03 -48.22 -37.82
CA THR B 52 5.22 -49.64 -38.18
C THR B 52 4.68 -49.94 -39.60
N ALA B 53 3.60 -49.26 -39.98
CA ALA B 53 3.02 -49.40 -41.34
C ALA B 53 3.90 -48.78 -42.44
N ARG B 54 4.36 -47.55 -42.22
CA ARG B 54 5.19 -46.82 -43.21
C ARG B 54 6.73 -47.02 -43.05
N LEU B 55 7.15 -48.07 -42.33
CA LEU B 55 8.58 -48.34 -42.14
C LEU B 55 9.39 -48.65 -43.42
N PRO B 56 8.75 -49.28 -44.46
CA PRO B 56 9.54 -49.51 -45.69
C PRO B 56 9.90 -48.27 -46.54
N GLU B 57 10.39 -47.18 -45.93
CA GLU B 57 10.98 -46.06 -46.70
C GLU B 57 11.70 -45.07 -45.78
N ALA B 68 17.81 -27.99 -41.31
CA ALA B 68 16.93 -26.82 -41.54
C ALA B 68 17.64 -25.50 -41.28
N VAL B 69 17.68 -24.65 -42.30
CA VAL B 69 18.52 -23.43 -42.31
C VAL B 69 17.82 -22.24 -41.61
N ARG B 70 18.57 -21.50 -40.79
CA ARG B 70 17.95 -20.47 -39.95
C ARG B 70 18.30 -19.05 -40.40
N LYS B 71 17.34 -18.17 -40.25
CA LYS B 71 17.50 -16.77 -40.58
C LYS B 71 18.54 -16.11 -39.67
N PRO B 72 19.51 -15.34 -40.24
CA PRO B 72 20.51 -14.68 -39.38
C PRO B 72 19.90 -13.64 -38.43
N LEU B 73 20.56 -13.41 -37.30
CA LEU B 73 20.06 -12.44 -36.33
C LEU B 73 19.86 -11.08 -37.00
N GLU B 74 20.83 -10.75 -37.86
CA GLU B 74 20.81 -9.48 -38.59
C GLU B 74 19.48 -9.31 -39.34
N ALA B 75 19.07 -10.38 -40.00
CA ALA B 75 17.83 -10.41 -40.75
C ALA B 75 16.62 -10.30 -39.82
N VAL B 76 16.64 -10.98 -38.68
CA VAL B 76 15.52 -10.84 -37.75
C VAL B 76 15.42 -9.39 -37.24
N LEU B 77 16.55 -8.78 -36.86
CA LEU B 77 16.53 -7.36 -36.46
C LEU B 77 16.02 -6.42 -37.60
N ARG B 78 16.48 -6.65 -38.83
CA ARG B 78 15.92 -5.94 -39.98
C ARG B 78 14.37 -6.08 -40.06
N TYR B 79 13.87 -7.31 -39.90
CA TYR B 79 12.41 -7.54 -39.84
C TYR B 79 11.74 -6.72 -38.72
N LEU B 80 12.34 -6.73 -37.54
CA LEU B 80 11.72 -6.16 -36.35
C LEU B 80 11.64 -4.66 -36.46
N GLU B 81 12.77 -4.04 -36.80
CA GLU B 81 12.84 -2.57 -36.96
C GLU B 81 12.02 -2.08 -38.15
N THR B 82 11.52 -2.96 -39.01
CA THR B 82 10.61 -2.60 -40.10
C THR B 82 9.15 -3.06 -39.87
N HIS B 83 8.89 -3.66 -38.71
CA HIS B 83 7.54 -4.05 -38.28
C HIS B 83 7.43 -3.67 -36.81
N PRO B 84 7.47 -2.37 -36.50
CA PRO B 84 7.50 -1.94 -35.10
C PRO B 84 6.26 -2.39 -34.30
N ARG B 85 6.39 -2.36 -32.98
CA ARG B 85 5.25 -2.65 -32.10
C ARG B 85 4.25 -1.45 -32.06
N ASP C 10 55.64 1.38 13.22
CA ASP C 10 57.12 1.35 13.31
C ASP C 10 57.56 0.54 14.54
N ALA C 11 58.69 -0.16 14.42
CA ALA C 11 59.29 -0.92 15.55
C ALA C 11 59.51 -0.04 16.79
N VAL C 12 59.83 1.23 16.54
CA VAL C 12 60.05 2.20 17.62
C VAL C 12 58.79 2.38 18.46
N GLU C 13 57.64 2.58 17.79
CA GLU C 13 56.36 2.73 18.50
C GLU C 13 56.01 1.49 19.34
N GLU C 14 56.32 0.30 18.83
CA GLU C 14 56.10 -0.95 19.58
C GLU C 14 56.92 -0.99 20.85
N ARG C 15 58.17 -0.55 20.76
CA ARG C 15 59.05 -0.53 21.92
C ARG C 15 58.59 0.50 22.97
N VAL C 16 58.19 1.69 22.51
CA VAL C 16 57.63 2.72 23.43
C VAL C 16 56.39 2.19 24.17
N ILE C 17 55.48 1.54 23.43
CA ILE C 17 54.30 0.90 24.04
C ILE C 17 54.67 -0.16 25.11
N ASN C 18 55.64 -1.01 24.78
CA ASN C 18 56.12 -2.02 25.74
C ASN C 18 56.80 -1.41 26.97
N GLU C 19 57.63 -0.39 26.76
CA GLU C 19 58.25 0.33 27.89
C GLU C 19 57.19 0.89 28.82
N GLU C 20 56.19 1.57 28.22
CA GLU C 20 55.13 2.20 28.96
C GLU C 20 54.29 1.16 29.69
N TYR C 21 54.10 -0.01 29.08
CA TYR C 21 53.31 -1.07 29.71
C TYR C 21 54.00 -1.57 30.99
N LYS C 22 55.31 -1.72 30.91
CA LYS C 22 56.09 -2.14 32.08
C LYS C 22 56.02 -1.10 33.21
N ILE C 23 56.07 0.18 32.84
CA ILE C 23 55.97 1.21 33.84
C ILE C 23 54.59 1.17 34.54
N TRP C 24 53.54 1.15 33.71
CA TRP C 24 52.16 1.01 34.20
C TRP C 24 52.04 -0.16 35.18
N LYS C 25 52.51 -1.34 34.75
CA LYS C 25 52.30 -2.54 35.55
C LYS C 25 52.95 -2.43 36.92
N LYS C 26 54.16 -1.87 36.95
CA LYS C 26 54.87 -1.69 38.21
C LYS C 26 54.19 -0.66 39.09
N ASN C 27 53.57 0.35 38.46
CA ASN C 27 52.78 1.38 39.16
C ASN C 27 51.45 0.87 39.74
N THR C 28 50.93 -0.28 39.26
CA THR C 28 49.55 -0.65 39.54
C THR C 28 49.10 -0.62 41.02
N PRO C 29 49.98 -0.99 41.98
CA PRO C 29 49.49 -0.94 43.37
C PRO C 29 49.18 0.46 43.90
N PHE C 30 49.79 1.46 43.27
CA PHE C 30 49.59 2.88 43.66
C PHE C 30 48.44 3.57 42.92
N LEU C 31 48.07 3.00 41.78
CA LEU C 31 46.98 3.51 40.95
C LEU C 31 45.69 2.73 41.05
N TYR C 32 45.76 1.46 41.46
CA TYR C 32 44.58 0.55 41.52
C TYR C 32 44.40 -0.10 42.86
N ASP C 33 43.16 -0.50 43.15
CA ASP C 33 42.85 -1.45 44.22
C ASP C 33 42.62 -2.86 43.70
N LEU C 34 42.25 -2.98 42.43
CA LEU C 34 42.10 -4.28 41.80
C LEU C 34 42.53 -4.18 40.36
N VAL C 35 43.31 -5.15 39.91
CA VAL C 35 43.54 -5.39 38.48
C VAL C 35 43.58 -6.90 38.29
N MET C 36 42.75 -7.41 37.37
CA MET C 36 42.79 -8.80 36.92
C MET C 36 42.87 -8.79 35.42
N THR C 37 43.85 -9.50 34.85
CA THR C 37 43.88 -9.60 33.41
C THR C 37 43.72 -11.05 32.95
N HIS C 38 43.34 -11.19 31.68
CA HIS C 38 43.15 -12.47 31.07
C HIS C 38 43.29 -12.35 29.56
N ALA C 39 44.09 -13.23 28.97
CA ALA C 39 44.26 -13.30 27.50
C ALA C 39 43.18 -14.20 26.92
N LEU C 40 42.31 -13.63 26.10
CA LEU C 40 41.30 -14.41 25.42
C LEU C 40 41.96 -15.05 24.23
N GLU C 41 41.42 -16.18 23.79
CA GLU C 41 41.89 -16.86 22.57
C GLU C 41 41.69 -15.97 21.37
N TRP C 42 40.49 -15.39 21.29
CA TRP C 42 40.17 -14.40 20.27
C TRP C 42 39.75 -13.07 20.91
N PRO C 43 40.11 -11.94 20.26
CA PRO C 43 39.70 -10.64 20.81
C PRO C 43 38.19 -10.47 20.80
N SER C 44 37.65 -9.89 21.89
CA SER C 44 36.23 -9.52 21.98
C SER C 44 36.04 -8.06 21.57
N LEU C 45 35.00 -7.80 20.78
CA LEU C 45 34.61 -6.46 20.40
C LEU C 45 33.51 -5.93 21.32
N THR C 46 33.01 -6.78 22.22
CA THR C 46 31.90 -6.43 23.08
C THR C 46 32.20 -6.86 24.51
N ALA C 47 31.63 -6.13 25.45
CA ALA C 47 31.71 -6.49 26.85
C ALA C 47 30.55 -5.86 27.55
N GLN C 48 29.93 -6.64 28.43
CA GLN C 48 28.82 -6.17 29.24
C GLN C 48 28.63 -7.09 30.44
N TRP C 49 28.67 -6.52 31.63
CA TRP C 49 28.38 -7.29 32.83
C TRP C 49 26.90 -7.64 32.81
N LEU C 50 26.59 -8.87 33.20
CA LEU C 50 25.24 -9.25 33.54
C LEU C 50 24.96 -8.75 34.97
N PRO C 51 23.67 -8.58 35.31
CA PRO C 51 23.33 -7.99 36.61
C PRO C 51 23.43 -8.93 37.81
N ASP C 52 23.43 -10.24 37.57
CA ASP C 52 23.41 -11.22 38.67
C ASP C 52 24.78 -11.29 39.32
N VAL C 53 24.80 -11.43 40.64
CA VAL C 53 26.01 -11.80 41.35
C VAL C 53 25.64 -12.90 42.33
N THR C 54 26.45 -13.95 42.35
CA THR C 54 26.29 -15.05 43.30
C THR C 54 27.40 -14.91 44.35
N ARG C 55 27.07 -15.18 45.61
CA ARG C 55 27.98 -14.94 46.76
C ARG C 55 28.19 -16.26 47.53
N PRO C 56 29.07 -17.13 47.03
CA PRO C 56 29.33 -18.41 47.69
C PRO C 56 29.13 -18.31 49.19
N GLU C 57 28.83 -19.43 49.83
CA GLU C 57 28.62 -19.47 51.28
C GLU C 57 29.89 -19.93 51.99
N GLY C 58 30.83 -19.01 52.15
CA GLY C 58 32.09 -19.31 52.80
C GLY C 58 33.26 -18.96 51.90
N LYS C 59 33.10 -17.91 51.12
CA LYS C 59 34.13 -17.45 50.19
C LYS C 59 34.30 -15.94 50.24
N ASP C 60 35.54 -15.50 50.46
CA ASP C 60 35.84 -14.06 50.53
C ASP C 60 35.86 -13.42 49.12
N PHE C 61 35.08 -13.96 48.20
CA PHE C 61 34.85 -13.34 46.90
C PHE C 61 33.39 -13.55 46.51
N SER C 62 32.98 -12.85 45.47
CA SER C 62 31.68 -13.02 44.85
C SER C 62 31.93 -13.36 43.37
N ILE C 63 30.94 -13.97 42.73
CA ILE C 63 31.01 -14.33 41.31
C ILE C 63 30.17 -13.37 40.48
N HIS C 64 30.79 -12.83 39.43
CA HIS C 64 30.20 -11.84 38.52
C HIS C 64 30.35 -12.43 37.13
N ARG C 65 29.51 -12.00 36.19
CA ARG C 65 29.56 -12.57 34.85
C ARG C 65 29.55 -11.52 33.76
N LEU C 66 30.22 -11.82 32.65
CA LEU C 66 30.38 -10.93 31.52
C LEU C 66 29.90 -11.59 30.24
N VAL C 67 29.23 -10.81 29.41
CA VAL C 67 28.90 -11.23 28.04
C VAL C 67 30.02 -10.71 27.14
N LEU C 68 30.73 -11.63 26.50
CA LEU C 68 31.76 -11.30 25.52
C LEU C 68 31.40 -11.98 24.20
N GLY C 69 32.22 -11.71 23.18
CA GLY C 69 32.07 -12.33 21.88
C GLY C 69 33.43 -12.56 21.31
N THR C 70 33.47 -13.02 20.06
CA THR C 70 34.74 -13.32 19.36
C THR C 70 34.79 -12.57 18.04
N HIS C 71 35.99 -12.15 17.69
CA HIS C 71 36.27 -11.54 16.39
C HIS C 71 37.35 -12.36 15.71
N THR C 72 36.92 -13.43 15.05
CA THR C 72 37.77 -14.19 14.14
C THR C 72 37.00 -14.44 12.86
N SER C 73 37.72 -14.70 11.77
CA SER C 73 37.10 -14.98 10.47
C SER C 73 37.41 -16.37 9.89
N ASP C 74 38.50 -16.98 10.35
CA ASP C 74 38.93 -18.30 9.87
C ASP C 74 38.46 -19.43 10.79
N GLU C 75 37.84 -19.08 11.92
CA GLU C 75 37.43 -20.05 12.92
C GLU C 75 35.98 -19.78 13.32
N GLN C 76 35.41 -20.72 14.05
CA GLN C 76 34.01 -20.63 14.50
C GLN C 76 33.89 -19.58 15.61
N ASN C 77 33.06 -18.57 15.35
CA ASN C 77 32.81 -17.53 16.34
C ASN C 77 31.89 -18.02 17.47
N HIS C 78 32.06 -17.42 18.64
CA HIS C 78 31.26 -17.76 19.81
C HIS C 78 30.73 -16.52 20.52
N LEU C 79 29.49 -16.62 20.98
CA LEU C 79 28.94 -15.74 21.98
C LEU C 79 29.37 -16.35 23.29
N VAL C 80 30.03 -15.57 24.15
CA VAL C 80 30.71 -16.09 25.33
C VAL C 80 30.13 -15.50 26.58
N ILE C 81 30.04 -16.30 27.62
CA ILE C 81 29.73 -15.81 28.95
C ILE C 81 30.87 -16.28 29.84
N ALA C 82 31.50 -15.33 30.54
CA ALA C 82 32.63 -15.62 31.42
C ALA C 82 32.27 -15.26 32.84
N SER C 83 32.78 -16.02 33.79
CA SER C 83 32.56 -15.73 35.21
C SER C 83 33.83 -15.07 35.74
N VAL C 84 33.68 -14.21 36.73
CA VAL C 84 34.80 -13.46 37.30
C VAL C 84 34.65 -13.43 38.80
N GLN C 85 35.70 -13.83 39.53
CA GLN C 85 35.75 -13.73 41.00
C GLN C 85 36.24 -12.36 41.47
N LEU C 86 35.38 -11.63 42.17
CA LEU C 86 35.75 -10.32 42.70
C LEU C 86 35.88 -10.37 44.21
N PRO C 87 37.02 -9.92 44.75
CA PRO C 87 37.26 -9.92 46.19
C PRO C 87 36.25 -9.09 46.95
N ASN C 88 35.86 -9.56 48.13
CA ASN C 88 35.08 -8.77 49.08
C ASN C 88 36.01 -7.81 49.81
N ASP C 89 35.41 -6.77 50.38
CA ASP C 89 36.17 -5.68 51.00
C ASP C 89 36.69 -6.13 52.37
N GLY C 103 51.53 -7.08 57.18
CA GLY C 103 52.36 -5.90 56.95
C GLY C 103 53.37 -6.05 55.81
N GLU C 104 52.85 -6.07 54.57
CA GLU C 104 53.64 -6.22 53.33
C GLU C 104 53.03 -5.42 52.16
N PHE C 105 53.87 -4.81 51.31
CA PHE C 105 53.41 -3.98 50.18
C PHE C 105 53.09 -4.80 48.94
N GLY C 106 52.32 -4.19 48.03
CA GLY C 106 51.93 -4.84 46.75
C GLY C 106 50.55 -5.45 46.85
N GLY C 107 50.48 -6.75 46.56
CA GLY C 107 49.22 -7.51 46.49
C GLY C 107 49.08 -8.45 45.28
N PHE C 108 50.19 -8.75 44.60
CA PHE C 108 50.13 -9.61 43.42
C PHE C 108 49.92 -11.08 43.84
N GLY C 109 49.06 -11.78 43.11
CA GLY C 109 48.78 -13.17 43.35
C GLY C 109 48.53 -13.90 42.03
N SER C 110 48.10 -15.15 42.18
CA SER C 110 47.75 -16.02 41.07
C SER C 110 46.38 -15.59 40.53
N VAL C 111 46.20 -15.71 39.21
CA VAL C 111 44.89 -15.50 38.54
C VAL C 111 44.14 -16.81 38.34
N SER C 112 44.79 -17.95 38.58
CA SER C 112 44.23 -19.24 38.18
C SER C 112 42.82 -19.39 38.74
N GLY C 113 41.88 -19.70 37.84
CA GLY C 113 40.49 -19.95 38.22
C GLY C 113 39.68 -18.74 38.68
N LYS C 114 40.24 -17.53 38.55
CA LYS C 114 39.49 -16.30 38.88
C LYS C 114 38.64 -15.84 37.74
N ILE C 115 39.09 -16.10 36.51
CA ILE C 115 38.32 -15.80 35.30
C ILE C 115 38.15 -17.07 34.47
N GLU C 116 36.90 -17.53 34.34
CA GLU C 116 36.57 -18.76 33.60
C GLU C 116 35.45 -18.55 32.59
N ILE C 117 35.55 -19.27 31.46
CA ILE C 117 34.51 -19.26 30.43
C ILE C 117 33.46 -20.31 30.80
N GLU C 118 32.23 -19.89 31.03
CA GLU C 118 31.15 -20.80 31.44
C GLU C 118 30.38 -21.30 30.24
N ILE C 119 30.14 -20.43 29.27
CA ILE C 119 29.28 -20.74 28.14
C ILE C 119 29.95 -20.28 26.85
N LYS C 120 29.87 -21.12 25.83
CA LYS C 120 30.22 -20.76 24.47
C LYS C 120 29.00 -21.19 23.66
N ILE C 121 28.56 -20.32 22.73
CA ILE C 121 27.46 -20.62 21.85
C ILE C 121 27.92 -20.28 20.42
N ASN C 122 27.79 -21.23 19.50
CA ASN C 122 28.22 -20.99 18.13
C ASN C 122 27.46 -19.80 17.56
N HIS C 123 28.19 -18.94 16.83
CA HIS C 123 27.63 -17.69 16.31
C HIS C 123 28.11 -17.49 14.87
N GLU C 124 27.13 -17.24 13.98
CA GLU C 124 27.42 -16.99 12.57
C GLU C 124 27.97 -15.57 12.44
N GLY C 125 29.18 -15.43 11.91
CA GLY C 125 29.82 -14.11 11.85
C GLY C 125 30.37 -13.70 13.20
N GLU C 126 31.19 -12.66 13.17
CA GLU C 126 31.80 -12.07 14.39
C GLU C 126 30.73 -11.33 15.23
N VAL C 127 30.87 -11.44 16.55
CA VAL C 127 29.98 -10.76 17.47
C VAL C 127 30.46 -9.30 17.59
N ASN C 128 29.82 -8.43 16.82
CA ASN C 128 30.14 -6.99 16.80
C ASN C 128 29.64 -6.26 18.07
N ARG C 129 28.49 -6.69 18.57
CA ARG C 129 28.01 -6.21 19.86
C ARG C 129 27.01 -7.18 20.45
N ALA C 130 27.02 -7.33 21.77
CA ALA C 130 26.07 -8.23 22.41
C ALA C 130 25.52 -7.63 23.68
N ARG C 131 24.21 -7.60 23.78
CA ARG C 131 23.56 -6.94 24.88
C ARG C 131 22.43 -7.79 25.42
N TYR C 132 22.35 -7.89 26.73
CA TYR C 132 21.31 -8.70 27.37
C TYR C 132 19.99 -7.94 27.49
N MET C 133 18.87 -8.65 27.47
CA MET C 133 17.56 -8.01 27.62
C MET C 133 17.34 -7.71 29.09
N PRO C 134 17.20 -6.43 29.44
CA PRO C 134 17.00 -6.11 30.87
C PRO C 134 15.86 -6.86 31.57
N GLN C 135 14.75 -7.05 30.87
CA GLN C 135 13.59 -7.74 31.41
C GLN C 135 13.76 -9.27 31.67
N ASN C 136 14.79 -9.89 31.06
CA ASN C 136 15.10 -11.31 31.24
C ASN C 136 16.53 -11.53 30.69
N PRO C 137 17.52 -11.35 31.58
CA PRO C 137 18.94 -11.41 31.23
C PRO C 137 19.46 -12.71 30.63
N CYS C 138 18.62 -13.74 30.57
CA CYS C 138 18.95 -14.96 29.81
C CYS C 138 18.95 -14.76 28.30
N ILE C 139 18.28 -13.71 27.83
CA ILE C 139 18.16 -13.44 26.39
C ILE C 139 19.25 -12.45 26.01
N ILE C 140 20.14 -12.87 25.11
CA ILE C 140 21.20 -12.00 24.57
C ILE C 140 20.93 -11.71 23.10
N ALA C 141 20.93 -10.43 22.73
CA ALA C 141 20.84 -10.03 21.32
C ALA C 141 22.23 -9.77 20.83
N THR C 142 22.55 -10.17 19.60
CA THR C 142 23.86 -9.89 19.03
C THR C 142 23.75 -9.23 17.69
N LYS C 143 24.79 -8.48 17.36
CA LYS C 143 24.90 -7.76 16.12
C LYS C 143 25.94 -8.47 15.29
N THR C 144 25.55 -8.83 14.07
CA THR C 144 26.40 -9.57 13.14
C THR C 144 26.98 -8.57 12.15
N PRO C 145 27.94 -9.00 11.29
CA PRO C 145 28.50 -8.05 10.31
C PRO C 145 27.55 -7.72 9.17
N SER C 146 26.55 -8.56 8.96
CA SER C 146 25.36 -8.20 8.20
C SER C 146 24.47 -7.33 9.11
N SER C 147 23.41 -6.76 8.55
CA SER C 147 22.52 -5.91 9.37
C SER C 147 21.52 -6.65 10.28
N ASP C 148 21.50 -8.00 10.20
CA ASP C 148 20.60 -8.84 10.99
C ASP C 148 21.11 -8.99 12.43
N VAL C 149 20.18 -9.14 13.35
CA VAL C 149 20.45 -9.25 14.77
C VAL C 149 19.96 -10.63 15.22
N LEU C 150 20.84 -11.41 15.84
CA LEU C 150 20.45 -12.73 16.34
C LEU C 150 20.09 -12.69 17.82
N VAL C 151 19.07 -13.44 18.21
CA VAL C 151 18.66 -13.48 19.61
C VAL C 151 18.81 -14.90 20.18
N PHE C 152 19.50 -15.02 21.30
CA PHE C 152 19.81 -16.29 21.93
C PHE C 152 19.32 -16.30 23.37
N ASP C 153 18.71 -17.41 23.78
CA ASP C 153 18.43 -17.69 25.19
C ASP C 153 19.50 -18.69 25.62
N TYR C 154 20.48 -18.26 26.41
CA TYR C 154 21.63 -19.14 26.72
C TYR C 154 21.30 -20.35 27.64
N THR C 155 20.12 -20.33 28.28
CA THR C 155 19.61 -21.51 28.97
C THR C 155 19.11 -22.62 28.00
N LYS C 156 18.82 -22.25 26.75
CA LYS C 156 18.33 -23.20 25.71
C LYS C 156 19.43 -23.71 24.79
N HIS C 157 20.69 -23.63 25.22
CA HIS C 157 21.80 -24.23 24.46
C HIS C 157 22.66 -25.02 25.42
N PRO C 158 23.51 -25.93 24.88
CA PRO C 158 24.51 -26.56 25.75
C PRO C 158 25.62 -25.54 26.08
N SER C 159 26.25 -25.69 27.25
CA SER C 159 27.32 -24.78 27.68
C SER C 159 28.60 -24.89 26.83
N LYS C 160 28.94 -26.09 26.38
CA LYS C 160 30.05 -26.25 25.46
C LYS C 160 29.50 -26.87 24.16
N PRO C 161 29.61 -26.16 23.03
CA PRO C 161 29.22 -26.75 21.77
C PRO C 161 30.21 -27.82 21.33
N ASP C 162 29.78 -28.71 20.44
CA ASP C 162 30.61 -29.83 19.95
C ASP C 162 31.65 -29.32 18.93
N PRO C 163 32.66 -30.15 18.58
CA PRO C 163 33.58 -29.76 17.48
C PRO C 163 32.84 -29.49 16.15
N SER C 164 33.46 -28.68 15.30
CA SER C 164 32.76 -28.07 14.17
C SER C 164 33.64 -28.00 12.91
N GLY C 165 32.98 -28.15 11.77
CA GLY C 165 33.51 -27.70 10.48
C GLY C 165 33.11 -26.26 10.19
N GLU C 166 34.06 -25.35 10.32
CA GLU C 166 33.85 -23.93 10.01
C GLU C 166 33.86 -23.68 8.48
N CYS C 167 33.05 -22.71 8.06
CA CYS C 167 33.10 -22.17 6.70
C CYS C 167 34.41 -21.32 6.48
N ASN C 168 35.25 -21.76 5.53
CA ASN C 168 36.57 -21.16 5.25
C ASN C 168 36.55 -20.53 3.87
N PRO C 169 35.92 -19.36 3.76
CA PRO C 169 35.89 -18.72 2.46
C PRO C 169 37.28 -18.22 2.19
N ASP C 170 37.73 -18.42 0.96
CA ASP C 170 39.09 -18.02 0.58
C ASP C 170 39.19 -16.53 0.41
N LEU C 171 38.06 -15.86 0.17
CA LEU C 171 37.98 -14.38 0.28
C LEU C 171 36.59 -14.00 0.80
N ARG C 172 36.53 -12.86 1.48
CA ARG C 172 35.26 -12.24 1.79
C ARG C 172 35.26 -10.87 1.11
N LEU C 173 34.48 -10.74 0.03
CA LEU C 173 34.27 -9.43 -0.58
C LEU C 173 33.20 -8.68 0.23
N ARG C 174 33.64 -7.62 0.90
CA ARG C 174 32.74 -6.86 1.76
C ARG C 174 31.94 -5.83 0.96
N GLY C 175 30.69 -5.69 1.35
CA GLY C 175 29.72 -4.84 0.65
C GLY C 175 29.55 -3.45 1.25
N HIS C 176 29.75 -3.34 2.58
CA HIS C 176 29.84 -2.03 3.23
C HIS C 176 31.11 -1.82 4.06
N GLN C 177 31.73 -0.66 3.86
CA GLN C 177 32.98 -0.31 4.54
C GLN C 177 32.79 -0.22 6.06
N LYS C 178 31.81 0.59 6.49
CA LYS C 178 31.49 0.75 7.92
C LYS C 178 30.13 0.14 8.21
N GLU C 179 30.04 -0.54 9.34
CA GLU C 179 28.79 -1.05 9.86
C GLU C 179 28.71 -0.55 11.31
N GLY C 180 27.67 0.19 11.66
CA GLY C 180 27.55 0.69 13.01
C GLY C 180 27.08 -0.42 13.90
N TYR C 181 27.55 -0.44 15.15
CA TYR C 181 27.27 -1.52 16.08
C TYR C 181 26.08 -1.24 17.00
N GLY C 182 25.46 -0.07 16.83
CA GLY C 182 24.33 0.31 17.65
C GLY C 182 23.36 -0.83 17.87
N LEU C 183 23.05 -1.10 19.13
CA LEU C 183 22.14 -2.14 19.54
C LEU C 183 21.60 -1.86 20.97
N SER C 184 20.32 -1.52 21.10
CA SER C 184 19.74 -1.16 22.40
C SER C 184 18.35 -1.78 22.65
N TRP C 185 18.20 -2.50 23.79
CA TRP C 185 16.90 -3.01 24.28
C TRP C 185 16.19 -1.92 24.99
N ASN C 186 14.87 -1.82 24.81
CA ASN C 186 14.06 -0.86 25.58
C ASN C 186 13.86 -1.44 26.98
N PRO C 187 14.37 -0.75 28.02
CA PRO C 187 14.22 -1.23 29.40
C PRO C 187 12.84 -1.01 30.02
N ASN C 188 11.93 -0.36 29.31
CA ASN C 188 10.57 -0.13 29.78
C ASN C 188 9.50 -0.87 28.93
N LEU C 189 9.85 -1.30 27.71
CA LEU C 189 8.99 -2.10 26.84
C LEU C 189 9.69 -3.40 26.52
N SER C 190 9.25 -4.47 27.17
CA SER C 190 9.89 -5.76 26.98
C SER C 190 9.89 -6.18 25.50
N GLY C 191 11.08 -6.51 25.01
CA GLY C 191 11.22 -7.03 23.64
C GLY C 191 11.32 -6.02 22.51
N HIS C 192 11.20 -4.74 22.80
CA HIS C 192 11.45 -3.71 21.78
C HIS C 192 12.95 -3.48 21.67
N LEU C 193 13.50 -3.58 20.47
CA LEU C 193 14.93 -3.58 20.28
C LEU C 193 15.29 -2.72 19.07
N LEU C 194 16.24 -1.79 19.27
CA LEU C 194 16.74 -0.89 18.20
C LEU C 194 18.09 -1.36 17.70
N SER C 195 18.37 -1.14 16.42
CA SER C 195 19.69 -1.40 15.87
C SER C 195 19.95 -0.53 14.67
N ALA C 196 21.23 -0.26 14.43
CA ALA C 196 21.64 0.54 13.29
C ALA C 196 21.72 -0.38 12.08
N SER C 197 20.89 -0.14 11.08
CA SER C 197 20.98 -0.91 9.84
C SER C 197 22.18 -0.45 8.96
N ASP C 198 22.42 -1.15 7.84
CA ASP C 198 23.61 -0.90 6.99
C ASP C 198 23.38 0.05 5.82
N ASP C 199 22.16 0.55 5.71
CA ASP C 199 21.90 1.75 4.94
C ASP C 199 21.93 2.78 6.05
N HIS C 200 21.34 3.95 5.83
CA HIS C 200 21.44 5.01 6.79
C HIS C 200 20.23 5.08 7.74
N THR C 201 19.65 3.92 8.04
CA THR C 201 18.39 3.87 8.77
C THR C 201 18.54 3.09 10.06
N ILE C 202 17.47 3.06 10.84
CA ILE C 202 17.46 2.41 12.14
C ILE C 202 16.27 1.46 12.19
N CYS C 203 16.51 0.21 12.55
CA CYS C 203 15.44 -0.77 12.66
C CYS C 203 14.91 -0.87 14.07
N LEU C 204 13.61 -1.11 14.19
CA LEU C 204 12.97 -1.41 15.45
C LEU C 204 12.23 -2.75 15.29
N TRP C 205 12.53 -3.71 16.15
CA TRP C 205 11.80 -4.98 16.21
C TRP C 205 11.03 -5.04 17.50
N ASP C 206 9.94 -5.80 17.50
CA ASP C 206 9.19 -6.14 18.74
C ASP C 206 9.13 -7.67 18.81
N ILE C 207 9.83 -8.30 19.76
CA ILE C 207 9.86 -9.75 19.82
C ILE C 207 8.95 -10.31 20.92
N SER C 208 8.27 -9.44 21.67
CA SER C 208 7.16 -9.88 22.55
C SER C 208 6.04 -10.39 21.66
N ALA C 209 5.48 -11.54 22.01
CA ALA C 209 4.44 -12.17 21.18
C ALA C 209 4.84 -12.30 19.68
N VAL C 210 6.08 -12.76 19.44
CA VAL C 210 6.47 -13.28 18.13
C VAL C 210 5.74 -14.63 17.98
N PRO C 211 5.28 -14.97 16.76
CA PRO C 211 4.77 -16.34 16.48
C PRO C 211 5.71 -17.51 16.89
N LYS C 212 5.12 -18.70 17.03
CA LYS C 212 5.85 -19.93 17.37
C LYS C 212 6.59 -20.50 16.14
N GLU C 213 5.88 -20.52 15.01
CA GLU C 213 6.38 -21.12 13.76
C GLU C 213 7.43 -20.22 13.07
N GLY C 214 7.11 -18.92 12.94
CA GLY C 214 8.03 -17.94 12.36
C GLY C 214 9.24 -17.69 13.26
N LYS C 215 10.41 -18.11 12.80
CA LYS C 215 11.68 -17.90 13.52
C LYS C 215 12.40 -16.61 13.06
N VAL C 216 12.14 -16.18 11.83
CA VAL C 216 12.68 -14.92 11.29
C VAL C 216 11.69 -13.78 11.55
N VAL C 217 12.21 -12.58 11.83
CA VAL C 217 11.35 -11.45 12.24
C VAL C 217 11.72 -10.18 11.47
N ASP C 218 10.73 -9.56 10.82
CA ASP C 218 10.95 -8.32 10.11
C ASP C 218 10.80 -7.17 11.08
N ALA C 219 11.28 -6.00 10.63
CA ALA C 219 11.24 -4.80 11.44
C ALA C 219 9.82 -4.23 11.54
N LYS C 220 9.40 -3.89 12.76
CA LYS C 220 8.17 -3.17 12.98
C LYS C 220 8.24 -1.77 12.36
N THR C 221 9.39 -1.10 12.47
CA THR C 221 9.53 0.27 11.98
C THR C 221 10.93 0.48 11.47
N ILE C 222 11.06 1.33 10.45
CA ILE C 222 12.34 1.78 9.94
C ILE C 222 12.33 3.31 10.06
N PHE C 223 13.33 3.86 10.74
CA PHE C 223 13.50 5.31 10.86
C PHE C 223 14.58 5.81 9.90
N THR C 224 14.18 6.66 8.96
CA THR C 224 15.11 7.30 8.03
C THR C 224 15.27 8.75 8.49
N GLY C 225 16.44 9.33 8.29
CA GLY C 225 16.71 10.65 8.81
C GLY C 225 18.16 11.01 8.63
N HIS C 226 19.02 10.12 9.10
CA HIS C 226 20.46 10.30 8.90
C HIS C 226 20.77 10.11 7.41
N THR C 227 21.78 10.83 6.94
CA THR C 227 22.25 10.72 5.56
C THR C 227 23.57 9.95 5.44
N ALA C 228 23.97 9.25 6.50
CA ALA C 228 25.25 8.51 6.52
C ALA C 228 25.17 7.37 7.57
N VAL C 229 26.19 6.51 7.55
CA VAL C 229 26.24 5.36 8.43
C VAL C 229 25.82 5.75 9.87
N VAL C 230 24.77 5.12 10.35
CA VAL C 230 24.33 5.32 11.72
C VAL C 230 25.25 4.52 12.60
N GLU C 231 25.87 5.17 13.56
CA GLU C 231 26.90 4.53 14.39
C GLU C 231 26.30 3.87 15.63
N ASP C 232 25.45 4.58 16.35
CA ASP C 232 24.91 4.10 17.61
C ASP C 232 23.47 4.52 17.74
N VAL C 233 22.74 3.77 18.56
CA VAL C 233 21.37 4.11 18.98
C VAL C 233 21.22 3.67 20.43
N SER C 234 20.39 4.39 21.19
CA SER C 234 20.11 4.02 22.55
C SER C 234 18.75 4.52 22.95
N TRP C 235 18.00 3.66 23.64
CA TRP C 235 16.75 4.08 24.21
C TRP C 235 17.01 5.02 25.35
N HIS C 236 16.12 5.99 25.57
CA HIS C 236 16.06 6.75 26.83
C HIS C 236 15.76 5.78 27.97
N LEU C 237 16.23 6.07 29.17
CA LEU C 237 16.10 5.12 30.29
C LEU C 237 14.79 5.23 31.06
N LEU C 238 14.10 6.34 30.91
CA LEU C 238 12.82 6.58 31.61
C LEU C 238 11.60 6.68 30.68
N HIS C 239 11.69 7.53 29.65
CA HIS C 239 10.63 7.65 28.64
C HIS C 239 10.67 6.54 27.59
N GLU C 240 9.72 5.63 27.70
CA GLU C 240 9.67 4.43 26.88
C GLU C 240 9.56 4.61 25.38
N SER C 241 9.09 5.76 24.93
CA SER C 241 8.97 6.05 23.51
C SER C 241 10.11 6.90 22.93
N LEU C 242 11.08 7.31 23.76
CA LEU C 242 12.22 8.11 23.26
C LEU C 242 13.45 7.25 22.98
N PHE C 243 14.14 7.56 21.89
CA PHE C 243 15.49 7.06 21.70
C PHE C 243 16.35 8.09 20.99
N GLY C 244 17.67 7.85 21.03
CA GLY C 244 18.62 8.76 20.45
C GLY C 244 19.49 7.99 19.50
N SER C 245 20.01 8.69 18.51
CA SER C 245 20.86 8.10 17.50
C SER C 245 21.94 9.06 17.07
N VAL C 246 23.06 8.51 16.62
CA VAL C 246 24.19 9.30 16.19
C VAL C 246 24.79 8.67 14.96
N ALA C 247 25.36 9.49 14.09
CA ALA C 247 25.81 9.02 12.77
C ALA C 247 26.97 9.80 12.18
N ASP C 248 27.49 9.27 11.09
CA ASP C 248 28.65 9.88 10.38
C ASP C 248 28.31 11.18 9.66
N ASP C 249 27.02 11.51 9.58
CA ASP C 249 26.54 12.85 9.19
C ASP C 249 26.75 13.99 10.22
N GLN C 250 27.40 13.68 11.34
CA GLN C 250 27.75 14.63 12.39
C GLN C 250 26.57 15.01 13.29
N LYS C 251 25.48 14.24 13.21
CA LYS C 251 24.24 14.60 13.90
C LYS C 251 23.90 13.70 15.09
N LEU C 252 23.30 14.30 16.11
CA LEU C 252 22.60 13.59 17.15
C LEU C 252 21.14 13.79 16.85
N MET C 253 20.37 12.73 16.90
CA MET C 253 18.94 12.83 16.63
C MET C 253 18.17 12.18 17.77
N ILE C 254 17.13 12.86 18.24
CA ILE C 254 16.18 12.31 19.21
C ILE C 254 14.87 11.95 18.50
N TRP C 255 14.46 10.69 18.61
CA TRP C 255 13.27 10.15 17.97
C TRP C 255 12.19 9.83 18.97
N ASP C 256 10.95 9.88 18.52
CA ASP C 256 9.79 9.51 19.35
C ASP C 256 8.91 8.50 18.58
N THR C 257 8.78 7.29 19.13
CA THR C 257 8.06 6.23 18.45
C THR C 257 6.58 6.57 18.24
N ARG C 258 6.03 7.42 19.09
CA ARG C 258 4.66 7.90 18.94
C ARG C 258 4.40 8.78 17.72
N SER C 259 5.42 9.51 17.26
CA SER C 259 5.28 10.31 16.04
C SER C 259 4.93 9.39 14.85
N ASN C 260 4.08 9.90 13.96
CA ASN C 260 3.69 9.20 12.73
C ASN C 260 4.75 9.33 11.64
N ASN C 261 5.56 10.39 11.72
CA ASN C 261 6.59 10.65 10.72
C ASN C 261 7.87 9.93 11.12
N THR C 262 8.22 8.87 10.41
CA THR C 262 9.43 8.10 10.65
C THR C 262 10.56 8.52 9.74
N SER C 263 10.38 9.56 8.94
CA SER C 263 11.45 10.11 8.08
C SER C 263 12.07 11.38 8.65
N LYS C 264 11.60 11.80 9.82
CA LYS C 264 12.11 12.99 10.48
C LYS C 264 12.02 12.80 12.00
N PRO C 265 13.11 13.10 12.72
CA PRO C 265 13.13 12.95 14.16
C PRO C 265 12.52 14.15 14.85
N SER C 266 12.24 14.01 16.15
CA SER C 266 11.78 15.12 16.99
C SER C 266 12.79 16.27 17.09
N HIS C 267 14.07 15.93 17.24
CA HIS C 267 15.14 16.92 17.37
C HIS C 267 16.36 16.43 16.64
N SER C 268 17.11 17.39 16.09
CA SER C 268 18.26 17.12 15.24
C SER C 268 19.35 18.16 15.56
N VAL C 269 20.50 17.71 16.05
CA VAL C 269 21.59 18.58 16.49
C VAL C 269 22.84 18.36 15.67
N ASP C 270 23.49 19.43 15.25
CA ASP C 270 24.85 19.34 14.74
C ASP C 270 25.80 19.15 15.91
N ALA C 271 25.99 17.90 16.32
CA ALA C 271 26.66 17.60 17.57
C ALA C 271 28.17 17.85 17.53
N HIS C 272 28.82 17.46 16.44
CA HIS C 272 30.26 17.56 16.33
C HIS C 272 30.70 17.98 14.95
N THR C 273 32.00 18.20 14.81
CA THR C 273 32.66 18.52 13.54
C THR C 273 33.19 17.27 12.80
N ALA C 274 32.88 16.08 13.27
CA ALA C 274 33.21 14.84 12.57
C ALA C 274 32.20 13.75 12.94
N GLU C 275 32.45 12.53 12.50
CA GLU C 275 31.57 11.41 12.74
C GLU C 275 31.26 11.29 14.21
N VAL C 276 30.03 10.99 14.54
CA VAL C 276 29.62 10.79 15.91
C VAL C 276 29.44 9.30 16.10
N ASN C 277 30.21 8.70 16.98
CA ASN C 277 30.27 7.26 17.09
C ASN C 277 29.48 6.63 18.21
N CYS C 278 29.08 7.42 19.20
CA CYS C 278 28.37 6.84 20.34
C CYS C 278 27.60 7.87 21.12
N LEU C 279 26.66 7.36 21.93
CA LEU C 279 25.91 8.16 22.87
C LEU C 279 25.52 7.33 24.06
N SER C 280 25.25 8.02 25.16
CA SER C 280 24.87 7.39 26.42
C SER C 280 24.09 8.38 27.26
N PHE C 281 22.87 7.98 27.64
CA PHE C 281 22.03 8.73 28.56
C PHE C 281 22.48 8.54 30.03
N ASN C 282 22.44 9.63 30.78
CA ASN C 282 22.81 9.59 32.19
C ASN C 282 21.71 8.89 32.97
N PRO C 283 22.04 7.84 33.73
CA PRO C 283 21.01 7.07 34.50
C PRO C 283 20.36 7.74 35.71
N TYR C 284 20.77 8.96 36.06
CA TYR C 284 20.17 9.69 37.17
C TYR C 284 19.54 10.98 36.69
N SER C 285 19.49 11.23 35.39
CA SER C 285 18.82 12.44 34.91
C SER C 285 18.22 12.25 33.55
N GLU C 286 16.90 12.35 33.51
CA GLU C 286 16.16 12.20 32.27
C GLU C 286 16.61 13.17 31.17
N PHE C 287 17.26 14.27 31.53
CA PHE C 287 17.66 15.29 30.56
C PHE C 287 19.10 15.24 30.01
N ILE C 288 20.00 14.58 30.72
CA ILE C 288 21.41 14.59 30.36
C ILE C 288 21.83 13.39 29.54
N LEU C 289 22.58 13.65 28.47
CA LEU C 289 23.26 12.61 27.73
C LEU C 289 24.63 13.04 27.24
N ALA C 290 25.43 12.07 26.81
CA ALA C 290 26.77 12.36 26.30
C ALA C 290 26.92 11.75 24.93
N THR C 291 27.66 12.42 24.06
CA THR C 291 28.04 11.83 22.78
C THR C 291 29.57 11.82 22.63
N GLY C 292 30.07 10.85 21.90
CA GLY C 292 31.48 10.73 21.58
C GLY C 292 31.68 10.77 20.08
N SER C 293 32.83 11.30 19.66
CA SER C 293 33.05 11.59 18.24
C SER C 293 34.48 11.37 17.77
N ALA C 294 34.58 11.21 16.45
CA ALA C 294 35.85 11.18 15.73
C ALA C 294 36.61 12.49 15.84
N ASP C 295 35.92 13.59 16.19
CA ASP C 295 36.58 14.86 16.49
C ASP C 295 37.32 14.87 17.82
N LYS C 296 37.38 13.73 18.49
CA LYS C 296 38.24 13.49 19.67
C LYS C 296 37.66 14.03 20.98
N THR C 297 36.37 14.39 20.98
CA THR C 297 35.72 14.99 22.14
C THR C 297 34.52 14.19 22.60
N VAL C 298 34.18 14.35 23.86
CA VAL C 298 32.92 13.92 24.38
C VAL C 298 32.13 15.19 24.61
N ALA C 299 30.84 15.17 24.23
CA ALA C 299 29.95 16.33 24.43
C ALA C 299 28.90 16.00 25.45
N LEU C 300 28.49 17.01 26.18
CA LEU C 300 27.49 16.90 27.19
C LEU C 300 26.24 17.66 26.74
N TRP C 301 25.10 17.00 26.75
CA TRP C 301 23.87 17.56 26.17
C TRP C 301 22.78 17.53 27.21
N ASP C 302 21.93 18.56 27.16
CA ASP C 302 20.69 18.65 27.91
C ASP C 302 19.51 18.70 26.93
N LEU C 303 18.61 17.73 27.02
CA LEU C 303 17.46 17.65 26.11
C LEU C 303 16.53 18.86 26.17
N ARG C 304 16.55 19.60 27.27
CA ARG C 304 15.78 20.83 27.38
C ARG C 304 16.34 22.03 26.60
N ASN C 305 17.58 21.92 26.09
CA ASN C 305 18.14 22.96 25.26
C ASN C 305 19.28 22.36 24.45
N LEU C 306 18.91 21.69 23.35
CA LEU C 306 19.88 21.05 22.47
C LEU C 306 20.61 21.98 21.50
N LYS C 307 20.15 23.20 21.31
CA LYS C 307 20.90 24.15 20.49
C LYS C 307 22.19 24.60 21.17
N LEU C 308 22.33 24.28 22.47
CA LEU C 308 23.53 24.59 23.24
C LEU C 308 24.16 23.32 23.82
N LYS C 309 25.40 23.07 23.45
CA LYS C 309 26.23 22.03 24.06
C LYS C 309 26.69 22.50 25.44
N LEU C 310 26.40 21.73 26.49
CA LEU C 310 26.82 22.10 27.85
C LEU C 310 28.31 22.13 28.08
N HIS C 311 29.02 21.12 27.62
CA HIS C 311 30.44 21.00 27.86
C HIS C 311 31.08 20.09 26.83
N SER C 312 32.38 20.24 26.66
CA SER C 312 33.16 19.40 25.78
C SER C 312 34.37 18.89 26.52
N PHE C 313 34.48 17.57 26.66
CA PHE C 313 35.62 16.92 27.30
C PHE C 313 36.70 16.66 26.26
N GLU C 314 37.74 17.49 26.27
CA GLU C 314 38.91 17.29 25.43
C GLU C 314 40.03 16.76 26.29
N SER C 315 40.53 15.60 25.91
CA SER C 315 41.85 15.15 26.32
C SER C 315 42.36 14.02 25.46
N HIS C 316 41.45 13.14 25.08
CA HIS C 316 41.76 12.07 24.18
C HIS C 316 42.70 12.48 23.01
N LYS C 317 43.54 11.52 22.68
CA LYS C 317 44.54 11.64 21.65
C LYS C 317 43.98 11.14 20.31
N ASP C 318 42.82 10.46 20.35
CA ASP C 318 42.24 9.89 19.15
C ASP C 318 40.72 9.84 19.24
N GLU C 319 40.09 9.13 18.31
CA GLU C 319 38.64 9.09 18.19
C GLU C 319 38.04 8.41 19.40
N ILE C 320 36.85 8.86 19.77
CA ILE C 320 36.06 8.21 20.80
C ILE C 320 35.08 7.27 20.12
N PHE C 321 35.01 6.06 20.61
CA PHE C 321 34.03 5.08 20.12
C PHE C 321 33.06 4.56 21.15
N GLN C 322 33.42 4.61 22.43
CA GLN C 322 32.52 4.20 23.48
C GLN C 322 32.53 5.27 24.55
N VAL C 323 31.35 5.52 25.15
CA VAL C 323 31.18 6.37 26.32
C VAL C 323 30.09 5.79 27.20
N GLN C 324 30.33 5.66 28.50
CA GLN C 324 29.42 5.03 29.46
C GLN C 324 29.43 5.80 30.77
N TRP C 325 28.23 6.10 31.29
CA TRP C 325 28.08 6.70 32.59
C TRP C 325 28.29 5.66 33.68
N SER C 326 28.76 6.09 34.84
CA SER C 326 28.84 5.21 35.98
C SER C 326 27.42 4.88 36.44
N PRO C 327 27.14 3.59 36.69
CA PRO C 327 25.88 3.20 37.30
C PRO C 327 25.68 3.60 38.76
N HIS C 328 26.76 4.02 39.42
CA HIS C 328 26.74 4.38 40.84
C HIS C 328 26.97 5.81 41.16
N ASN C 329 27.54 6.57 40.23
CA ASN C 329 27.86 7.98 40.49
C ASN C 329 27.37 8.89 39.38
N GLU C 330 26.38 9.73 39.67
CA GLU C 330 25.74 10.56 38.66
C GLU C 330 26.66 11.51 37.86
N THR C 331 27.80 11.87 38.44
CA THR C 331 28.74 12.79 37.80
C THR C 331 29.95 12.11 37.16
N ILE C 332 29.93 10.79 37.06
CA ILE C 332 31.09 10.04 36.54
C ILE C 332 30.80 9.37 35.22
N LEU C 333 31.68 9.58 34.25
CA LEU C 333 31.61 8.83 32.99
C LEU C 333 32.97 8.48 32.47
N ALA C 334 33.00 7.50 31.59
CA ALA C 334 34.24 7.05 31.01
C ALA C 334 34.08 7.06 29.52
N SER C 335 35.22 7.20 28.83
CA SER C 335 35.28 7.18 27.38
C SER C 335 36.49 6.39 26.91
N SER C 336 36.40 5.86 25.69
CA SER C 336 37.42 5.02 25.14
C SER C 336 37.35 5.06 23.64
N GLY C 337 38.37 4.54 22.97
CA GLY C 337 38.29 4.43 21.53
C GLY C 337 39.56 3.95 20.92
N THR C 338 40.10 4.73 19.97
CA THR C 338 41.13 4.23 19.07
C THR C 338 42.44 4.13 19.79
N ASP C 339 42.73 5.16 20.56
CA ASP C 339 43.88 5.14 21.40
C ASP C 339 43.78 4.06 22.50
N ARG C 340 44.92 3.63 23.02
CA ARG C 340 44.95 2.54 24.00
C ARG C 340 44.50 2.89 25.41
N ARG C 341 44.18 4.15 25.66
CA ARG C 341 43.77 4.60 26.99
C ARG C 341 42.27 4.81 27.12
N LEU C 342 41.81 4.58 28.35
CA LEU C 342 40.44 4.79 28.74
C LEU C 342 40.42 5.88 29.79
N ASN C 343 39.64 6.93 29.54
CA ASN C 343 39.54 8.09 30.44
C ASN C 343 38.29 8.06 31.28
N VAL C 344 38.45 8.46 32.53
CA VAL C 344 37.34 8.60 33.44
C VAL C 344 37.22 10.09 33.77
N TRP C 345 36.01 10.61 33.62
CA TRP C 345 35.69 12.01 33.84
C TRP C 345 34.81 12.20 35.06
N ASP C 346 35.03 13.29 35.78
CA ASP C 346 34.25 13.68 36.94
C ASP C 346 33.69 15.06 36.65
N LEU C 347 32.42 15.12 36.31
CA LEU C 347 31.71 16.38 36.03
C LEU C 347 31.75 17.38 37.18
N SER C 348 31.82 16.88 38.41
CA SER C 348 31.79 17.74 39.59
C SER C 348 33.04 18.60 39.77
N LYS C 349 34.11 18.25 39.05
CA LYS C 349 35.34 18.99 39.06
C LYS C 349 35.44 19.98 37.92
N ILE C 350 34.45 20.04 37.03
CA ILE C 350 34.45 21.05 35.93
C ILE C 350 34.51 22.44 36.54
N GLY C 351 35.41 23.27 36.01
CA GLY C 351 35.55 24.65 36.45
C GLY C 351 36.52 24.86 37.60
N GLU C 352 36.92 23.79 38.29
CA GLU C 352 37.84 23.83 39.45
C GLU C 352 39.15 24.54 39.08
N GLU C 353 39.67 25.32 40.02
CA GLU C 353 40.95 26.04 39.86
C GLU C 353 42.08 25.03 39.86
N GLN C 354 43.08 25.30 39.03
CA GLN C 354 44.23 24.44 38.91
C GLN C 354 45.47 25.28 38.87
N SER C 355 46.55 24.77 39.45
CA SER C 355 47.87 25.34 39.22
C SER C 355 48.25 25.14 37.76
N PRO C 356 49.10 26.01 37.21
CA PRO C 356 49.56 25.78 35.83
C PRO C 356 50.18 24.40 35.57
N GLU C 357 50.79 23.80 36.61
CA GLU C 357 51.40 22.46 36.53
C GLU C 357 50.35 21.39 36.37
N ASP C 358 49.31 21.47 37.19
CA ASP C 358 48.18 20.54 37.08
C ASP C 358 47.43 20.68 35.77
N ALA C 359 47.32 21.92 35.27
CA ALA C 359 46.73 22.19 33.97
C ALA C 359 47.41 21.40 32.86
N GLU C 360 48.73 21.20 32.95
CA GLU C 360 49.49 20.43 31.94
C GLU C 360 49.16 18.93 31.98
N ASP C 361 48.77 18.42 33.15
CA ASP C 361 48.34 17.03 33.27
C ASP C 361 46.99 16.76 32.59
N GLY C 362 46.21 17.83 32.38
CA GLY C 362 44.87 17.78 31.80
C GLY C 362 43.88 18.55 32.65
N PRO C 363 42.67 18.77 32.13
CA PRO C 363 41.66 19.52 32.85
C PRO C 363 41.27 18.80 34.12
N PRO C 364 40.72 19.53 35.09
CA PRO C 364 40.50 18.92 36.42
C PRO C 364 39.46 17.80 36.38
N GLU C 365 38.51 17.91 35.44
CA GLU C 365 37.51 16.89 35.24
C GLU C 365 38.03 15.53 34.70
N LEU C 366 39.27 15.49 34.23
CA LEU C 366 39.90 14.23 33.93
C LEU C 366 40.35 13.60 35.23
N LEU C 367 39.59 12.64 35.71
CA LEU C 367 39.86 12.00 36.98
C LEU C 367 40.95 10.96 36.90
N PHE C 368 40.93 10.12 35.89
CA PHE C 368 41.83 8.98 35.80
C PHE C 368 42.09 8.58 34.37
N ILE C 369 43.35 8.26 34.05
CA ILE C 369 43.71 7.69 32.78
C ILE C 369 44.13 6.24 33.00
N HIS C 370 43.41 5.28 32.41
CA HIS C 370 43.75 3.86 32.49
C HIS C 370 44.71 3.48 31.37
N GLY C 371 45.95 3.15 31.74
CA GLY C 371 47.02 2.80 30.76
C GLY C 371 47.35 1.32 30.51
N GLY C 372 46.52 0.43 31.07
CA GLY C 372 46.76 -1.02 30.98
C GLY C 372 46.72 -1.69 29.63
N HIS C 373 45.97 -1.15 28.69
CA HIS C 373 45.87 -1.76 27.37
C HIS C 373 46.99 -1.25 26.47
N THR C 374 47.44 -2.11 25.56
CA THR C 374 48.52 -1.77 24.61
C THR C 374 48.01 -1.67 23.16
N ALA C 375 46.69 -1.60 23.01
CA ALA C 375 46.03 -1.58 21.71
C ALA C 375 44.63 -0.98 21.87
N LYS C 376 44.03 -0.65 20.74
CA LYS C 376 42.67 -0.10 20.67
C LYS C 376 41.72 -0.83 21.60
N ILE C 377 40.96 -0.05 22.39
CA ILE C 377 39.92 -0.58 23.26
C ILE C 377 38.63 -0.68 22.45
N SER C 378 38.05 -1.86 22.44
CA SER C 378 36.87 -2.13 21.62
C SER C 378 35.57 -1.81 22.37
N ASP C 379 35.51 -2.20 23.64
CA ASP C 379 34.33 -1.95 24.46
C ASP C 379 34.74 -1.93 25.94
N PHE C 380 33.84 -1.47 26.78
CA PHE C 380 34.01 -1.59 28.21
C PHE C 380 32.68 -1.47 28.93
N SER C 381 32.67 -1.92 30.17
CA SER C 381 31.47 -1.97 30.95
C SER C 381 31.76 -1.72 32.42
N TRP C 382 31.02 -0.81 33.02
CA TRP C 382 31.03 -0.60 34.43
C TRP C 382 30.27 -1.73 35.10
N ASN C 383 30.83 -2.32 36.14
CA ASN C 383 30.16 -3.39 36.87
C ASN C 383 29.01 -2.75 37.64
N PRO C 384 27.78 -3.32 37.50
CA PRO C 384 26.61 -2.75 38.16
C PRO C 384 26.51 -3.06 39.65
N ASN C 385 27.40 -3.92 40.15
CA ASN C 385 27.30 -4.40 41.53
C ASN C 385 28.42 -4.02 42.46
N GLU C 386 29.66 -3.95 41.97
CA GLU C 386 30.76 -3.37 42.75
C GLU C 386 31.20 -1.99 42.12
N PRO C 387 30.95 -0.90 42.84
CA PRO C 387 31.34 0.42 42.37
C PRO C 387 32.78 0.53 41.90
N TRP C 388 33.01 1.34 40.88
CA TRP C 388 34.32 1.63 40.29
C TRP C 388 35.02 0.49 39.59
N VAL C 389 34.41 -0.69 39.56
CA VAL C 389 34.97 -1.79 38.80
C VAL C 389 34.54 -1.66 37.33
N ILE C 390 35.52 -1.80 36.45
CA ILE C 390 35.32 -1.70 35.02
C ILE C 390 35.93 -2.92 34.41
N CYS C 391 35.29 -3.45 33.35
CA CYS C 391 35.90 -4.43 32.48
C CYS C 391 36.08 -3.77 31.13
N SER C 392 37.29 -3.87 30.58
CA SER C 392 37.60 -3.34 29.28
C SER C 392 38.29 -4.43 28.45
N VAL C 393 38.01 -4.40 27.14
CA VAL C 393 38.56 -5.37 26.19
C VAL C 393 39.21 -4.69 24.97
N SER C 394 40.36 -5.19 24.57
CA SER C 394 41.12 -4.59 23.48
C SER C 394 41.42 -5.57 22.36
N GLU C 395 41.87 -5.00 21.24
CA GLU C 395 42.21 -5.74 20.02
C GLU C 395 43.39 -6.70 20.22
N ASP C 396 44.26 -6.43 21.18
CA ASP C 396 45.35 -7.35 21.54
C ASP C 396 44.91 -8.69 22.22
N ASN C 397 43.62 -8.95 22.37
CA ASN C 397 43.09 -10.16 23.06
C ASN C 397 42.97 -10.02 24.56
N ILE C 398 43.36 -8.88 25.12
CA ILE C 398 43.37 -8.73 26.57
C ILE C 398 42.02 -8.24 27.12
N MET C 399 41.55 -8.92 28.16
CA MET C 399 40.45 -8.49 28.97
C MET C 399 41.06 -8.06 30.29
N GLN C 400 40.75 -6.85 30.75
CA GLN C 400 41.14 -6.36 32.06
C GLN C 400 39.90 -6.04 32.89
N VAL C 401 39.89 -6.50 34.14
CA VAL C 401 38.88 -6.10 35.12
C VAL C 401 39.66 -5.28 36.14
N TRP C 402 39.26 -4.04 36.38
CA TRP C 402 40.04 -3.16 37.24
C TRP C 402 39.22 -2.16 38.01
N GLN C 403 39.84 -1.65 39.06
CA GLN C 403 39.25 -0.67 39.94
C GLN C 403 40.35 0.27 40.37
N MET C 404 40.25 1.54 40.02
CA MET C 404 41.25 2.53 40.41
C MET C 404 41.25 2.66 41.93
N ALA C 405 42.35 3.17 42.47
CA ALA C 405 42.55 3.29 43.89
C ALA C 405 41.55 4.25 44.52
N GLU C 406 41.03 3.85 45.66
CA GLU C 406 40.05 4.64 46.37
C GLU C 406 40.52 6.05 46.70
N ASN C 407 41.81 6.24 46.89
CA ASN C 407 42.30 7.57 47.24
C ASN C 407 42.17 8.55 46.06
N ILE C 408 42.07 8.03 44.85
CA ILE C 408 41.82 8.86 43.68
C ILE C 408 40.32 9.20 43.55
N TYR C 409 39.44 8.21 43.69
CA TYR C 409 37.99 8.47 43.51
C TYR C 409 37.26 9.04 44.71
N ASN C 410 37.82 8.92 45.92
CA ASN C 410 37.36 9.64 47.09
C ASN C 410 38.25 10.91 47.12
N ASP C 411 38.45 11.51 48.28
CA ASP C 411 39.21 12.76 48.43
C ASP C 411 38.68 13.89 47.53
N ARG D 7 51.12 -11.68 26.16
CA ARG D 7 51.81 -11.17 27.41
C ARG D 7 51.17 -11.66 28.71
N GLN D 8 52.01 -11.82 29.73
CA GLN D 8 51.67 -12.55 30.99
C GLN D 8 50.46 -11.97 31.72
N ALA D 9 49.50 -12.84 32.06
CA ALA D 9 48.32 -12.42 32.83
C ALA D 9 48.66 -12.28 34.29
N PHE D 10 47.98 -11.37 34.99
CA PHE D 10 48.19 -11.22 36.42
C PHE D 10 46.94 -10.83 37.22
N TYR D 11 47.09 -10.92 38.55
CA TYR D 11 46.09 -10.55 39.55
C TYR D 11 46.72 -9.63 40.59
N LEU D 12 46.06 -8.52 40.89
CA LEU D 12 46.53 -7.56 41.87
C LEU D 12 45.33 -7.16 42.70
N HIS D 13 45.37 -7.46 43.99
CA HIS D 13 44.42 -6.96 44.96
C HIS D 13 45.23 -6.24 46.02
N THR D 14 45.27 -4.92 45.97
CA THR D 14 46.33 -4.19 46.67
C THR D 14 46.16 -4.36 48.16
N THR D 15 47.26 -4.50 48.87
CA THR D 15 47.23 -4.70 50.33
C THR D 15 46.80 -3.47 51.10
N LYS D 16 46.25 -3.72 52.29
CA LYS D 16 45.79 -2.66 53.21
C LYS D 16 46.94 -1.72 53.56
N LEU D 17 48.13 -2.28 53.73
CA LEU D 17 49.33 -1.47 53.96
C LEU D 17 49.63 -0.50 52.78
N THR D 18 49.55 -0.99 51.53
CA THR D 18 49.75 -0.11 50.37
C THR D 18 48.66 0.99 50.30
N ARG D 19 47.41 0.65 50.61
CA ARG D 19 46.35 1.64 50.68
C ARG D 19 46.65 2.75 51.68
N ILE D 20 47.04 2.38 52.91
CA ILE D 20 47.37 3.43 53.92
C ILE D 20 48.66 4.20 53.57
N ALA D 21 49.60 3.52 52.92
CA ALA D 21 50.82 4.19 52.44
C ALA D 21 50.50 5.31 51.48
N ARG D 22 49.54 5.06 50.59
CA ARG D 22 49.13 6.04 49.60
C ARG D 22 48.60 7.31 50.27
N ARG D 23 47.91 7.13 51.40
CA ARG D 23 47.37 8.27 52.12
C ARG D 23 48.44 8.98 52.96
N LEU D 24 49.24 8.19 53.68
CA LEU D 24 50.38 8.75 54.42
C LEU D 24 51.37 9.54 53.58
N CYS D 25 51.68 9.01 52.41
CA CYS D 25 52.71 9.58 51.55
C CYS D 25 52.08 10.34 50.38
N ARG D 26 50.89 10.88 50.62
CA ARG D 26 50.16 11.74 49.72
C ARG D 26 51.05 12.76 48.99
N GLU D 27 51.95 13.38 49.73
CA GLU D 27 52.80 14.41 49.19
C GLU D 27 53.83 13.89 48.20
N ILE D 28 54.23 12.63 48.34
CA ILE D 28 55.20 11.99 47.46
C ILE D 28 54.49 11.42 46.25
N LEU D 29 53.44 10.65 46.51
CA LEU D 29 52.68 9.95 45.45
C LEU D 29 51.93 10.89 44.54
N ARG D 30 51.33 11.91 45.13
CA ARG D 30 50.61 12.94 44.39
C ARG D 30 49.55 12.33 43.48
N PRO D 31 48.52 11.67 44.06
CA PRO D 31 47.54 10.84 43.31
C PRO D 31 46.77 11.57 42.20
N TRP D 32 46.43 12.81 42.47
CA TRP D 32 45.85 13.72 41.48
C TRP D 32 46.68 13.84 40.20
N HIS D 33 48.00 13.82 40.35
CA HIS D 33 48.98 13.88 39.26
C HIS D 33 49.25 12.51 38.66
N ALA D 34 49.52 11.53 39.53
CA ALA D 34 49.74 10.13 39.10
C ALA D 34 48.62 9.51 38.29
N ALA D 35 47.37 9.83 38.67
CA ALA D 35 46.17 9.34 37.97
C ALA D 35 46.12 9.75 36.52
N ARG D 36 46.77 10.84 36.18
CA ARG D 36 46.87 11.28 34.78
C ARG D 36 48.25 11.01 34.13
N HIS D 37 49.06 10.17 34.77
CA HIS D 37 50.37 9.82 34.25
C HIS D 37 50.64 8.37 34.59
N PRO D 38 49.90 7.47 33.93
CA PRO D 38 50.14 6.04 34.06
C PRO D 38 51.57 5.63 33.68
N TYR D 39 52.18 6.38 32.77
CA TYR D 39 53.44 6.01 32.21
C TYR D 39 54.60 6.76 32.78
N LEU D 40 54.43 7.44 33.91
CA LEU D 40 55.53 7.95 34.71
C LEU D 40 55.76 7.01 35.89
N PRO D 41 57.02 6.62 36.13
CA PRO D 41 57.39 5.73 37.22
C PRO D 41 57.07 6.32 38.59
N ILE D 42 56.23 5.64 39.35
CA ILE D 42 55.85 6.11 40.68
C ILE D 42 56.88 5.70 41.73
N ASN D 43 57.45 6.68 42.43
CA ASN D 43 58.44 6.42 43.44
C ASN D 43 57.91 5.49 44.53
N SER D 44 58.10 4.18 44.33
CA SER D 44 57.63 3.19 45.29
C SER D 44 58.61 3.09 46.45
N ALA D 45 59.90 3.03 46.12
CA ALA D 45 60.95 2.95 47.14
C ALA D 45 60.81 4.07 48.16
N ALA D 46 60.79 5.33 47.69
CA ALA D 46 60.54 6.48 48.57
C ALA D 46 59.24 6.33 49.40
N ILE D 47 58.17 5.86 48.77
CA ILE D 47 56.87 5.71 49.43
C ILE D 47 56.94 4.69 50.54
N LYS D 48 57.57 3.54 50.24
CA LYS D 48 57.73 2.47 51.23
C LYS D 48 58.53 2.92 52.44
N ALA D 49 59.66 3.57 52.18
CA ALA D 49 60.51 4.13 53.23
C ALA D 49 59.79 5.14 54.14
N GLU D 50 59.17 6.16 53.54
CA GLU D 50 58.47 7.17 54.33
C GLU D 50 57.26 6.59 55.08
N CYS D 51 56.63 5.56 54.51
CA CYS D 51 55.51 4.86 55.16
C CYS D 51 56.00 4.11 56.39
N THR D 52 56.99 3.23 56.19
CA THR D 52 57.58 2.47 57.34
C THR D 52 58.08 3.41 58.45
N ALA D 53 58.57 4.59 58.08
CA ALA D 53 59.07 5.57 59.05
C ALA D 53 57.93 6.23 59.83
N ARG D 54 56.88 6.67 59.13
CA ARG D 54 55.78 7.42 59.78
C ARG D 54 54.61 6.53 60.18
N LEU D 55 54.84 5.23 60.33
CA LEU D 55 53.77 4.28 60.65
C LEU D 55 53.13 4.50 62.06
N PRO D 56 53.91 5.01 63.05
CA PRO D 56 53.23 5.56 64.24
C PRO D 56 52.31 6.74 63.88
N GLU D 57 51.59 7.30 64.85
CA GLU D 57 50.50 8.27 64.57
C GLU D 57 49.40 7.63 63.72
N ALA D 68 34.08 10.45 50.76
CA ALA D 68 34.24 11.75 50.12
C ALA D 68 33.00 12.17 49.32
N VAL D 69 32.42 13.28 49.73
CA VAL D 69 31.14 13.76 49.20
C VAL D 69 31.33 14.51 47.86
N ARG D 70 30.42 14.25 46.93
CA ARG D 70 30.44 14.91 45.62
C ARG D 70 29.30 15.90 45.45
N LYS D 71 29.56 16.91 44.64
CA LYS D 71 28.55 17.89 44.30
C LYS D 71 27.46 17.21 43.49
N PRO D 72 26.17 17.47 43.81
CA PRO D 72 25.11 16.83 42.99
C PRO D 72 25.09 17.26 41.52
N LEU D 73 24.62 16.39 40.66
CA LEU D 73 24.57 16.68 39.25
C LEU D 73 23.76 17.95 39.01
N GLU D 74 22.65 18.10 39.73
CA GLU D 74 21.79 19.30 39.66
C GLU D 74 22.59 20.60 39.87
N ALA D 75 23.49 20.55 40.85
CA ALA D 75 24.42 21.66 41.12
C ALA D 75 25.41 21.86 39.98
N VAL D 76 25.98 20.77 39.47
CA VAL D 76 26.90 20.87 38.33
C VAL D 76 26.22 21.51 37.13
N LEU D 77 25.00 21.06 36.80
CA LEU D 77 24.24 21.65 35.69
C LEU D 77 23.96 23.14 35.90
N ARG D 78 23.53 23.51 37.11
CA ARG D 78 23.34 24.91 37.45
C ARG D 78 24.61 25.75 37.28
N TYR D 79 25.76 25.22 37.70
CA TYR D 79 27.03 25.85 37.40
C TYR D 79 27.27 25.98 35.89
N LEU D 80 27.06 24.90 35.15
CA LEU D 80 27.38 24.89 33.71
C LEU D 80 26.52 25.82 32.89
N GLU D 81 25.21 25.77 33.10
CA GLU D 81 24.29 26.69 32.42
C GLU D 81 24.45 28.21 32.79
N THR D 82 25.15 28.50 33.89
CA THR D 82 25.55 29.88 34.25
C THR D 82 27.02 30.24 33.93
N HIS D 83 27.78 29.30 33.35
CA HIS D 83 29.14 29.55 32.89
C HIS D 83 29.29 28.93 31.52
N PRO D 84 28.65 29.53 30.50
CA PRO D 84 28.71 28.95 29.15
C PRO D 84 30.16 28.87 28.58
N ARG D 85 30.35 27.91 27.67
CA ARG D 85 31.70 27.50 27.23
C ARG D 85 32.34 28.47 26.24
N ASP E 10 3.68 21.87 -15.06
CA ASP E 10 3.94 23.05 -14.23
C ASP E 10 4.01 24.31 -15.08
N ALA E 11 5.19 24.92 -15.12
CA ALA E 11 5.40 26.15 -15.90
C ALA E 11 6.23 25.88 -17.15
N VAL E 12 7.22 25.01 -16.98
CA VAL E 12 8.12 24.64 -18.05
C VAL E 12 7.34 23.73 -18.96
N GLU E 13 6.79 22.67 -18.38
CA GLU E 13 5.96 21.76 -19.18
C GLU E 13 4.85 22.51 -19.90
N GLU E 14 4.28 23.52 -19.24
CA GLU E 14 3.22 24.33 -19.86
C GLU E 14 3.76 25.04 -21.10
N ARG E 15 4.98 25.55 -21.02
CA ARG E 15 5.61 26.25 -22.12
C ARG E 15 5.76 25.26 -23.26
N VAL E 16 6.44 24.15 -22.99
CA VAL E 16 6.62 23.09 -24.00
C VAL E 16 5.31 22.76 -24.70
N ILE E 17 4.26 22.48 -23.93
CA ILE E 17 2.93 22.21 -24.49
C ILE E 17 2.45 23.35 -25.40
N ASN E 18 2.64 24.58 -24.98
CA ASN E 18 2.23 25.73 -25.79
C ASN E 18 3.01 25.82 -27.07
N GLU E 19 4.31 25.58 -26.99
CA GLU E 19 5.16 25.56 -28.18
C GLU E 19 4.68 24.49 -29.17
N GLU E 20 4.42 23.29 -28.67
CA GLU E 20 3.95 22.22 -29.51
C GLU E 20 2.61 22.52 -30.14
N TYR E 21 1.73 23.20 -29.41
CA TYR E 21 0.44 23.59 -29.97
C TYR E 21 0.61 24.57 -31.14
N LYS E 22 1.52 25.54 -31.02
CA LYS E 22 1.83 26.49 -32.06
C LYS E 22 2.39 25.81 -33.30
N ILE E 23 3.18 24.76 -33.13
CA ILE E 23 3.72 24.02 -34.27
C ILE E 23 2.60 23.27 -34.97
N TRP E 24 1.79 22.54 -34.20
CA TRP E 24 0.60 21.86 -34.69
C TRP E 24 -0.31 22.80 -35.47
N LYS E 25 -0.61 23.95 -34.90
CA LYS E 25 -1.51 24.91 -35.55
C LYS E 25 -1.01 25.39 -36.91
N LYS E 26 0.26 25.68 -36.99
CA LYS E 26 0.86 26.10 -38.24
C LYS E 26 0.87 24.96 -39.27
N ASN E 27 0.94 23.72 -38.78
CA ASN E 27 0.92 22.52 -39.62
C ASN E 27 -0.48 22.20 -40.13
N THR E 28 -1.53 22.79 -39.58
CA THR E 28 -2.88 22.30 -39.80
C THR E 28 -3.36 22.21 -41.25
N PRO E 29 -2.95 23.15 -42.13
CA PRO E 29 -3.41 23.02 -43.50
C PRO E 29 -2.88 21.82 -44.24
N PHE E 30 -1.73 21.28 -43.80
CA PHE E 30 -1.15 20.07 -44.38
C PHE E 30 -1.63 18.73 -43.79
N LEU E 31 -2.18 18.79 -42.59
CA LEU E 31 -2.70 17.65 -41.89
C LEU E 31 -4.20 17.59 -41.88
N TYR E 32 -4.90 18.70 -42.07
CA TYR E 32 -6.38 18.68 -41.99
C TYR E 32 -7.06 19.29 -43.20
N ASP E 33 -8.31 18.91 -43.44
CA ASP E 33 -9.22 19.62 -44.33
C ASP E 33 -10.24 20.52 -43.59
N LEU E 34 -10.44 20.27 -42.31
CA LEU E 34 -11.28 21.12 -41.50
C LEU E 34 -10.77 21.09 -40.08
N VAL E 35 -10.64 22.27 -39.46
CA VAL E 35 -10.44 22.42 -38.04
C VAL E 35 -11.25 23.62 -37.58
N MET E 36 -12.11 23.44 -36.60
CA MET E 36 -12.88 24.51 -35.97
C MET E 36 -12.64 24.31 -34.49
N THR E 37 -12.29 25.37 -33.78
CA THR E 37 -12.16 25.24 -32.33
C THR E 37 -13.11 26.20 -31.62
N HIS E 38 -13.37 25.92 -30.35
CA HIS E 38 -14.25 26.74 -29.56
C HIS E 38 -13.98 26.50 -28.06
N ALA E 39 -13.81 27.58 -27.31
CA ALA E 39 -13.61 27.51 -25.87
C ALA E 39 -14.97 27.48 -25.17
N LEU E 40 -15.24 26.40 -24.46
CA LEU E 40 -16.50 26.28 -23.73
C LEU E 40 -16.32 26.99 -22.42
N GLU E 41 -17.44 27.47 -21.87
CA GLU E 41 -17.44 28.13 -20.57
C GLU E 41 -16.90 27.20 -19.50
N TRP E 42 -17.41 25.97 -19.53
CA TRP E 42 -16.93 24.89 -18.67
C TRP E 42 -16.53 23.70 -19.54
N PRO E 43 -15.56 22.91 -19.05
CA PRO E 43 -15.19 21.72 -19.77
C PRO E 43 -16.33 20.67 -19.80
N SER E 44 -16.47 20.01 -20.93
CA SER E 44 -17.42 18.93 -21.07
C SER E 44 -16.67 17.66 -20.91
N LEU E 45 -17.29 16.71 -20.22
CA LEU E 45 -16.77 15.34 -20.12
C LEU E 45 -17.39 14.40 -21.15
N THR E 46 -18.36 14.90 -21.92
CA THR E 46 -19.13 14.10 -22.86
C THR E 46 -19.26 14.84 -24.16
N ALA E 47 -19.38 14.07 -25.23
CA ALA E 47 -19.68 14.63 -26.54
C ALA E 47 -20.29 13.55 -27.37
N GLN E 48 -21.37 13.90 -28.06
CA GLN E 48 -22.03 12.99 -28.98
C GLN E 48 -22.75 13.81 -30.01
N TRP E 49 -22.51 13.53 -31.29
CA TRP E 49 -23.30 14.12 -32.36
C TRP E 49 -24.69 13.52 -32.31
N LEU E 50 -25.70 14.36 -32.48
CA LEU E 50 -27.07 13.92 -32.79
C LEU E 50 -27.16 13.57 -34.27
N PRO E 51 -28.14 12.73 -34.64
CA PRO E 51 -28.23 12.24 -36.03
C PRO E 51 -28.75 13.23 -37.04
N ASP E 52 -29.53 14.21 -36.60
CA ASP E 52 -30.13 15.19 -37.53
C ASP E 52 -29.10 16.13 -38.17
N VAL E 53 -29.28 16.41 -39.46
CA VAL E 53 -28.57 17.51 -40.11
C VAL E 53 -29.58 18.35 -40.92
N THR E 54 -29.59 19.66 -40.72
CA THR E 54 -30.49 20.55 -41.42
C THR E 54 -29.67 21.31 -42.47
N ARG E 55 -30.26 21.55 -43.65
CA ARG E 55 -29.50 22.11 -44.80
C ARG E 55 -30.10 23.46 -45.28
N PRO E 56 -29.73 24.57 -44.57
CA PRO E 56 -30.42 25.84 -44.80
C PRO E 56 -30.26 26.26 -46.24
N GLU E 57 -31.40 26.59 -46.86
CA GLU E 57 -31.45 26.93 -48.27
C GLU E 57 -30.49 28.07 -48.62
N GLY E 58 -29.79 27.91 -49.75
CA GLY E 58 -28.90 28.95 -50.27
C GLY E 58 -27.48 28.94 -49.73
N LYS E 59 -27.27 28.18 -48.64
CA LYS E 59 -26.00 28.20 -47.90
C LYS E 59 -25.07 27.09 -48.37
N ASP E 60 -23.77 27.38 -48.37
CA ASP E 60 -22.73 26.40 -48.70
C ASP E 60 -22.21 25.62 -47.44
N PHE E 61 -23.07 25.48 -46.42
CA PHE E 61 -22.80 24.66 -45.27
C PHE E 61 -24.06 23.92 -44.88
N SER E 62 -23.90 22.97 -43.94
CA SER E 62 -25.02 22.30 -43.27
C SER E 62 -24.89 22.45 -41.78
N ILE E 63 -25.99 22.30 -41.07
CA ILE E 63 -26.01 22.39 -39.59
C ILE E 63 -26.06 21.01 -38.95
N HIS E 64 -25.15 20.78 -38.01
CA HIS E 64 -25.04 19.54 -37.26
C HIS E 64 -25.11 19.92 -35.81
N ARG E 65 -25.45 18.97 -34.95
CA ARG E 65 -25.61 19.27 -33.53
C ARG E 65 -24.97 18.24 -32.58
N LEU E 66 -24.52 18.72 -31.42
CA LEU E 66 -23.80 17.95 -30.45
C LEU E 66 -24.47 18.02 -29.10
N VAL E 67 -24.47 16.92 -28.36
CA VAL E 67 -24.84 16.92 -26.95
C VAL E 67 -23.53 17.02 -26.15
N LEU E 68 -23.45 18.04 -25.31
CA LEU E 68 -22.32 18.25 -24.41
C LEU E 68 -22.87 18.42 -23.02
N GLY E 69 -21.97 18.50 -22.05
CA GLY E 69 -22.34 18.74 -20.67
C GLY E 69 -21.35 19.69 -20.04
N THR E 70 -21.45 19.86 -18.72
CA THR E 70 -20.56 20.75 -17.99
C THR E 70 -20.01 20.03 -16.78
N HIS E 71 -18.74 20.29 -16.49
CA HIS E 71 -18.06 19.76 -15.31
C HIS E 71 -17.58 20.97 -14.53
N THR E 72 -18.48 21.48 -13.69
CA THR E 72 -18.15 22.50 -12.68
C THR E 72 -18.69 22.04 -11.34
N SER E 73 -18.04 22.48 -10.26
CA SER E 73 -18.44 22.16 -8.86
C SER E 73 -18.98 23.32 -8.02
N ASP E 74 -18.78 24.57 -8.46
CA ASP E 74 -19.21 25.77 -7.74
C ASP E 74 -20.28 26.56 -8.49
N GLU E 75 -20.73 26.04 -9.63
CA GLU E 75 -21.75 26.71 -10.45
C GLU E 75 -22.79 25.72 -10.96
N GLN E 76 -23.92 26.27 -11.44
CA GLN E 76 -25.00 25.49 -12.02
C GLN E 76 -24.58 24.77 -13.32
N ASN E 77 -24.56 23.42 -13.24
CA ASN E 77 -24.29 22.58 -14.38
C ASN E 77 -25.40 22.67 -15.43
N HIS E 78 -25.04 22.40 -16.68
CA HIS E 78 -25.98 22.38 -17.77
C HIS E 78 -25.78 21.16 -18.68
N LEU E 79 -26.89 20.60 -19.15
CA LEU E 79 -26.90 19.69 -20.28
C LEU E 79 -27.04 20.64 -21.47
N VAL E 80 -26.15 20.50 -22.44
CA VAL E 80 -25.99 21.50 -23.49
C VAL E 80 -26.23 20.80 -24.82
N ILE E 81 -26.82 21.53 -25.76
CA ILE E 81 -26.88 21.14 -27.14
C ILE E 81 -26.32 22.28 -27.95
N ALA E 82 -25.32 21.99 -28.79
CA ALA E 82 -24.65 23.01 -29.58
C ALA E 82 -24.89 22.71 -31.02
N SER E 83 -24.95 23.74 -31.85
CA SER E 83 -25.02 23.59 -33.30
C SER E 83 -23.62 23.84 -33.89
N VAL E 84 -23.35 23.25 -35.06
CA VAL E 84 -22.05 23.36 -35.72
C VAL E 84 -22.29 23.47 -37.21
N GLN E 85 -21.71 24.50 -37.84
CA GLN E 85 -21.74 24.63 -39.29
C GLN E 85 -20.62 23.87 -39.98
N LEU E 86 -20.99 22.94 -40.85
CA LEU E 86 -19.99 22.15 -41.59
C LEU E 86 -20.06 22.48 -43.09
N PRO E 87 -18.90 22.84 -43.70
CA PRO E 87 -18.83 23.17 -45.13
C PRO E 87 -19.23 22.05 -46.07
N ASN E 88 -19.98 22.39 -47.13
CA ASN E 88 -20.29 21.47 -48.22
C ASN E 88 -19.14 21.52 -49.18
N ASP E 89 -19.11 20.60 -50.14
CA ASP E 89 -18.30 20.81 -51.36
C ASP E 89 -19.00 21.91 -52.20
N GLY E 103 -5.87 30.69 -56.13
CA GLY E 103 -4.45 30.29 -56.03
C GLY E 103 -3.75 30.84 -54.79
N GLU E 104 -4.16 30.35 -53.62
CA GLU E 104 -3.63 30.81 -52.30
C GLU E 104 -3.55 29.65 -51.28
N PHE E 105 -2.45 29.59 -50.52
CA PHE E 105 -2.25 28.52 -49.51
C PHE E 105 -2.94 28.85 -48.18
N GLY E 106 -3.13 27.81 -47.36
CA GLY E 106 -3.72 27.95 -46.04
C GLY E 106 -5.22 27.68 -46.05
N GLY E 107 -6.00 28.67 -45.64
CA GLY E 107 -7.47 28.52 -45.47
C GLY E 107 -8.02 28.95 -44.12
N PHE E 108 -7.26 29.78 -43.39
CA PHE E 108 -7.67 30.23 -42.07
C PHE E 108 -8.68 31.35 -42.21
N GLY E 109 -9.66 31.33 -41.30
CA GLY E 109 -10.68 32.33 -41.21
C GLY E 109 -11.24 32.42 -39.80
N SER E 110 -12.35 33.15 -39.69
CA SER E 110 -13.04 33.36 -38.44
C SER E 110 -13.91 32.11 -38.11
N VAL E 111 -14.08 31.84 -36.83
CA VAL E 111 -15.03 30.83 -36.38
C VAL E 111 -16.37 31.43 -35.92
N SER E 112 -16.44 32.75 -35.85
CA SER E 112 -17.56 33.43 -35.21
C SER E 112 -18.86 32.90 -35.78
N GLY E 113 -19.73 32.45 -34.87
CA GLY E 113 -21.06 31.97 -35.24
C GLY E 113 -21.16 30.64 -35.94
N LYS E 114 -20.04 29.96 -36.12
CA LYS E 114 -20.04 28.63 -36.72
C LYS E 114 -20.40 27.58 -35.68
N ILE E 115 -20.13 27.88 -34.41
CA ILE E 115 -20.43 27.00 -33.29
C ILE E 115 -21.21 27.79 -32.27
N GLU E 116 -22.47 27.43 -32.09
CA GLU E 116 -23.37 28.14 -31.18
C GLU E 116 -24.01 27.16 -30.20
N ILE E 117 -24.32 27.65 -29.00
CA ILE E 117 -25.12 26.90 -28.02
C ILE E 117 -26.59 27.16 -28.31
N GLU E 118 -27.36 26.12 -28.55
CA GLU E 118 -28.80 26.21 -28.83
C GLU E 118 -29.64 26.01 -27.58
N ILE E 119 -29.24 25.04 -26.76
CA ILE E 119 -30.00 24.68 -25.57
C ILE E 119 -29.10 24.53 -24.35
N LYS E 120 -29.56 25.01 -23.21
CA LYS E 120 -28.94 24.73 -21.93
C LYS E 120 -30.08 24.30 -21.00
N ILE E 121 -29.84 23.27 -20.21
CA ILE E 121 -30.86 22.72 -19.34
C ILE E 121 -30.20 22.49 -18.02
N ASN E 122 -30.73 23.08 -16.95
CA ASN E 122 -30.11 22.94 -15.63
C ASN E 122 -30.01 21.43 -15.30
N HIS E 123 -28.91 21.06 -14.66
CA HIS E 123 -28.59 19.65 -14.39
C HIS E 123 -27.96 19.58 -13.02
N GLU E 124 -28.50 18.72 -12.14
CA GLU E 124 -27.96 18.56 -10.78
C GLU E 124 -26.77 17.67 -10.88
N GLY E 125 -25.63 18.13 -10.36
CA GLY E 125 -24.39 17.39 -10.51
C GLY E 125 -23.79 17.58 -11.90
N GLU E 126 -22.53 17.16 -12.05
CA GLU E 126 -21.81 17.26 -13.34
C GLU E 126 -22.34 16.20 -14.27
N VAL E 127 -22.38 16.54 -15.55
CA VAL E 127 -22.77 15.59 -16.60
C VAL E 127 -21.56 14.72 -16.94
N ASN E 128 -21.48 13.53 -16.34
CA ASN E 128 -20.37 12.60 -16.57
C ASN E 128 -20.42 11.91 -17.93
N ARG E 129 -21.64 11.70 -18.42
CA ARG E 129 -21.88 11.26 -19.78
C ARG E 129 -23.31 11.59 -20.17
N ALA E 130 -23.54 11.88 -21.43
CA ALA E 130 -24.87 12.12 -21.93
C ALA E 130 -25.03 11.48 -23.28
N ARG E 131 -26.08 10.68 -23.41
CA ARG E 131 -26.33 9.90 -24.63
C ARG E 131 -27.78 10.03 -25.03
N TYR E 132 -28.04 10.25 -26.32
CA TYR E 132 -29.39 10.38 -26.81
C TYR E 132 -29.98 8.99 -27.08
N MET E 133 -31.29 8.86 -26.91
CA MET E 133 -32.00 7.60 -27.22
C MET E 133 -32.17 7.43 -28.74
N PRO E 134 -31.62 6.36 -29.32
CA PRO E 134 -31.63 6.26 -30.78
C PRO E 134 -33.03 6.24 -31.37
N GLN E 135 -33.96 5.60 -30.68
CA GLN E 135 -35.41 5.69 -30.98
C GLN E 135 -35.71 6.98 -30.26
N ASN E 136 -36.17 7.99 -30.97
CA ASN E 136 -36.42 9.35 -30.39
C ASN E 136 -35.24 10.19 -29.75
N PRO E 137 -34.40 10.79 -30.62
CA PRO E 137 -33.26 11.62 -30.25
C PRO E 137 -33.52 12.88 -29.44
N CYS E 138 -34.77 13.22 -29.17
CA CYS E 138 -35.08 14.28 -28.22
C CYS E 138 -34.78 13.87 -26.76
N ILE E 139 -34.75 12.57 -26.48
CA ILE E 139 -34.59 12.09 -25.11
C ILE E 139 -33.12 11.86 -24.84
N ILE E 140 -32.56 12.58 -23.88
CA ILE E 140 -31.14 12.45 -23.51
C ILE E 140 -31.08 11.85 -22.12
N ALA E 141 -30.29 10.79 -21.96
CA ALA E 141 -30.00 10.23 -20.64
C ALA E 141 -28.67 10.79 -20.18
N THR E 142 -28.56 11.10 -18.90
CA THR E 142 -27.30 11.59 -18.36
C THR E 142 -26.87 10.80 -17.13
N LYS E 143 -25.58 10.77 -16.92
CA LYS E 143 -24.96 10.01 -15.88
C LYS E 143 -24.43 11.06 -14.96
N THR E 144 -24.82 10.95 -13.69
CA THR E 144 -24.46 11.90 -12.65
C THR E 144 -23.34 11.23 -11.87
N PRO E 145 -22.72 11.96 -10.93
CA PRO E 145 -21.71 11.29 -10.06
C PRO E 145 -22.34 10.36 -9.01
N SER E 146 -23.65 10.55 -8.77
CA SER E 146 -24.44 9.76 -7.81
C SER E 146 -24.89 8.33 -8.20
N SER E 147 -24.76 7.94 -9.46
CA SER E 147 -25.19 6.60 -9.96
C SER E 147 -26.69 6.47 -10.27
N ASP E 148 -27.48 7.50 -9.94
CA ASP E 148 -28.76 7.69 -10.60
C ASP E 148 -28.51 8.25 -12.01
N VAL E 149 -29.42 7.93 -12.92
CA VAL E 149 -29.37 8.40 -14.29
C VAL E 149 -30.57 9.29 -14.50
N LEU E 150 -30.38 10.49 -15.02
CA LEU E 150 -31.49 11.38 -15.28
C LEU E 150 -31.86 11.31 -16.74
N VAL E 151 -33.14 11.47 -17.06
CA VAL E 151 -33.58 11.47 -18.43
C VAL E 151 -34.32 12.79 -18.71
N PHE E 152 -33.96 13.44 -19.81
CA PHE E 152 -34.53 14.72 -20.20
C PHE E 152 -35.05 14.63 -21.62
N ASP E 153 -36.21 15.25 -21.85
CA ASP E 153 -36.70 15.48 -23.20
C ASP E 153 -36.44 16.95 -23.39
N TYR E 154 -35.52 17.31 -24.30
CA TYR E 154 -35.11 18.75 -24.42
C TYR E 154 -36.16 19.63 -25.12
N THR E 155 -37.13 19.01 -25.79
CA THR E 155 -38.29 19.75 -26.30
C THR E 155 -39.28 20.19 -25.16
N LYS E 156 -39.20 19.54 -24.00
CA LYS E 156 -40.03 19.86 -22.83
C LYS E 156 -39.34 20.76 -21.81
N HIS E 157 -38.34 21.55 -22.24
CA HIS E 157 -37.74 22.56 -21.37
C HIS E 157 -37.57 23.84 -22.19
N PRO E 158 -37.41 25.00 -21.50
CA PRO E 158 -37.03 26.22 -22.26
C PRO E 158 -35.58 26.13 -22.73
N SER E 159 -35.28 26.69 -23.89
CA SER E 159 -33.92 26.61 -24.45
C SER E 159 -32.87 27.40 -23.64
N LYS E 160 -33.26 28.51 -23.03
CA LYS E 160 -32.39 29.22 -22.07
C LYS E 160 -33.06 29.20 -20.70
N PRO E 161 -32.45 28.50 -19.73
CA PRO E 161 -33.09 28.33 -18.44
C PRO E 161 -33.12 29.62 -17.63
N ASP E 162 -33.99 29.64 -16.63
CA ASP E 162 -34.30 30.84 -15.84
C ASP E 162 -33.20 31.17 -14.80
N PRO E 163 -33.37 32.29 -14.04
CA PRO E 163 -32.49 32.53 -12.89
C PRO E 163 -32.49 31.39 -11.88
N SER E 164 -31.40 31.33 -11.13
CA SER E 164 -31.01 30.10 -10.48
C SER E 164 -31.21 30.12 -8.96
N GLY E 165 -31.25 28.90 -8.43
CA GLY E 165 -31.47 28.58 -7.00
C GLY E 165 -30.74 27.26 -6.75
N GLU E 166 -29.43 27.33 -6.93
CA GLU E 166 -28.58 26.16 -6.96
C GLU E 166 -28.23 25.78 -5.53
N CYS E 167 -28.06 24.49 -5.30
CA CYS E 167 -27.54 24.00 -4.04
C CYS E 167 -26.05 24.34 -3.92
N ASN E 168 -25.71 25.08 -2.86
CA ASN E 168 -24.32 25.54 -2.58
C ASN E 168 -23.79 24.86 -1.34
N PRO E 169 -23.45 23.56 -1.44
CA PRO E 169 -22.90 22.90 -0.25
C PRO E 169 -21.52 23.44 0.08
N ASP E 170 -21.30 23.74 1.34
CA ASP E 170 -19.97 24.19 1.78
C ASP E 170 -18.94 23.06 1.75
N LEU E 171 -19.41 21.82 1.81
CA LEU E 171 -18.56 20.67 1.49
C LEU E 171 -19.44 19.60 0.88
N ARG E 172 -18.83 18.77 0.02
CA ARG E 172 -19.48 17.58 -0.49
C ARG E 172 -18.59 16.41 -0.15
N LEU E 173 -19.03 15.57 0.79
CA LEU E 173 -18.26 14.39 1.19
C LEU E 173 -18.63 13.29 0.22
N ARG E 174 -17.65 12.88 -0.59
CA ARG E 174 -17.84 11.89 -1.64
C ARG E 174 -17.69 10.45 -1.09
N GLY E 175 -18.59 9.58 -1.54
CA GLY E 175 -18.67 8.20 -1.02
C GLY E 175 -17.90 7.16 -1.80
N HIS E 176 -17.64 7.43 -3.09
CA HIS E 176 -16.75 6.58 -3.94
C HIS E 176 -15.73 7.42 -4.67
N GLN E 177 -14.50 6.93 -4.73
CA GLN E 177 -13.40 7.60 -5.43
C GLN E 177 -13.59 7.64 -6.97
N LYS E 178 -13.78 6.46 -7.59
CA LYS E 178 -14.11 6.34 -9.03
C LYS E 178 -15.55 5.88 -9.20
N GLU E 179 -16.21 6.43 -10.21
CA GLU E 179 -17.55 6.03 -10.62
C GLU E 179 -17.49 5.90 -12.15
N GLY E 180 -17.86 4.74 -12.68
CA GLY E 180 -17.76 4.46 -14.11
C GLY E 180 -18.84 5.20 -14.88
N TYR E 181 -18.52 5.63 -16.09
CA TYR E 181 -19.40 6.48 -16.88
C TYR E 181 -20.31 5.72 -17.83
N GLY E 182 -20.14 4.41 -17.87
CA GLY E 182 -20.95 3.51 -18.70
C GLY E 182 -22.45 3.82 -18.78
N LEU E 183 -22.93 4.10 -20.01
CA LEU E 183 -24.27 4.46 -20.27
C LEU E 183 -24.63 4.11 -21.73
N SER E 184 -25.47 3.11 -21.94
CA SER E 184 -25.85 2.65 -23.27
C SER E 184 -27.36 2.41 -23.40
N TRP E 185 -27.98 3.01 -24.41
CA TRP E 185 -29.35 2.72 -24.79
C TRP E 185 -29.37 1.52 -25.69
N ASN E 186 -30.35 0.64 -25.54
CA ASN E 186 -30.56 -0.44 -26.53
C ASN E 186 -31.14 0.14 -27.83
N PRO E 187 -30.40 -0.01 -28.96
CA PRO E 187 -30.89 0.52 -30.22
C PRO E 187 -31.93 -0.37 -30.93
N ASN E 188 -32.26 -1.53 -30.34
CA ASN E 188 -33.26 -2.48 -30.86
C ASN E 188 -34.43 -2.70 -29.90
N LEU E 189 -34.32 -2.35 -28.63
CA LEU E 189 -35.45 -2.30 -27.69
C LEU E 189 -35.61 -0.90 -27.12
N SER E 190 -36.62 -0.17 -27.58
CA SER E 190 -36.81 1.20 -27.16
C SER E 190 -36.93 1.31 -25.64
N GLY E 191 -36.14 2.21 -25.06
CA GLY E 191 -36.23 2.50 -23.63
C GLY E 191 -35.46 1.61 -22.69
N HIS E 192 -34.83 0.55 -23.22
CA HIS E 192 -33.96 -0.28 -22.39
C HIS E 192 -32.58 0.40 -22.25
N LEU E 193 -32.15 0.64 -21.02
CA LEU E 193 -30.97 1.44 -20.76
C LEU E 193 -30.05 0.76 -19.78
N LEU E 194 -28.78 0.58 -20.16
CA LEU E 194 -27.78 0.05 -19.26
C LEU E 194 -26.91 1.15 -18.67
N SER E 195 -26.47 0.95 -17.44
CA SER E 195 -25.52 1.84 -16.80
C SER E 195 -24.65 1.11 -15.79
N ALA E 196 -23.46 1.64 -15.56
CA ALA E 196 -22.54 1.09 -14.59
C ALA E 196 -22.92 1.71 -13.26
N SER E 197 -23.33 0.88 -12.30
CA SER E 197 -23.55 1.33 -10.94
C SER E 197 -22.23 1.43 -10.17
N ASP E 198 -22.33 1.99 -8.95
CA ASP E 198 -21.16 2.30 -8.10
C ASP E 198 -20.68 1.17 -7.16
N ASP E 199 -21.29 -0.02 -7.27
CA ASP E 199 -20.99 -1.16 -6.39
C ASP E 199 -20.48 -2.44 -7.12
N HIS E 200 -19.84 -2.25 -8.26
CA HIS E 200 -19.35 -3.33 -9.10
C HIS E 200 -20.46 -4.04 -9.89
N THR E 201 -21.66 -3.47 -9.94
CA THR E 201 -22.75 -4.08 -10.72
C THR E 201 -23.20 -3.19 -11.89
N ILE E 202 -24.16 -3.70 -12.67
CA ILE E 202 -24.69 -3.01 -13.85
C ILE E 202 -26.19 -2.98 -13.71
N CYS E 203 -26.78 -1.79 -13.87
CA CYS E 203 -28.23 -1.62 -13.84
C CYS E 203 -28.83 -1.63 -15.22
N LEU E 204 -30.02 -2.20 -15.34
CA LEU E 204 -30.82 -2.17 -16.54
C LEU E 204 -32.17 -1.58 -16.15
N TRP E 205 -32.59 -0.49 -16.80
CA TRP E 205 -33.92 0.07 -16.68
C TRP E 205 -34.71 -0.12 -17.98
N ASP E 206 -36.03 -0.17 -17.88
CA ASP E 206 -36.91 -0.16 -19.04
C ASP E 206 -37.84 1.01 -18.82
N ILE E 207 -37.71 2.07 -19.61
CA ILE E 207 -38.54 3.27 -19.42
C ILE E 207 -39.69 3.38 -20.44
N SER E 208 -39.80 2.40 -21.34
CA SER E 208 -41.00 2.26 -22.18
C SER E 208 -42.16 1.89 -21.25
N ALA E 209 -43.30 2.56 -21.43
CA ALA E 209 -44.48 2.36 -20.55
C ALA E 209 -44.12 2.51 -19.07
N VAL E 210 -43.41 3.59 -18.73
CA VAL E 210 -43.33 4.07 -17.35
C VAL E 210 -44.66 4.79 -17.10
N PRO E 211 -45.20 4.68 -15.86
CA PRO E 211 -46.36 5.49 -15.48
C PRO E 211 -46.20 7.02 -15.71
N LYS E 212 -47.34 7.72 -15.68
CA LYS E 212 -47.43 9.16 -15.99
C LYS E 212 -46.99 10.02 -14.78
N GLU E 213 -47.56 9.70 -13.63
CA GLU E 213 -47.31 10.41 -12.37
C GLU E 213 -45.93 10.13 -11.76
N GLY E 214 -45.52 8.85 -11.78
CA GLY E 214 -44.23 8.40 -11.23
C GLY E 214 -43.07 8.90 -12.08
N LYS E 215 -42.21 9.68 -11.44
CA LYS E 215 -41.00 10.24 -12.04
C LYS E 215 -39.76 9.36 -11.71
N VAL E 216 -39.79 8.59 -10.61
CA VAL E 216 -38.68 7.69 -10.22
C VAL E 216 -38.91 6.29 -10.79
N VAL E 217 -37.83 5.64 -11.25
CA VAL E 217 -37.89 4.31 -11.86
C VAL E 217 -36.79 3.36 -11.33
N ASP E 218 -37.21 2.20 -10.83
CA ASP E 218 -36.28 1.23 -10.29
C ASP E 218 -35.77 0.36 -11.40
N ALA E 219 -34.66 -0.31 -11.09
CA ALA E 219 -34.00 -1.14 -12.06
C ALA E 219 -34.84 -2.40 -12.34
N LYS E 220 -34.99 -2.75 -13.62
CA LYS E 220 -35.54 -4.04 -14.02
C LYS E 220 -34.58 -5.17 -13.65
N THR E 221 -33.28 -4.99 -13.82
CA THR E 221 -32.31 -6.06 -13.46
C THR E 221 -31.00 -5.49 -12.95
N ILE E 222 -30.33 -6.25 -12.10
CA ILE E 222 -28.99 -5.93 -11.67
C ILE E 222 -28.12 -7.11 -12.05
N PHE E 223 -27.02 -6.84 -12.76
CA PHE E 223 -26.07 -7.88 -13.11
C PHE E 223 -24.83 -7.73 -12.22
N THR E 224 -24.54 -8.79 -11.48
CA THR E 224 -23.35 -8.85 -10.63
C THR E 224 -22.44 -9.80 -11.35
N GLY E 225 -21.13 -9.61 -11.23
CA GLY E 225 -20.16 -10.44 -11.97
C GLY E 225 -18.77 -9.87 -11.85
N HIS E 226 -18.64 -8.57 -12.09
CA HIS E 226 -17.38 -7.90 -11.90
C HIS E 226 -17.09 -7.78 -10.41
N THR E 227 -15.81 -7.81 -10.06
CA THR E 227 -15.34 -7.69 -8.67
C THR E 227 -14.72 -6.31 -8.37
N ALA E 228 -14.94 -5.35 -9.26
CA ALA E 228 -14.38 -4.01 -9.12
C ALA E 228 -15.16 -3.05 -9.96
N VAL E 229 -14.86 -1.76 -9.79
CA VAL E 229 -15.60 -0.66 -10.47
C VAL E 229 -15.85 -0.99 -11.97
N VAL E 230 -17.13 -1.04 -12.34
CA VAL E 230 -17.50 -1.25 -13.73
C VAL E 230 -17.33 0.06 -14.44
N GLU E 231 -16.53 0.05 -15.50
CA GLU E 231 -16.16 1.25 -16.20
C GLU E 231 -17.13 1.59 -17.31
N ASP E 232 -17.44 0.63 -18.17
CA ASP E 232 -18.26 0.88 -19.34
C ASP E 232 -19.16 -0.30 -19.64
N VAL E 233 -20.29 -0.01 -20.27
CA VAL E 233 -21.19 -1.00 -20.80
C VAL E 233 -21.65 -0.58 -22.18
N SER E 234 -21.90 -1.53 -23.05
CA SER E 234 -22.50 -1.23 -24.33
C SER E 234 -23.37 -2.36 -24.79
N TRP E 235 -24.55 -2.05 -25.29
CA TRP E 235 -25.36 -3.03 -26.03
C TRP E 235 -24.66 -3.45 -27.32
N HIS E 236 -24.88 -4.69 -27.71
CA HIS E 236 -24.58 -5.18 -29.06
C HIS E 236 -25.50 -4.42 -30.02
N LEU E 237 -25.05 -4.23 -31.25
CA LEU E 237 -25.78 -3.36 -32.17
C LEU E 237 -26.85 -4.09 -32.97
N LEU E 238 -26.74 -5.41 -33.05
CA LEU E 238 -27.63 -6.26 -33.83
C LEU E 238 -28.49 -7.17 -32.92
N HIS E 239 -27.85 -7.98 -32.09
CA HIS E 239 -28.53 -8.83 -31.13
C HIS E 239 -29.07 -8.05 -29.90
N GLU E 240 -30.39 -7.91 -29.85
CA GLU E 240 -31.07 -7.10 -28.83
C GLU E 240 -30.94 -7.52 -27.38
N SER E 241 -30.55 -8.77 -27.15
CA SER E 241 -30.39 -9.28 -25.79
C SER E 241 -28.94 -9.35 -25.33
N LEU E 242 -27.99 -8.98 -26.19
CA LEU E 242 -26.54 -9.03 -25.82
C LEU E 242 -26.01 -7.68 -25.43
N PHE E 243 -25.15 -7.65 -24.42
CA PHE E 243 -24.37 -6.48 -24.13
C PHE E 243 -23.02 -6.89 -23.62
N GLY E 244 -22.11 -5.94 -23.62
CA GLY E 244 -20.76 -6.16 -23.09
C GLY E 244 -20.47 -5.18 -21.96
N SER E 245 -19.54 -5.54 -21.11
CA SER E 245 -19.12 -4.68 -20.00
C SER E 245 -17.65 -4.87 -19.72
N VAL E 246 -17.05 -3.84 -19.14
CA VAL E 246 -15.63 -3.84 -18.83
C VAL E 246 -15.47 -3.17 -17.51
N ALA E 247 -14.42 -3.54 -16.77
CA ALA E 247 -14.23 -3.07 -15.38
C ALA E 247 -12.81 -3.12 -14.92
N ASP E 248 -12.59 -2.54 -13.74
CA ASP E 248 -11.25 -2.44 -13.13
C ASP E 248 -10.68 -3.76 -12.69
N ASP E 249 -11.50 -4.81 -12.71
CA ASP E 249 -11.04 -6.22 -12.51
C ASP E 249 -10.32 -6.84 -13.71
N GLN E 250 -10.04 -6.03 -14.74
CA GLN E 250 -9.29 -6.46 -15.93
C GLN E 250 -10.08 -7.32 -16.89
N LYS E 251 -11.40 -7.35 -16.73
CA LYS E 251 -12.23 -8.30 -17.47
C LYS E 251 -13.13 -7.62 -18.51
N LEU E 252 -13.35 -8.32 -19.61
CA LEU E 252 -14.44 -8.04 -20.53
C LEU E 252 -15.44 -9.14 -20.26
N MET E 253 -16.72 -8.77 -20.21
CA MET E 253 -17.79 -9.73 -19.96
C MET E 253 -18.93 -9.52 -20.91
N ILE E 254 -19.37 -10.60 -21.55
CA ILE E 254 -20.50 -10.54 -22.48
C ILE E 254 -21.70 -11.14 -21.78
N TRP E 255 -22.82 -10.41 -21.78
CA TRP E 255 -24.01 -10.79 -21.01
C TRP E 255 -25.11 -11.07 -21.95
N ASP E 256 -26.09 -11.86 -21.51
CA ASP E 256 -27.31 -12.15 -22.28
C ASP E 256 -28.52 -11.96 -21.36
N THR E 257 -29.42 -11.03 -21.72
CA THR E 257 -30.55 -10.71 -20.87
C THR E 257 -31.55 -11.87 -20.72
N ARG E 258 -31.58 -12.74 -21.72
CA ARG E 258 -32.40 -13.96 -21.65
C ARG E 258 -31.96 -14.97 -20.57
N SER E 259 -30.68 -15.01 -20.23
CA SER E 259 -30.19 -15.95 -19.22
C SER E 259 -30.89 -15.61 -17.90
N ASN E 260 -31.18 -16.63 -17.10
CA ASN E 260 -31.83 -16.45 -15.78
C ASN E 260 -30.81 -16.06 -14.72
N ASN E 261 -29.55 -16.42 -14.96
CA ASN E 261 -28.46 -16.19 -14.01
C ASN E 261 -27.83 -14.81 -14.27
N THR E 262 -28.17 -13.85 -13.41
CA THR E 262 -27.61 -12.49 -13.46
C THR E 262 -26.40 -12.26 -12.52
N SER E 263 -25.85 -13.32 -11.97
CA SER E 263 -24.60 -13.22 -11.20
C SER E 263 -23.39 -13.73 -11.99
N LYS E 264 -23.65 -14.21 -13.21
CA LYS E 264 -22.60 -14.78 -14.03
C LYS E 264 -22.90 -14.52 -15.52
N PRO E 265 -21.91 -13.98 -16.27
CA PRO E 265 -22.11 -13.64 -17.66
C PRO E 265 -21.86 -14.82 -18.56
N SER E 266 -22.33 -14.71 -19.81
CA SER E 266 -22.13 -15.75 -20.84
C SER E 266 -20.68 -16.04 -21.12
N HIS E 267 -19.86 -14.98 -21.16
CA HIS E 267 -18.42 -15.08 -21.43
C HIS E 267 -17.64 -14.09 -20.55
N SER E 268 -16.43 -14.48 -20.19
CA SER E 268 -15.58 -13.72 -19.29
C SER E 268 -14.13 -13.85 -19.78
N VAL E 269 -13.52 -12.72 -20.12
CA VAL E 269 -12.18 -12.66 -20.71
C VAL E 269 -11.21 -11.85 -19.85
N ASP E 270 -9.98 -12.33 -19.72
CA ASP E 270 -8.91 -11.52 -19.12
C ASP E 270 -8.43 -10.58 -20.21
N ALA E 271 -9.08 -9.43 -20.33
CA ALA E 271 -8.87 -8.60 -21.49
C ALA E 271 -7.52 -7.91 -21.47
N HIS E 272 -7.13 -7.40 -20.31
CA HIS E 272 -5.89 -6.65 -20.19
C HIS E 272 -5.14 -6.93 -18.88
N THR E 273 -3.95 -6.37 -18.78
CA THR E 273 -3.15 -6.42 -17.57
C THR E 273 -3.39 -5.25 -16.60
N ALA E 274 -4.37 -4.38 -16.88
CA ALA E 274 -4.79 -3.32 -15.95
C ALA E 274 -6.26 -3.01 -16.17
N GLU E 275 -6.75 -1.97 -15.51
CA GLU E 275 -8.16 -1.56 -15.62
C GLU E 275 -8.61 -1.43 -17.07
N VAL E 276 -9.81 -1.88 -17.37
CA VAL E 276 -10.36 -1.78 -18.70
C VAL E 276 -11.41 -0.72 -18.65
N ASN E 277 -11.20 0.36 -19.36
CA ASN E 277 -12.04 1.56 -19.24
C ASN E 277 -13.16 1.72 -20.26
N CYS E 278 -13.08 1.02 -21.38
CA CYS E 278 -14.07 1.22 -22.45
C CYS E 278 -14.18 0.05 -23.39
N LEU E 279 -15.30 0.00 -24.10
CA LEU E 279 -15.49 -0.94 -25.19
C LEU E 279 -16.38 -0.37 -26.27
N SER E 280 -16.25 -0.89 -27.48
CA SER E 280 -17.07 -0.44 -28.60
C SER E 280 -17.22 -1.58 -29.58
N PHE E 281 -18.46 -1.89 -29.92
CA PHE E 281 -18.77 -2.88 -30.95
C PHE E 281 -18.62 -2.30 -32.36
N ASN E 282 -18.03 -3.08 -33.27
CA ASN E 282 -17.86 -2.66 -34.67
C ASN E 282 -19.21 -2.68 -35.34
N PRO E 283 -19.66 -1.54 -35.92
CA PRO E 283 -21.00 -1.45 -36.50
C PRO E 283 -21.23 -2.18 -37.86
N TYR E 284 -20.20 -2.80 -38.42
CA TYR E 284 -20.33 -3.60 -39.61
C TYR E 284 -20.05 -5.10 -39.39
N SER E 285 -19.93 -5.54 -38.16
CA SER E 285 -19.68 -6.94 -37.88
C SER E 285 -20.15 -7.31 -36.52
N GLU E 286 -21.11 -8.21 -36.48
CA GLU E 286 -21.68 -8.71 -35.25
C GLU E 286 -20.67 -9.38 -34.33
N PHE E 287 -19.52 -9.80 -34.86
CA PHE E 287 -18.48 -10.48 -34.05
C PHE E 287 -17.36 -9.63 -33.48
N ILE E 288 -17.11 -8.45 -34.06
CA ILE E 288 -15.92 -7.68 -33.69
C ILE E 288 -16.20 -6.58 -32.66
N LEU E 289 -15.33 -6.46 -31.68
CA LEU E 289 -15.39 -5.31 -30.78
C LEU E 289 -14.00 -4.89 -30.39
N ALA E 290 -13.92 -3.70 -29.78
CA ALA E 290 -12.64 -3.18 -29.26
C ALA E 290 -12.75 -2.80 -27.80
N THR E 291 -11.68 -3.00 -27.06
CA THR E 291 -11.61 -2.55 -25.67
C THR E 291 -10.39 -1.68 -25.45
N GLY E 292 -10.46 -0.81 -24.46
CA GLY E 292 -9.41 0.14 -24.15
C GLY E 292 -9.07 0.07 -22.69
N SER E 293 -7.80 0.25 -22.34
CA SER E 293 -7.34 -0.04 -21.00
C SER E 293 -6.28 0.90 -20.45
N ALA E 294 -6.22 0.91 -19.12
CA ALA E 294 -5.14 1.54 -18.37
C ALA E 294 -3.77 0.97 -18.66
N ASP E 295 -3.69 -0.24 -19.23
CA ASP E 295 -2.44 -0.78 -19.72
C ASP E 295 -1.90 -0.14 -21.02
N LYS E 296 -2.57 0.89 -21.51
CA LYS E 296 -2.15 1.73 -22.63
C LYS E 296 -2.38 1.14 -24.02
N THR E 297 -3.25 0.14 -24.11
CA THR E 297 -3.49 -0.55 -25.35
C THR E 297 -4.99 -0.56 -25.69
N VAL E 298 -5.27 -0.79 -26.97
CA VAL E 298 -6.57 -1.12 -27.43
C VAL E 298 -6.48 -2.55 -27.90
N ALA E 299 -7.47 -3.35 -27.54
CA ALA E 299 -7.54 -4.74 -27.94
C ALA E 299 -8.69 -5.00 -28.87
N LEU E 300 -8.46 -5.90 -29.80
CA LEU E 300 -9.43 -6.25 -30.77
C LEU E 300 -9.91 -7.68 -30.44
N TRP E 301 -11.23 -7.84 -30.34
CA TRP E 301 -11.84 -9.10 -29.94
C TRP E 301 -12.78 -9.63 -31.02
N ASP E 302 -12.84 -10.96 -31.14
CA ASP E 302 -13.82 -11.67 -31.95
C ASP E 302 -14.67 -12.54 -31.02
N LEU E 303 -15.98 -12.32 -31.01
CA LEU E 303 -16.89 -13.06 -30.11
C LEU E 303 -16.90 -14.58 -30.32
N ARG E 304 -16.49 -15.02 -31.52
CA ARG E 304 -16.44 -16.44 -31.85
C ARG E 304 -15.26 -17.13 -31.22
N ASN E 305 -14.27 -16.38 -30.72
CA ASN E 305 -13.11 -16.98 -30.07
C ASN E 305 -12.45 -15.94 -29.14
N LEU E 306 -13.07 -15.73 -27.99
CA LEU E 306 -12.59 -14.78 -27.00
C LEU E 306 -11.39 -15.24 -26.15
N LYS E 307 -10.99 -16.51 -26.20
CA LYS E 307 -9.73 -16.90 -25.54
C LYS E 307 -8.48 -16.40 -26.31
N LEU E 308 -8.69 -15.95 -27.55
CA LEU E 308 -7.68 -15.30 -28.38
C LEU E 308 -7.97 -13.78 -28.69
N LYS E 309 -7.07 -12.92 -28.25
CA LYS E 309 -7.06 -11.49 -28.61
C LYS E 309 -6.51 -11.29 -30.02
N LEU E 310 -7.34 -10.74 -30.91
CA LEU E 310 -6.94 -10.62 -32.33
C LEU E 310 -5.78 -9.70 -32.57
N HIS E 311 -5.77 -8.56 -31.87
CA HIS E 311 -4.71 -7.57 -32.04
C HIS E 311 -4.62 -6.67 -30.85
N SER E 312 -3.47 -6.05 -30.66
CA SER E 312 -3.27 -5.04 -29.64
C SER E 312 -2.62 -3.81 -30.23
N PHE E 313 -3.34 -2.68 -30.20
CA PHE E 313 -2.83 -1.40 -30.65
C PHE E 313 -2.09 -0.71 -29.50
N GLU E 314 -0.77 -0.71 -29.53
CA GLU E 314 0.00 -0.26 -28.36
C GLU E 314 0.41 1.22 -28.27
N SER E 315 0.42 1.93 -29.38
CA SER E 315 1.22 3.17 -29.48
C SER E 315 0.99 4.25 -28.42
N HIS E 316 -0.24 4.37 -27.91
CA HIS E 316 -0.53 5.36 -26.89
C HIS E 316 0.54 5.44 -25.77
N LYS E 317 0.74 6.65 -25.31
CA LYS E 317 1.72 6.98 -24.32
C LYS E 317 1.10 6.93 -22.93
N ASP E 318 -0.22 6.86 -22.84
CA ASP E 318 -0.92 6.85 -21.57
C ASP E 318 -2.20 5.99 -21.68
N GLU E 319 -3.07 6.09 -20.68
CA GLU E 319 -4.26 5.25 -20.54
C GLU E 319 -5.27 5.59 -21.59
N ILE E 320 -6.00 4.57 -22.04
CA ILE E 320 -7.13 4.72 -22.94
C ILE E 320 -8.42 4.77 -22.16
N PHE E 321 -9.22 5.79 -22.41
CA PHE E 321 -10.52 5.91 -21.78
C PHE E 321 -11.66 5.83 -22.77
N GLN E 322 -11.45 6.20 -24.03
CA GLN E 322 -12.49 6.13 -25.04
C GLN E 322 -11.99 5.47 -26.30
N VAL E 323 -12.80 4.60 -26.91
CA VAL E 323 -12.54 4.02 -28.24
C VAL E 323 -13.85 3.98 -29.05
N GLN E 324 -13.83 4.43 -30.29
CA GLN E 324 -15.02 4.50 -31.15
C GLN E 324 -14.67 4.05 -32.55
N TRP E 325 -15.46 3.17 -33.11
CA TRP E 325 -15.35 2.82 -34.50
C TRP E 325 -15.93 3.92 -35.41
N SER E 326 -15.35 4.09 -36.59
CA SER E 326 -15.90 4.93 -37.62
C SER E 326 -17.28 4.38 -38.03
N PRO E 327 -18.28 5.26 -38.10
CA PRO E 327 -19.59 4.86 -38.59
C PRO E 327 -19.64 4.63 -40.09
N HIS E 328 -18.60 5.04 -40.81
CA HIS E 328 -18.50 4.94 -42.27
C HIS E 328 -17.50 3.93 -42.79
N ASN E 329 -16.53 3.54 -41.99
CA ASN E 329 -15.45 2.65 -42.47
C ASN E 329 -15.18 1.51 -41.53
N GLU E 330 -15.50 0.31 -41.94
CA GLU E 330 -15.46 -0.87 -41.08
C GLU E 330 -14.08 -1.15 -40.44
N THR E 331 -13.00 -0.71 -41.08
CA THR E 331 -11.65 -0.95 -40.58
C THR E 331 -11.00 0.22 -39.80
N ILE E 332 -11.76 1.27 -39.51
CA ILE E 332 -11.26 2.49 -38.88
C ILE E 332 -11.79 2.66 -37.48
N LEU E 333 -10.89 2.93 -36.54
CA LEU E 333 -11.28 3.32 -35.18
C LEU E 333 -10.34 4.33 -34.59
N ALA E 334 -10.84 5.04 -33.59
CA ALA E 334 -10.07 6.03 -32.89
C ALA E 334 -10.12 5.77 -31.40
N SER E 335 -9.11 6.27 -30.71
CA SER E 335 -8.91 6.06 -29.30
C SER E 335 -8.34 7.33 -28.70
N SER E 336 -8.60 7.51 -27.42
CA SER E 336 -8.24 8.68 -26.68
C SER E 336 -8.11 8.36 -25.18
N GLY E 337 -7.52 9.26 -24.44
CA GLY E 337 -7.49 9.11 -23.02
C GLY E 337 -6.69 10.16 -22.33
N THR E 338 -5.78 9.72 -21.48
CA THR E 338 -5.12 10.62 -20.52
C THR E 338 -4.21 11.61 -21.21
N ASP E 339 -3.48 11.09 -22.18
CA ASP E 339 -2.65 11.91 -22.99
C ASP E 339 -3.49 12.89 -23.84
N ARG E 340 -2.88 14.00 -24.24
CA ARG E 340 -3.57 15.01 -25.05
C ARG E 340 -3.80 14.66 -26.52
N ARG E 341 -3.36 13.49 -26.97
CA ARG E 341 -3.51 13.08 -28.35
C ARG E 341 -4.61 12.05 -28.54
N LEU E 342 -5.22 12.12 -29.72
CA LEU E 342 -6.23 11.19 -30.16
C LEU E 342 -5.69 10.44 -31.37
N ASN E 343 -5.72 9.12 -31.31
CA ASN E 343 -5.19 8.29 -32.39
C ASN E 343 -6.28 7.69 -33.22
N VAL E 344 -5.99 7.58 -34.51
CA VAL E 344 -6.85 6.95 -35.48
C VAL E 344 -6.09 5.74 -36.02
N TRP E 345 -6.75 4.60 -35.98
CA TRP E 345 -6.20 3.36 -36.44
C TRP E 345 -6.91 2.84 -37.69
N ASP E 346 -6.14 2.23 -38.59
CA ASP E 346 -6.63 1.59 -39.81
C ASP E 346 -6.24 0.11 -39.80
N LEU E 347 -7.18 -0.75 -39.45
CA LEU E 347 -6.99 -2.21 -39.41
C LEU E 347 -6.49 -2.82 -40.71
N SER E 348 -6.91 -2.24 -41.84
CA SER E 348 -6.44 -2.72 -43.14
C SER E 348 -4.94 -2.58 -43.43
N LYS E 349 -4.24 -1.77 -42.65
CA LYS E 349 -2.79 -1.64 -42.77
C LYS E 349 -2.01 -2.55 -41.86
N ILE E 350 -2.68 -3.34 -41.01
CA ILE E 350 -1.94 -4.21 -40.08
C ILE E 350 -1.15 -5.21 -40.91
N GLY E 351 0.12 -5.39 -40.54
CA GLY E 351 1.00 -6.30 -41.29
C GLY E 351 1.77 -5.71 -42.47
N GLU E 352 1.39 -4.52 -42.96
CA GLU E 352 2.03 -3.87 -44.10
C GLU E 352 3.50 -3.60 -43.85
N GLU E 353 4.28 -3.66 -44.93
CA GLU E 353 5.73 -3.36 -44.91
C GLU E 353 5.87 -1.86 -44.68
N GLN E 354 6.94 -1.49 -43.99
CA GLN E 354 7.31 -0.10 -43.83
C GLN E 354 8.83 0.03 -44.02
N SER E 355 9.29 1.21 -44.44
CA SER E 355 10.73 1.50 -44.45
C SER E 355 11.14 1.63 -42.99
N PRO E 356 12.42 1.38 -42.67
CA PRO E 356 12.84 1.48 -41.27
C PRO E 356 12.62 2.85 -40.63
N GLU E 357 12.69 3.91 -41.45
CA GLU E 357 12.33 5.27 -41.00
C GLU E 357 10.86 5.40 -40.54
N ASP E 358 9.94 4.97 -41.39
CA ASP E 358 8.50 4.99 -41.07
C ASP E 358 8.18 4.11 -39.87
N ALA E 359 8.95 3.04 -39.69
CA ALA E 359 8.80 2.18 -38.53
C ALA E 359 9.03 2.92 -37.18
N GLU E 360 9.89 3.92 -37.20
CA GLU E 360 10.14 4.74 -36.00
C GLU E 360 8.93 5.63 -35.65
N ASP E 361 8.21 6.06 -36.68
CA ASP E 361 6.98 6.87 -36.52
C ASP E 361 5.85 6.09 -35.82
N GLY E 362 5.91 4.78 -35.89
CA GLY E 362 4.90 3.90 -35.31
C GLY E 362 4.48 2.91 -36.37
N PRO E 363 3.73 1.88 -35.96
CA PRO E 363 3.30 0.86 -36.90
C PRO E 363 2.40 1.45 -37.99
N PRO E 364 2.33 0.81 -39.15
CA PRO E 364 1.53 1.35 -40.26
C PRO E 364 0.03 1.55 -39.95
N GLU E 365 -0.53 0.71 -39.07
CA GLU E 365 -1.93 0.82 -38.68
C GLU E 365 -2.28 2.11 -37.92
N LEU E 366 -1.29 2.80 -37.38
CA LEU E 366 -1.50 4.12 -36.83
C LEU E 366 -1.63 5.11 -37.96
N LEU E 367 -2.84 5.47 -38.31
CA LEU E 367 -3.07 6.26 -39.48
C LEU E 367 -2.80 7.73 -39.23
N PHE E 368 -3.20 8.23 -38.07
CA PHE E 368 -3.19 9.66 -37.78
C PHE E 368 -3.11 9.91 -36.27
N ILE E 369 -2.32 10.90 -35.88
CA ILE E 369 -2.26 11.39 -34.51
C ILE E 369 -2.75 12.81 -34.52
N HIS E 370 -3.84 13.05 -33.82
CA HIS E 370 -4.42 14.37 -33.65
C HIS E 370 -3.77 15.08 -32.45
N GLY E 371 -3.06 16.18 -32.72
CA GLY E 371 -2.29 16.93 -31.75
C GLY E 371 -2.83 18.26 -31.31
N GLY E 372 -4.06 18.56 -31.66
CA GLY E 372 -4.67 19.83 -31.30
C GLY E 372 -4.98 20.15 -29.87
N HIS E 373 -5.24 19.15 -29.05
CA HIS E 373 -5.56 19.40 -27.67
C HIS E 373 -4.30 19.58 -26.85
N THR E 374 -4.38 20.40 -25.79
CA THR E 374 -3.25 20.63 -24.88
C THR E 374 -3.47 20.01 -23.49
N ALA E 375 -4.51 19.17 -23.38
CA ALA E 375 -4.92 18.54 -22.12
C ALA E 375 -5.66 17.27 -22.39
N LYS E 376 -5.84 16.47 -21.35
CA LYS E 376 -6.57 15.21 -21.41
C LYS E 376 -7.86 15.36 -22.25
N ILE E 377 -8.08 14.41 -23.16
CA ILE E 377 -9.31 14.32 -23.92
C ILE E 377 -10.32 13.47 -23.16
N SER E 378 -11.49 14.05 -22.90
CA SER E 378 -12.50 13.45 -22.07
C SER E 378 -13.43 12.56 -22.86
N ASP E 379 -13.85 13.02 -24.02
CA ASP E 379 -14.71 12.25 -24.90
C ASP E 379 -14.53 12.70 -26.33
N PHE E 380 -15.00 11.87 -27.26
CA PHE E 380 -15.07 12.26 -28.65
C PHE E 380 -16.15 11.48 -29.37
N SER E 381 -16.54 12.00 -30.52
CA SER E 381 -17.60 11.45 -31.31
C SER E 381 -17.31 11.61 -32.80
N TRP E 382 -17.46 10.52 -33.55
CA TRP E 382 -17.45 10.57 -35.00
C TRP E 382 -18.78 11.13 -35.46
N ASN E 383 -18.76 12.08 -36.40
CA ASN E 383 -19.97 12.61 -37.00
C ASN E 383 -20.57 11.48 -37.84
N PRO E 384 -21.86 11.16 -37.59
CA PRO E 384 -22.52 10.10 -38.34
C PRO E 384 -22.93 10.49 -39.76
N ASN E 385 -22.83 11.76 -40.13
CA ASN E 385 -23.29 12.25 -41.41
C ASN E 385 -22.26 12.78 -42.39
N GLU E 386 -21.17 13.43 -41.94
CA GLU E 386 -20.01 13.75 -42.81
C GLU E 386 -18.80 12.92 -42.43
N PRO E 387 -18.39 11.99 -43.30
CA PRO E 387 -17.24 11.11 -43.03
C PRO E 387 -15.99 11.80 -42.56
N TRP E 388 -15.24 11.12 -41.69
CA TRP E 388 -13.95 11.62 -41.15
C TRP E 388 -13.99 12.85 -40.25
N VAL E 389 -15.17 13.39 -39.98
CA VAL E 389 -15.30 14.49 -39.06
C VAL E 389 -15.42 13.92 -37.67
N ILE E 390 -14.63 14.49 -36.75
CA ILE E 390 -14.61 14.13 -35.35
C ILE E 390 -14.82 15.41 -34.53
N CYS E 391 -15.57 15.30 -33.44
CA CYS E 391 -15.59 16.29 -32.37
C CYS E 391 -14.94 15.71 -31.12
N SER E 392 -13.94 16.41 -30.60
CA SER E 392 -13.27 16.02 -29.37
C SER E 392 -13.30 17.17 -28.39
N VAL E 393 -13.41 16.82 -27.11
CA VAL E 393 -13.46 17.77 -25.99
C VAL E 393 -12.42 17.42 -24.94
N SER E 394 -11.79 18.44 -24.38
CA SER E 394 -10.74 18.24 -23.39
C SER E 394 -10.97 18.99 -22.10
N GLU E 395 -10.17 18.67 -21.10
CA GLU E 395 -10.25 19.28 -19.77
C GLU E 395 -9.90 20.77 -19.77
N ASP E 396 -9.14 21.24 -20.76
CA ASP E 396 -8.82 22.66 -20.91
C ASP E 396 -10.00 23.56 -21.34
N ASN E 397 -11.20 23.00 -21.49
CA ASN E 397 -12.42 23.69 -21.99
C ASN E 397 -12.54 23.75 -23.49
N ILE E 398 -11.62 23.12 -24.23
CA ILE E 398 -11.63 23.25 -25.68
C ILE E 398 -12.46 22.13 -26.32
N MET E 399 -13.30 22.53 -27.27
CA MET E 399 -13.97 21.66 -28.19
C MET E 399 -13.33 21.88 -29.55
N GLN E 400 -12.94 20.80 -30.21
CA GLN E 400 -12.46 20.85 -31.56
C GLN E 400 -13.32 19.97 -32.44
N VAL E 401 -13.67 20.47 -33.63
CA VAL E 401 -14.36 19.72 -34.67
C VAL E 401 -13.36 19.71 -35.80
N TRP E 402 -12.99 18.52 -36.27
CA TRP E 402 -11.91 18.42 -37.23
C TRP E 402 -12.02 17.22 -38.16
N GLN E 403 -11.34 17.34 -39.28
CA GLN E 403 -11.31 16.33 -40.28
C GLN E 403 -9.88 16.26 -40.85
N MET E 404 -9.21 15.13 -40.72
CA MET E 404 -7.89 14.98 -41.31
C MET E 404 -7.96 15.11 -42.83
N ALA E 405 -6.82 15.47 -43.40
CA ALA E 405 -6.68 15.65 -44.81
C ALA E 405 -7.02 14.36 -45.61
N GLU E 406 -7.79 14.55 -46.69
CA GLU E 406 -8.19 13.45 -47.54
C GLU E 406 -7.01 12.66 -48.14
N ASN E 407 -5.86 13.29 -48.35
CA ASN E 407 -4.72 12.55 -48.90
C ASN E 407 -4.16 11.53 -47.92
N ILE E 408 -4.48 11.68 -46.62
CA ILE E 408 -4.07 10.70 -45.61
C ILE E 408 -5.02 9.52 -45.58
N TYR E 409 -6.33 9.79 -45.57
CA TYR E 409 -7.33 8.70 -45.50
C TYR E 409 -7.71 8.06 -46.82
N ASN E 410 -7.44 8.71 -47.95
CA ASN E 410 -7.49 8.08 -49.29
C ASN E 410 -6.08 7.65 -49.76
N ASP E 411 -5.27 7.07 -48.86
CA ASP E 411 -4.04 6.40 -49.28
C ASP E 411 -3.35 5.57 -48.19
N ARG F 7 -6.62 30.89 -24.98
CA ARG F 7 -6.02 30.81 -26.36
C ARG F 7 -7.05 30.98 -27.44
N GLN F 8 -6.63 31.55 -28.56
CA GLN F 8 -7.54 31.93 -29.62
C GLN F 8 -8.25 30.73 -30.26
N ALA F 9 -9.56 30.84 -30.46
CA ALA F 9 -10.29 29.88 -31.30
C ALA F 9 -10.10 30.23 -32.77
N PHE F 10 -10.14 29.21 -33.64
CA PHE F 10 -9.94 29.43 -35.06
C PHE F 10 -10.69 28.47 -35.94
N TYR F 11 -10.73 28.83 -37.23
CA TYR F 11 -11.38 28.09 -38.28
C TYR F 11 -10.41 27.88 -39.44
N LEU F 12 -10.33 26.66 -39.94
CA LEU F 12 -9.48 26.30 -41.04
C LEU F 12 -10.28 25.41 -41.95
N HIS F 13 -10.48 25.85 -43.20
CA HIS F 13 -11.09 25.02 -44.23
C HIS F 13 -10.10 25.09 -45.36
N THR F 14 -9.31 24.03 -45.55
CA THR F 14 -8.08 24.16 -46.33
C THR F 14 -8.43 24.40 -47.80
N THR F 15 -7.63 25.26 -48.43
CA THR F 15 -7.86 25.69 -49.80
C THR F 15 -7.58 24.60 -50.80
N LYS F 16 -8.31 24.67 -51.92
CA LYS F 16 -8.16 23.68 -52.98
C LYS F 16 -6.70 23.59 -53.43
N LEU F 17 -6.06 24.76 -53.54
CA LEU F 17 -4.66 24.82 -53.92
C LEU F 17 -3.79 24.00 -52.92
N THR F 18 -4.04 24.17 -51.61
CA THR F 18 -3.24 23.44 -50.62
C THR F 18 -3.50 21.96 -50.71
N ARG F 19 -4.75 21.57 -50.98
CA ARG F 19 -5.07 20.14 -51.22
C ARG F 19 -4.31 19.55 -52.41
N ILE F 20 -4.25 20.28 -53.53
CA ILE F 20 -3.48 19.76 -54.69
C ILE F 20 -1.95 19.83 -54.43
N ALA F 21 -1.49 20.88 -53.76
CA ALA F 21 -0.07 20.95 -53.39
C ALA F 21 0.36 19.71 -52.57
N ARG F 22 -0.50 19.27 -51.67
CA ARG F 22 -0.21 18.10 -50.84
C ARG F 22 0.02 16.85 -51.68
N ARG F 23 -0.77 16.70 -52.75
CA ARG F 23 -0.62 15.52 -53.61
C ARG F 23 0.55 15.66 -54.58
N LEU F 24 0.72 16.86 -55.15
CA LEU F 24 1.89 17.15 -55.99
C LEU F 24 3.21 16.98 -55.28
N CYS F 25 3.28 17.55 -54.07
CA CYS F 25 4.53 17.55 -53.33
C CYS F 25 4.57 16.44 -52.25
N ARG F 26 3.82 15.36 -52.51
CA ARG F 26 3.83 14.13 -51.76
C ARG F 26 5.22 13.76 -51.21
N GLU F 27 6.25 13.82 -52.05
CA GLU F 27 7.59 13.38 -51.64
C GLU F 27 8.27 14.33 -50.66
N ILE F 28 7.85 15.59 -50.67
CA ILE F 28 8.36 16.56 -49.71
C ILE F 28 7.57 16.55 -48.41
N LEU F 29 6.25 16.62 -48.52
CA LEU F 29 5.36 16.59 -47.36
C LEU F 29 5.38 15.28 -46.60
N ARG F 30 5.39 14.17 -47.32
CA ARG F 30 5.43 12.83 -46.71
C ARG F 30 4.28 12.62 -45.68
N PRO F 31 3.02 12.68 -46.17
CA PRO F 31 1.85 12.69 -45.30
C PRO F 31 1.72 11.51 -44.34
N TRP F 32 2.16 10.33 -44.78
CA TRP F 32 2.23 9.14 -43.94
C TRP F 32 3.09 9.34 -42.69
N HIS F 33 4.15 10.14 -42.84
CA HIS F 33 5.05 10.50 -41.76
C HIS F 33 4.48 11.68 -40.95
N ALA F 34 4.09 12.73 -41.65
CA ALA F 34 3.53 13.93 -41.02
C ALA F 34 2.31 13.68 -40.16
N ALA F 35 1.45 12.77 -40.61
CA ALA F 35 0.28 12.34 -39.85
C ALA F 35 0.60 11.80 -38.45
N ARG F 36 1.78 11.25 -38.24
CA ARG F 36 2.22 10.79 -36.94
C ARG F 36 3.21 11.72 -36.22
N HIS F 37 3.36 12.93 -36.71
CA HIS F 37 4.26 13.92 -36.14
C HIS F 37 3.63 15.28 -36.14
N PRO F 38 2.53 15.45 -35.41
CA PRO F 38 1.84 16.75 -35.30
C PRO F 38 2.72 17.89 -34.84
N TYR F 39 3.75 17.57 -34.04
CA TYR F 39 4.59 18.55 -33.39
C TYR F 39 5.92 18.75 -34.07
N LEU F 40 6.09 18.22 -35.27
CA LEU F 40 7.23 18.56 -36.15
C LEU F 40 6.81 19.60 -37.17
N PRO F 41 7.60 20.67 -37.32
CA PRO F 41 7.28 21.66 -38.36
C PRO F 41 7.39 21.04 -39.74
N ILE F 42 6.31 21.14 -40.49
CA ILE F 42 6.29 20.71 -41.87
C ILE F 42 7.01 21.76 -42.71
N ASN F 43 7.78 21.31 -43.68
CA ASN F 43 8.52 22.19 -44.58
C ASN F 43 7.64 22.92 -45.60
N SER F 44 6.82 23.83 -45.11
CA SER F 44 5.85 24.51 -45.94
C SER F 44 6.48 25.36 -47.06
N ALA F 45 7.64 25.95 -46.79
CA ALA F 45 8.36 26.76 -47.79
C ALA F 45 8.70 25.91 -49.00
N ALA F 46 9.37 24.78 -48.75
CA ALA F 46 9.68 23.81 -49.80
C ALA F 46 8.42 23.40 -50.60
N ILE F 47 7.33 23.12 -49.88
CA ILE F 47 6.11 22.63 -50.51
C ILE F 47 5.53 23.68 -51.47
N LYS F 48 5.48 24.94 -51.00
CA LYS F 48 4.92 26.05 -51.78
C LYS F 48 5.76 26.31 -53.05
N ALA F 49 7.08 26.28 -52.88
CA ALA F 49 7.98 26.46 -53.98
C ALA F 49 7.71 25.42 -55.03
N GLU F 50 7.91 24.16 -54.68
CA GLU F 50 7.78 23.08 -55.67
C GLU F 50 6.37 23.01 -56.26
N CYS F 51 5.36 23.44 -55.51
CA CYS F 51 3.98 23.48 -56.02
C CYS F 51 3.85 24.55 -57.11
N THR F 52 4.29 25.77 -56.78
CA THR F 52 4.27 26.89 -57.78
C THR F 52 5.10 26.55 -59.04
N ALA F 53 6.19 25.79 -58.86
CA ALA F 53 7.01 25.35 -59.98
C ALA F 53 6.30 24.29 -60.85
N ARG F 54 5.73 23.25 -60.22
CA ARG F 54 5.08 22.14 -60.94
C ARG F 54 3.56 22.33 -61.18
N LEU F 55 3.08 23.57 -61.11
CA LEU F 55 1.65 23.86 -61.32
C LEU F 55 1.12 23.53 -62.73
N PRO F 56 1.95 23.71 -63.80
CA PRO F 56 1.40 23.36 -65.13
C PRO F 56 0.97 21.89 -65.31
N GLU F 57 1.87 20.95 -65.03
CA GLU F 57 1.50 19.51 -64.99
C GLU F 57 0.68 19.24 -63.72
N ALA F 68 -8.94 5.66 -52.73
CA ALA F 68 -8.18 4.47 -52.32
C ALA F 68 -9.10 3.42 -51.74
N VAL F 69 -9.10 2.24 -52.34
CA VAL F 69 -10.01 1.14 -51.98
C VAL F 69 -9.44 0.35 -50.81
N ARG F 70 -10.31 -0.04 -49.88
CA ARG F 70 -9.87 -0.76 -48.68
C ARG F 70 -10.20 -2.23 -48.66
N LYS F 71 -9.28 -3.02 -48.12
CA LYS F 71 -9.45 -4.43 -47.92
C LYS F 71 -10.65 -4.66 -46.98
N PRO F 72 -11.56 -5.60 -47.31
CA PRO F 72 -12.72 -5.84 -46.44
C PRO F 72 -12.32 -6.38 -45.11
N LEU F 73 -13.19 -6.16 -44.12
CA LEU F 73 -12.88 -6.57 -42.76
C LEU F 73 -12.59 -8.08 -42.68
N GLU F 74 -13.40 -8.86 -43.41
CA GLU F 74 -13.28 -10.32 -43.42
C GLU F 74 -11.86 -10.76 -43.83
N ALA F 75 -11.32 -10.09 -44.85
CA ALA F 75 -9.93 -10.31 -45.27
C ALA F 75 -8.92 -9.92 -44.18
N VAL F 76 -9.14 -8.76 -43.53
CA VAL F 76 -8.26 -8.34 -42.42
C VAL F 76 -8.27 -9.40 -41.31
N LEU F 77 -9.48 -9.86 -40.92
CA LEU F 77 -9.60 -10.86 -39.85
C LEU F 77 -8.91 -12.14 -40.24
N ARG F 78 -9.11 -12.61 -41.48
CA ARG F 78 -8.36 -13.78 -41.96
C ARG F 78 -6.84 -13.57 -41.82
N TYR F 79 -6.34 -12.39 -42.22
CA TYR F 79 -4.93 -12.06 -42.02
C TYR F 79 -4.54 -12.13 -40.54
N LEU F 80 -5.37 -11.57 -39.67
CA LEU F 80 -5.00 -11.42 -38.25
C LEU F 80 -4.93 -12.73 -37.52
N GLU F 81 -5.98 -13.54 -37.71
CA GLU F 81 -6.06 -14.86 -37.08
C GLU F 81 -4.99 -15.87 -37.58
N THR F 82 -4.34 -15.55 -38.71
CA THR F 82 -3.21 -16.33 -39.22
C THR F 82 -1.86 -15.66 -39.01
N HIS F 83 -1.84 -14.54 -38.32
CA HIS F 83 -0.63 -13.82 -38.06
C HIS F 83 -0.84 -13.27 -36.68
N PRO F 84 -1.09 -14.16 -35.75
CA PRO F 84 -1.48 -14.04 -34.35
C PRO F 84 -0.34 -13.77 -33.43
N ARG F 85 -0.70 -13.08 -32.36
CA ARG F 85 0.20 -12.70 -31.28
C ARG F 85 0.41 -13.88 -30.32
N ASP G 10 -57.26 0.59 2.78
CA ASP G 10 -58.75 0.57 2.62
C ASP G 10 -59.36 1.84 3.22
N ALA G 11 -60.45 2.33 2.63
CA ALA G 11 -61.20 3.51 3.15
C ALA G 11 -61.63 3.32 4.61
N VAL G 12 -61.90 2.07 4.98
CA VAL G 12 -62.29 1.72 6.33
C VAL G 12 -61.16 2.04 7.31
N GLU G 13 -59.93 1.64 6.97
CA GLU G 13 -58.79 1.90 7.85
C GLU G 13 -58.57 3.40 8.02
N GLU G 14 -58.81 4.17 6.98
CA GLU G 14 -58.66 5.62 7.07
C GLU G 14 -59.65 6.23 8.05
N ARG G 15 -60.87 5.68 8.06
CA ARG G 15 -61.92 6.19 8.93
C ARG G 15 -61.67 5.77 10.38
N VAL G 16 -61.13 4.57 10.58
CA VAL G 16 -60.69 4.15 11.91
C VAL G 16 -59.58 5.07 12.43
N ILE G 17 -58.58 5.32 11.63
CA ILE G 17 -57.51 6.23 12.02
C ILE G 17 -58.02 7.62 12.39
N ASN G 18 -58.97 8.15 11.64
CA ASN G 18 -59.55 9.47 11.95
C ASN G 18 -60.45 9.49 13.20
N GLU G 19 -61.19 8.41 13.41
CA GLU G 19 -61.94 8.25 14.64
C GLU G 19 -60.99 8.25 15.83
N GLU G 20 -59.94 7.45 15.75
CA GLU G 20 -58.94 7.35 16.81
C GLU G 20 -58.17 8.65 17.06
N TYR G 21 -57.96 9.44 16.01
CA TYR G 21 -57.28 10.71 16.17
C TYR G 21 -58.16 11.65 16.98
N LYS G 22 -59.45 11.63 16.71
CA LYS G 22 -60.40 12.49 17.44
C LYS G 22 -60.46 12.10 18.92
N ILE G 23 -60.38 10.83 19.20
CA ILE G 23 -60.39 10.38 20.58
C ILE G 23 -59.11 10.86 21.31
N TRP G 24 -57.98 10.59 20.70
CA TRP G 24 -56.72 11.04 21.20
C TRP G 24 -56.73 12.53 21.50
N LYS G 25 -57.17 13.31 20.53
CA LYS G 25 -57.11 14.77 20.66
C LYS G 25 -57.93 15.28 21.86
N LYS G 26 -59.11 14.71 22.02
CA LYS G 26 -59.96 15.07 23.10
C LYS G 26 -59.32 14.69 24.45
N ASN G 27 -58.59 13.57 24.44
CA ASN G 27 -57.90 13.03 25.59
C ASN G 27 -56.65 13.80 25.99
N THR G 28 -56.18 14.72 25.14
CA THR G 28 -54.83 15.26 25.34
C THR G 28 -54.55 15.98 26.66
N PRO G 29 -55.54 16.68 27.24
CA PRO G 29 -55.23 17.30 28.53
C PRO G 29 -54.94 16.30 29.66
N PHE G 30 -55.50 15.08 29.55
CA PHE G 30 -55.32 14.05 30.58
C PHE G 30 -54.12 13.15 30.40
N LEU G 31 -53.56 13.15 29.19
CA LEU G 31 -52.35 12.40 28.87
C LEU G 31 -51.11 13.26 28.72
N TYR G 32 -51.26 14.55 28.41
CA TYR G 32 -50.12 15.44 28.17
C TYR G 32 -50.12 16.70 29.03
N ASP G 33 -48.94 17.29 29.21
CA ASP G 33 -48.79 18.67 29.70
C ASP G 33 -48.52 19.70 28.62
N LEU G 34 -48.09 19.24 27.44
CA LEU G 34 -47.89 20.11 26.28
C LEU G 34 -48.13 19.29 25.04
N VAL G 35 -48.85 19.86 24.10
CA VAL G 35 -48.93 19.36 22.74
C VAL G 35 -49.00 20.55 21.76
N MET G 36 -48.07 20.61 20.81
CA MET G 36 -48.08 21.63 19.75
C MET G 36 -48.00 20.91 18.44
N THR G 37 -48.90 21.20 17.52
CA THR G 37 -48.79 20.57 16.21
C THR G 37 -48.72 21.60 15.11
N HIS G 38 -48.10 21.19 14.00
CA HIS G 38 -47.91 22.06 12.84
C HIS G 38 -47.79 21.25 11.57
N ALA G 39 -48.58 21.59 10.55
CA ALA G 39 -48.51 20.92 9.25
C ALA G 39 -47.39 21.55 8.42
N LEU G 40 -46.36 20.78 8.11
CA LEU G 40 -45.31 21.25 7.23
C LEU G 40 -45.84 21.22 5.79
N GLU G 41 -45.27 22.07 4.93
CA GLU G 41 -45.58 22.02 3.49
C GLU G 41 -45.22 20.63 2.93
N TRP G 42 -44.03 20.16 3.25
CA TRP G 42 -43.58 18.83 2.85
C TRP G 42 -43.18 18.04 4.09
N PRO G 43 -43.40 16.71 4.04
CA PRO G 43 -43.02 15.89 5.17
C PRO G 43 -41.52 15.88 5.39
N SER G 44 -41.10 15.90 6.66
CA SER G 44 -39.70 15.74 7.03
C SER G 44 -39.43 14.29 7.44
N LEU G 45 -38.27 13.78 7.03
CA LEU G 45 -37.79 12.45 7.37
C LEU G 45 -36.79 12.52 8.50
N THR G 46 -36.46 13.75 8.90
CA THR G 46 -35.45 13.97 9.95
C THR G 46 -35.96 15.00 10.96
N ALA G 47 -35.52 14.83 12.19
CA ALA G 47 -35.76 15.82 13.21
C ALA G 47 -34.65 15.73 14.21
N GLN G 48 -34.18 16.88 14.64
CA GLN G 48 -33.19 16.97 15.69
C GLN G 48 -33.22 18.38 16.27
N TRP G 49 -33.35 18.46 17.59
CA TRP G 49 -33.28 19.72 18.31
C TRP G 49 -31.86 20.19 18.28
N LEU G 50 -31.67 21.46 18.00
CA LEU G 50 -30.38 22.09 18.26
C LEU G 50 -30.26 22.37 19.77
N PRO G 51 -29.02 22.44 20.28
CA PRO G 51 -28.81 22.66 21.73
C PRO G 51 -29.05 24.12 22.25
N ASP G 52 -29.08 25.11 21.34
CA ASP G 52 -29.28 26.51 21.73
C ASP G 52 -30.74 26.80 22.13
N VAL G 53 -30.90 27.58 23.19
CA VAL G 53 -32.22 28.09 23.52
C VAL G 53 -32.05 29.58 23.80
N THR G 54 -32.91 30.40 23.17
CA THR G 54 -32.88 31.85 23.35
C THR G 54 -34.13 32.24 24.18
N ARG G 55 -33.96 33.20 25.11
CA ARG G 55 -34.98 33.53 26.11
C ARG G 55 -35.40 35.00 25.97
N PRO G 56 -36.30 35.30 25.01
CA PRO G 56 -36.62 36.70 24.70
C PRO G 56 -37.14 37.41 25.94
N GLU G 57 -36.51 38.55 26.27
CA GLU G 57 -36.79 39.23 27.53
C GLU G 57 -38.30 39.60 27.62
N GLY G 58 -38.85 39.48 28.84
CA GLY G 58 -40.25 39.84 29.12
C GLY G 58 -41.30 38.78 28.78
N LYS G 59 -40.90 37.76 28.01
CA LYS G 59 -41.80 36.70 27.53
C LYS G 59 -41.88 35.50 28.49
N ASP G 60 -43.05 34.87 28.53
CA ASP G 60 -43.23 33.66 29.35
C ASP G 60 -43.02 32.38 28.52
N PHE G 61 -42.19 32.47 27.48
CA PHE G 61 -41.74 31.31 26.72
C PHE G 61 -40.28 31.47 26.35
N SER G 62 -39.68 30.36 25.94
CA SER G 62 -38.34 30.33 25.39
C SER G 62 -38.44 29.84 23.93
N ILE G 63 -37.38 30.12 23.15
CA ILE G 63 -37.31 29.69 21.75
C ILE G 63 -36.30 28.57 21.59
N HIS G 64 -36.77 27.48 21.00
CA HIS G 64 -35.98 26.29 20.76
C HIS G 64 -36.01 26.12 19.26
N ARG G 65 -35.05 25.35 18.73
CA ARG G 65 -34.97 25.20 17.28
C ARG G 65 -34.68 23.79 16.87
N LEU G 66 -35.24 23.44 15.71
CA LEU G 66 -35.19 22.09 15.16
C LEU G 66 -34.56 22.14 13.78
N VAL G 67 -33.83 21.06 13.46
CA VAL G 67 -33.34 20.82 12.12
C VAL G 67 -34.25 19.81 11.46
N LEU G 68 -34.95 20.26 10.44
CA LEU G 68 -35.83 19.42 9.65
C LEU G 68 -35.36 19.43 8.21
N GLY G 69 -36.00 18.60 7.40
CA GLY G 69 -35.72 18.51 5.97
C GLY G 69 -37.00 18.24 5.21
N THR G 70 -36.86 17.99 3.92
CA THR G 70 -38.01 17.86 3.04
C THR G 70 -37.88 16.60 2.21
N HIS G 71 -38.99 15.91 2.03
CA HIS G 71 -39.07 14.72 1.20
C HIS G 71 -40.12 14.98 0.11
N THR G 72 -39.67 15.64 -0.95
CA THR G 72 -40.43 15.81 -2.20
C THR G 72 -39.56 15.40 -3.38
N SER G 73 -40.22 14.94 -4.45
CA SER G 73 -39.56 14.46 -5.70
C SER G 73 -39.74 15.37 -6.93
N ASP G 74 -40.76 16.23 -6.90
CA ASP G 74 -41.09 17.10 -8.02
C ASP G 74 -40.80 18.56 -7.73
N GLU G 75 -40.31 18.88 -6.52
CA GLU G 75 -40.15 20.28 -6.10
C GLU G 75 -38.79 20.45 -5.44
N GLN G 76 -38.41 21.71 -5.23
CA GLN G 76 -37.11 22.03 -4.64
C GLN G 76 -37.08 21.68 -3.14
N ASN G 77 -36.19 20.74 -2.79
CA ASN G 77 -35.98 20.35 -1.41
C ASN G 77 -35.29 21.46 -0.64
N HIS G 78 -35.48 21.43 0.67
CA HIS G 78 -34.87 22.37 1.58
C HIS G 78 -34.32 21.67 2.83
N LEU G 79 -33.23 22.19 3.34
CA LEU G 79 -32.82 21.90 4.70
C LEU G 79 -33.50 23.01 5.46
N VAL G 80 -34.19 22.65 6.55
CA VAL G 80 -35.05 23.60 7.26
C VAL G 80 -34.65 23.72 8.72
N ILE G 81 -34.71 24.95 9.23
CA ILE G 81 -34.54 25.21 10.65
C ILE G 81 -35.81 25.93 11.09
N ALA G 82 -36.50 25.31 12.06
CA ALA G 82 -37.75 25.85 12.58
C ALA G 82 -37.54 26.24 14.03
N SER G 83 -38.18 27.33 14.40
CA SER G 83 -38.17 27.80 15.77
C SER G 83 -39.48 27.37 16.44
N VAL G 84 -39.40 27.06 17.74
CA VAL G 84 -40.54 26.59 18.51
C VAL G 84 -40.60 27.29 19.86
N GLN G 85 -41.75 27.90 20.17
CA GLN G 85 -41.97 28.50 21.49
C GLN G 85 -42.40 27.51 22.55
N LEU G 86 -41.60 27.36 23.62
CA LEU G 86 -41.91 26.45 24.70
C LEU G 86 -42.24 27.26 25.95
N PRO G 87 -43.38 26.97 26.62
CA PRO G 87 -43.76 27.64 27.88
C PRO G 87 -42.74 27.50 28.99
N ASN G 88 -42.51 28.58 29.74
CA ASN G 88 -41.73 28.54 30.99
C ASN G 88 -42.55 27.96 32.17
N ASP G 89 -42.50 26.64 32.32
CA ASP G 89 -43.18 25.92 33.42
C ASP G 89 -44.71 26.08 33.37
N GLY G 103 -57.91 28.91 37.84
CA GLY G 103 -58.84 27.80 38.17
C GLY G 103 -59.86 27.49 37.08
N GLU G 104 -59.34 27.01 35.95
CA GLU G 104 -60.14 26.66 34.76
C GLU G 104 -59.55 25.37 34.10
N PHE G 105 -60.37 24.55 33.44
CA PHE G 105 -59.86 23.23 32.93
C PHE G 105 -59.35 23.35 31.50
N GLY G 106 -58.50 22.41 31.09
CA GLY G 106 -58.14 22.24 29.67
C GLY G 106 -56.77 22.83 29.40
N GLY G 107 -56.73 23.84 28.52
CA GLY G 107 -55.50 24.53 28.11
C GLY G 107 -55.31 24.66 26.60
N PHE G 108 -56.37 24.51 25.80
CA PHE G 108 -56.28 24.69 24.34
C PHE G 108 -56.23 26.17 23.97
N GLY G 109 -55.36 26.52 23.02
CA GLY G 109 -55.23 27.90 22.57
C GLY G 109 -54.86 28.02 21.12
N SER G 110 -54.54 29.25 20.71
CA SER G 110 -54.10 29.56 19.36
C SER G 110 -52.65 29.10 19.19
N VAL G 111 -52.31 28.56 18.01
CA VAL G 111 -50.91 28.24 17.68
C VAL G 111 -50.19 29.39 16.95
N SER G 112 -50.93 30.41 16.54
CA SER G 112 -50.35 31.54 15.83
C SER G 112 -49.23 32.18 16.64
N GLY G 113 -48.01 32.05 16.15
CA GLY G 113 -46.84 32.61 16.82
C GLY G 113 -46.19 31.64 17.77
N LYS G 114 -46.08 30.39 17.35
CA LYS G 114 -45.46 29.35 18.17
C LYS G 114 -44.42 28.57 17.38
N ILE G 115 -44.79 28.14 16.17
CA ILE G 115 -43.88 27.38 15.29
C ILE G 115 -43.65 28.11 13.96
N GLU G 116 -42.42 28.59 13.76
CA GLU G 116 -42.04 29.34 12.54
C GLU G 116 -40.81 28.73 11.86
N ILE G 117 -40.77 28.86 10.54
CA ILE G 117 -39.59 28.51 9.77
C ILE G 117 -38.66 29.74 9.80
N GLU G 118 -37.43 29.55 10.32
CA GLU G 118 -36.42 30.60 10.33
C GLU G 118 -35.59 30.58 9.02
N ILE G 119 -35.18 29.37 8.61
CA ILE G 119 -34.19 29.17 7.56
C ILE G 119 -34.65 28.09 6.59
N LYS G 120 -34.52 28.39 5.30
CA LYS G 120 -34.67 27.39 4.24
C LYS G 120 -33.42 27.48 3.35
N ILE G 121 -32.80 26.34 3.08
CA ILE G 121 -31.57 26.29 2.28
C ILE G 121 -31.84 25.27 1.20
N ASN G 122 -31.69 25.65 -0.07
CA ASN G 122 -31.88 24.69 -1.16
C ASN G 122 -30.95 23.47 -0.99
N HIS G 123 -31.52 22.28 -1.24
CA HIS G 123 -30.81 21.02 -1.01
C HIS G 123 -31.12 20.13 -2.20
N GLU G 124 -30.10 19.50 -2.79
CA GLU G 124 -30.32 18.81 -4.09
C GLU G 124 -31.30 17.61 -3.95
N GLY G 125 -30.87 16.50 -3.38
CA GLY G 125 -31.81 15.38 -3.17
C GLY G 125 -32.77 15.67 -2.03
N GLU G 126 -33.56 14.65 -1.65
CA GLU G 126 -34.34 14.72 -0.42
C GLU G 126 -33.40 14.58 0.77
N VAL G 127 -33.76 15.25 1.86
CA VAL G 127 -32.99 15.19 3.09
C VAL G 127 -33.45 13.93 3.80
N ASN G 128 -32.65 12.86 3.69
CA ASN G 128 -32.94 11.59 4.37
C ASN G 128 -32.62 11.64 5.84
N ARG G 129 -31.57 12.38 6.19
CA ARG G 129 -31.21 12.63 7.57
C ARG G 129 -30.35 13.87 7.68
N ALA G 130 -30.53 14.63 8.76
CA ALA G 130 -29.72 15.82 8.97
C ALA G 130 -29.35 15.92 10.41
N ARG G 131 -28.04 16.05 10.64
CA ARG G 131 -27.48 16.07 11.97
C ARG G 131 -26.52 17.24 12.10
N TYR G 132 -26.58 17.97 13.20
CA TYR G 132 -25.68 19.09 13.46
C TYR G 132 -24.40 18.57 14.08
N MET G 133 -23.29 19.26 13.80
CA MET G 133 -22.00 18.89 14.35
C MET G 133 -21.96 19.39 15.81
N PRO G 134 -21.80 18.46 16.77
CA PRO G 134 -21.81 18.92 18.16
C PRO G 134 -20.83 20.07 18.42
N GLN G 135 -19.61 19.96 17.85
CA GLN G 135 -18.54 20.91 18.13
C GLN G 135 -18.76 22.30 17.54
N ASN G 136 -19.74 22.46 16.65
CA ASN G 136 -20.15 23.77 16.12
C ASN G 136 -21.51 23.58 15.42
N PRO G 137 -22.61 23.69 16.19
CA PRO G 137 -23.97 23.44 15.72
C PRO G 137 -24.47 24.24 14.53
N CYS G 138 -23.69 25.21 14.05
CA CYS G 138 -24.00 25.89 12.77
C CYS G 138 -23.79 24.98 11.56
N ILE G 139 -23.02 23.91 11.74
CA ILE G 139 -22.66 23.01 10.65
C ILE G 139 -23.63 21.83 10.70
N ILE G 140 -24.41 21.67 9.63
CA ILE G 140 -25.35 20.56 9.46
C ILE G 140 -24.82 19.67 8.35
N ALA G 141 -24.66 18.38 8.65
CA ALA G 141 -24.42 17.31 7.64
C ALA G 141 -25.73 16.67 7.22
N THR G 142 -25.92 16.47 5.92
CA THR G 142 -27.15 15.84 5.42
C THR G 142 -26.84 14.62 4.59
N LYS G 143 -27.76 13.70 4.61
CA LYS G 143 -27.63 12.44 3.94
C LYS G 143 -28.59 12.53 2.78
N THR G 144 -28.05 12.30 1.58
CA THR G 144 -28.81 12.40 0.35
C THR G 144 -29.19 10.99 -0.04
N PRO G 145 -30.06 10.81 -1.07
CA PRO G 145 -30.37 9.44 -1.50
C PRO G 145 -29.21 8.76 -2.25
N SER G 146 -28.24 9.58 -2.70
CA SER G 146 -26.95 9.09 -3.16
C SER G 146 -26.03 8.88 -1.97
N SER G 147 -24.87 8.25 -2.19
CA SER G 147 -23.94 7.93 -1.09
C SER G 147 -23.08 9.09 -0.64
N ASP G 148 -23.29 10.26 -1.24
CA ASP G 148 -22.63 11.49 -0.81
C ASP G 148 -23.38 12.17 0.34
N VAL G 149 -22.58 12.81 1.21
CA VAL G 149 -23.08 13.56 2.35
C VAL G 149 -22.78 15.03 2.07
N LEU G 150 -23.77 15.91 2.19
CA LEU G 150 -23.52 17.34 2.01
C LEU G 150 -23.35 18.03 3.36
N VAL G 151 -22.49 19.04 3.45
CA VAL G 151 -22.29 19.77 4.69
C VAL G 151 -22.58 21.24 4.42
N PHE G 152 -23.41 21.83 5.29
CA PHE G 152 -23.82 23.21 5.15
C PHE G 152 -23.48 23.94 6.44
N ASP G 153 -23.00 25.18 6.32
CA ASP G 153 -22.93 26.11 7.43
C ASP G 153 -24.11 27.05 7.14
N TYR G 154 -25.15 27.01 7.97
CA TYR G 154 -26.35 27.85 7.73
C TYR G 154 -26.17 29.36 8.02
N THR G 155 -25.08 29.74 8.68
CA THR G 155 -24.72 31.15 8.76
C THR G 155 -24.18 31.69 7.43
N LYS G 156 -23.68 30.80 6.56
CA LYS G 156 -23.10 31.17 5.25
C LYS G 156 -24.09 31.11 4.06
N HIS G 157 -25.39 31.11 4.36
CA HIS G 157 -26.40 31.19 3.31
C HIS G 157 -27.40 32.28 3.72
N PRO G 158 -28.21 32.75 2.75
CA PRO G 158 -29.36 33.60 3.11
C PRO G 158 -30.47 32.75 3.72
N SER G 159 -31.17 33.34 4.67
CA SER G 159 -32.22 32.67 5.40
C SER G 159 -33.39 32.31 4.53
N LYS G 160 -33.77 33.24 3.67
CA LYS G 160 -34.89 33.02 2.78
C LYS G 160 -34.43 33.18 1.37
N PRO G 161 -33.94 32.10 0.76
CA PRO G 161 -33.52 32.19 -0.64
C PRO G 161 -34.77 32.31 -1.48
N ASP G 162 -34.76 33.11 -2.54
CA ASP G 162 -36.00 33.30 -3.33
C ASP G 162 -36.12 32.59 -4.67
N PRO G 163 -35.17 32.79 -5.57
CA PRO G 163 -35.31 32.12 -6.86
C PRO G 163 -35.03 30.64 -6.75
N SER G 164 -35.65 29.82 -7.59
CA SER G 164 -35.36 28.39 -7.53
C SER G 164 -34.49 27.97 -8.73
N GLY G 165 -33.70 26.92 -8.53
CA GLY G 165 -32.85 26.40 -9.60
C GLY G 165 -33.67 25.42 -10.43
N GLU G 166 -34.23 24.42 -9.75
CA GLU G 166 -35.07 23.40 -10.38
C GLU G 166 -34.41 22.55 -11.45
N CYS G 167 -33.81 21.43 -11.05
CA CYS G 167 -33.22 20.51 -12.00
C CYS G 167 -34.31 20.01 -12.95
N ASN G 168 -35.36 19.45 -12.35
CA ASN G 168 -36.52 18.97 -13.13
C ASN G 168 -36.24 17.77 -14.11
N PRO G 169 -35.65 16.68 -13.56
CA PRO G 169 -35.49 15.50 -14.42
C PRO G 169 -36.85 14.90 -14.80
N ASP G 170 -37.05 14.69 -16.10
CA ASP G 170 -38.30 14.05 -16.58
C ASP G 170 -38.43 12.58 -16.19
N LEU G 171 -37.30 11.94 -15.83
CA LEU G 171 -37.32 10.67 -15.07
C LEU G 171 -36.04 10.62 -14.26
N ARG G 172 -36.06 9.87 -13.17
CA ARG G 172 -34.85 9.63 -12.40
C ARG G 172 -34.75 8.11 -12.27
N LEU G 173 -33.76 7.54 -12.93
CA LEU G 173 -33.54 6.10 -12.87
C LEU G 173 -32.68 5.83 -11.65
N ARG G 174 -33.29 5.14 -10.67
CA ARG G 174 -32.65 4.88 -9.39
C ARG G 174 -31.84 3.60 -9.47
N GLY G 175 -30.66 3.65 -8.83
CA GLY G 175 -29.66 2.58 -8.87
C GLY G 175 -29.70 1.60 -7.70
N HIS G 176 -30.18 2.04 -6.53
CA HIS G 176 -30.44 1.15 -5.39
C HIS G 176 -31.83 1.36 -4.83
N GLN G 177 -32.50 0.25 -4.48
CA GLN G 177 -33.87 0.31 -3.90
C GLN G 177 -33.88 0.91 -2.46
N LYS G 178 -33.07 0.38 -1.53
CA LYS G 178 -32.90 0.83 -0.15
C LYS G 178 -31.67 1.62 -0.01
N GLU G 179 -31.47 2.22 1.16
CA GLU G 179 -30.26 3.04 1.29
C GLU G 179 -29.54 2.95 2.63
N GLY G 180 -30.22 3.30 3.70
CA GLY G 180 -29.62 3.31 5.02
C GLY G 180 -29.37 4.78 5.30
N TYR G 181 -29.96 5.31 6.38
CA TYR G 181 -29.85 6.76 6.71
C TYR G 181 -28.78 7.10 7.73
N GLY G 182 -28.09 6.06 8.23
CA GLY G 182 -26.98 6.21 9.17
C GLY G 182 -26.09 7.42 8.89
N LEU G 183 -26.00 8.31 9.88
CA LEU G 183 -25.18 9.53 9.80
C LEU G 183 -24.84 9.94 11.25
N SER G 184 -23.59 9.78 11.68
CA SER G 184 -23.18 10.19 13.03
C SER G 184 -21.87 11.05 13.06
N TRP G 185 -21.92 12.23 13.69
CA TRP G 185 -20.70 13.02 13.98
C TRP G 185 -20.02 12.51 15.22
N ASN G 186 -18.69 12.41 15.22
CA ASN G 186 -17.96 12.08 16.46
C ASN G 186 -17.99 13.28 17.41
N PRO G 187 -18.60 13.10 18.61
CA PRO G 187 -18.70 14.21 19.58
C PRO G 187 -17.44 14.45 20.41
N ASN G 188 -16.40 13.64 20.18
CA ASN G 188 -15.08 13.81 20.82
C ASN G 188 -13.95 14.21 19.83
N LEU G 189 -14.09 13.83 18.55
CA LEU G 189 -13.16 14.23 17.50
C LEU G 189 -13.90 15.16 16.53
N SER G 190 -13.59 16.45 16.61
CA SER G 190 -14.22 17.41 15.75
C SER G 190 -14.05 17.07 14.27
N GLY G 191 -15.17 17.03 13.56
CA GLY G 191 -15.17 16.81 12.09
C GLY G 191 -15.06 15.37 11.60
N HIS G 192 -14.94 14.40 12.51
CA HIS G 192 -14.99 12.98 12.09
C HIS G 192 -16.45 12.55 11.94
N LEU G 193 -16.80 12.01 10.78
CA LEU G 193 -18.21 11.76 10.45
C LEU G 193 -18.38 10.39 9.85
N LEU G 194 -19.27 9.57 10.43
CA LEU G 194 -19.59 8.25 9.87
C LEU G 194 -20.86 8.27 9.05
N SER G 195 -20.92 7.45 8.00
CA SER G 195 -22.14 7.29 7.23
C SER G 195 -22.28 5.91 6.64
N ALA G 196 -23.51 5.48 6.46
CA ALA G 196 -23.80 4.21 5.83
C ALA G 196 -23.76 4.49 4.33
N SER G 197 -22.81 3.86 3.64
CA SER G 197 -22.80 3.93 2.17
C SER G 197 -23.81 2.90 1.58
N ASP G 198 -23.93 2.93 0.25
CA ASP G 198 -24.95 2.18 -0.51
C ASP G 198 -24.49 0.79 -1.01
N ASP G 199 -23.28 0.37 -0.62
CA ASP G 199 -22.67 -0.90 -1.09
C ASP G 199 -22.29 -1.88 0.06
N HIS G 200 -23.05 -1.83 1.14
CA HIS G 200 -22.81 -2.66 2.34
C HIS G 200 -21.62 -2.24 3.21
N THR G 201 -21.04 -1.05 2.94
CA THR G 201 -19.89 -0.54 3.72
C THR G 201 -20.22 0.76 4.47
N ILE G 202 -19.28 1.22 5.29
CA ILE G 202 -19.42 2.42 6.10
C ILE G 202 -18.26 3.37 5.79
N CYS G 203 -18.58 4.62 5.44
CA CYS G 203 -17.56 5.63 5.16
C CYS G 203 -17.23 6.40 6.42
N LEU G 204 -15.96 6.79 6.54
CA LEU G 204 -15.51 7.74 7.56
C LEU G 204 -14.84 8.89 6.84
N TRP G 205 -15.27 10.12 7.12
CA TRP G 205 -14.59 11.33 6.65
C TRP G 205 -14.06 12.12 7.85
N ASP G 206 -12.98 12.86 7.61
CA ASP G 206 -12.43 13.86 8.53
C ASP G 206 -12.43 15.19 7.79
N ILE G 207 -13.32 16.10 8.19
CA ILE G 207 -13.43 17.42 7.54
C ILE G 207 -12.78 18.56 8.36
N SER G 208 -12.12 18.20 9.47
CA SER G 208 -11.36 19.19 10.25
C SER G 208 -10.16 19.58 9.43
N ALA G 209 -9.88 20.87 9.33
CA ALA G 209 -8.74 21.37 8.58
C ALA G 209 -8.35 20.43 7.44
N VAL G 210 -9.36 19.84 6.81
CA VAL G 210 -9.13 18.93 5.69
C VAL G 210 -9.55 19.56 4.38
N PRO G 211 -10.66 20.31 4.41
CA PRO G 211 -11.20 21.00 3.22
C PRO G 211 -10.19 21.99 2.64
N LYS G 212 -9.30 21.51 1.78
CA LYS G 212 -8.30 22.35 1.17
C LYS G 212 -7.92 21.85 -0.23
N GLU G 213 -8.22 20.59 -0.49
CA GLU G 213 -7.93 19.97 -1.78
C GLU G 213 -9.17 19.87 -2.65
N GLY G 214 -10.11 20.79 -2.44
CA GLY G 214 -11.35 20.81 -3.19
C GLY G 214 -12.58 20.71 -2.30
N LYS G 215 -13.57 21.55 -2.57
CA LYS G 215 -14.80 21.57 -1.80
C LYS G 215 -15.28 20.14 -1.55
N VAL G 216 -14.79 19.22 -2.37
CA VAL G 216 -15.13 17.79 -2.26
C VAL G 216 -14.11 17.08 -1.38
N VAL G 217 -14.56 16.07 -0.62
CA VAL G 217 -13.68 15.37 0.33
C VAL G 217 -13.92 13.88 0.21
N ASP G 218 -12.84 13.13 0.04
CA ASP G 218 -12.95 11.68 -0.04
C ASP G 218 -12.91 11.08 1.35
N ALA G 219 -13.29 9.80 1.40
CA ALA G 219 -13.33 9.04 2.64
C ALA G 219 -11.93 8.72 3.12
N LYS G 220 -11.67 8.97 4.40
CA LYS G 220 -10.46 8.54 5.10
C LYS G 220 -10.43 7.02 5.22
N THR G 221 -11.59 6.40 5.49
CA THR G 221 -11.64 4.93 5.65
C THR G 221 -12.97 4.38 5.15
N ILE G 222 -12.94 3.15 4.68
CA ILE G 222 -14.12 2.37 4.32
C ILE G 222 -14.11 1.08 5.15
N PHE G 223 -15.17 0.85 5.93
CA PHE G 223 -15.26 -0.37 6.72
C PHE G 223 -16.18 -1.34 5.98
N THR G 224 -15.65 -2.53 5.66
CA THR G 224 -16.45 -3.60 5.05
C THR G 224 -16.62 -4.64 6.12
N GLY G 225 -17.72 -5.36 6.10
CA GLY G 225 -17.99 -6.34 7.14
C GLY G 225 -19.41 -6.85 7.01
N HIS G 226 -20.36 -5.92 6.94
CA HIS G 226 -21.76 -6.27 6.65
C HIS G 226 -21.89 -6.86 5.20
N THR G 227 -22.83 -7.78 5.05
CA THR G 227 -23.10 -8.40 3.78
C THR G 227 -24.43 -7.89 3.18
N ALA G 228 -24.95 -6.77 3.71
CA ALA G 228 -26.21 -6.22 3.20
C ALA G 228 -26.30 -4.77 3.58
N VAL G 229 -27.32 -4.09 3.07
CA VAL G 229 -27.53 -2.66 3.30
C VAL G 229 -27.28 -2.35 4.78
N VAL G 230 -26.35 -1.42 5.02
CA VAL G 230 -26.08 -0.90 6.37
C VAL G 230 -27.14 0.15 6.66
N GLU G 231 -27.83 -0.01 7.78
CA GLU G 231 -28.97 0.83 8.10
C GLU G 231 -28.54 2.01 8.92
N ASP G 232 -27.78 1.78 9.98
CA ASP G 232 -27.45 2.85 10.92
C ASP G 232 -26.04 2.67 11.46
N VAL G 233 -25.42 3.82 11.77
CA VAL G 233 -24.13 3.88 12.44
C VAL G 233 -24.16 4.93 13.52
N SER G 234 -23.45 4.71 14.59
CA SER G 234 -23.36 5.71 15.63
C SER G 234 -22.02 5.62 16.34
N TRP G 235 -21.40 6.79 16.54
CA TRP G 235 -20.25 6.87 17.42
C TRP G 235 -20.66 6.55 18.88
N HIS G 236 -19.75 5.91 19.60
CA HIS G 236 -19.84 5.82 21.06
C HIS G 236 -19.75 7.25 21.60
N LEU G 237 -20.34 7.48 22.78
CA LEU G 237 -20.42 8.84 23.32
C LEU G 237 -19.21 9.26 24.15
N LEU G 238 -18.42 8.29 24.58
CA LEU G 238 -17.27 8.52 25.43
C LEU G 238 -15.95 8.16 24.73
N HIS G 239 -15.82 6.90 24.34
CA HIS G 239 -14.64 6.40 23.64
C HIS G 239 -14.65 6.90 22.19
N GLU G 240 -13.73 7.81 21.91
CA GLU G 240 -13.63 8.47 20.61
C GLU G 240 -13.29 7.61 19.38
N SER G 241 -12.72 6.42 19.60
CA SER G 241 -12.43 5.52 18.50
C SER G 241 -13.47 4.40 18.28
N LEU G 242 -14.50 4.32 19.13
CA LEU G 242 -15.53 3.24 19.01
C LEU G 242 -16.72 3.76 18.23
N PHE G 243 -17.28 2.89 17.37
CA PHE G 243 -18.60 3.11 16.81
C PHE G 243 -19.29 1.81 16.57
N GLY G 244 -20.61 1.89 16.50
CA GLY G 244 -21.43 0.71 16.25
C GLY G 244 -22.14 0.86 14.90
N SER G 245 -22.51 -0.30 14.33
CA SER G 245 -23.30 -0.29 13.10
C SER G 245 -24.31 -1.45 13.10
N VAL G 246 -25.40 -1.26 12.37
CA VAL G 246 -26.41 -2.29 12.22
C VAL G 246 -26.83 -2.36 10.75
N ALA G 247 -27.30 -3.55 10.34
CA ALA G 247 -27.60 -3.78 8.91
C ALA G 247 -28.63 -4.87 8.65
N ASP G 248 -29.05 -4.95 7.38
CA ASP G 248 -30.09 -5.91 6.95
C ASP G 248 -29.61 -7.37 6.98
N ASP G 249 -28.31 -7.57 7.21
CA ASP G 249 -27.74 -8.91 7.52
C ASP G 249 -28.01 -9.40 8.93
N GLN G 250 -28.84 -8.69 9.70
CA GLN G 250 -29.26 -9.10 11.05
C GLN G 250 -28.19 -8.90 12.13
N LYS G 251 -27.17 -8.10 11.81
CA LYS G 251 -26.00 -8.01 12.66
C LYS G 251 -25.87 -6.67 13.32
N LEU G 252 -25.44 -6.70 14.59
CA LEU G 252 -24.85 -5.53 15.25
C LEU G 252 -23.33 -5.73 15.19
N MET G 253 -22.60 -4.66 14.90
CA MET G 253 -21.15 -4.70 14.81
C MET G 253 -20.56 -3.51 15.55
N ILE G 254 -19.57 -3.80 16.38
CA ILE G 254 -18.80 -2.75 17.08
C ILE G 254 -17.43 -2.66 16.40
N TRP G 255 -17.07 -1.43 15.99
CA TRP G 255 -15.84 -1.15 15.27
C TRP G 255 -14.94 -0.31 16.14
N ASP G 256 -13.63 -0.40 15.89
CA ASP G 256 -12.61 0.42 16.57
C ASP G 256 -11.68 0.99 15.53
N THR G 257 -11.67 2.32 15.37
CA THR G 257 -10.91 2.97 14.29
C THR G 257 -9.36 2.72 14.42
N ARG G 258 -8.90 2.45 15.64
CA ARG G 258 -7.50 2.09 15.85
C ARG G 258 -7.10 0.73 15.24
N SER G 259 -8.05 -0.20 15.11
CA SER G 259 -7.75 -1.48 14.47
C SER G 259 -7.26 -1.22 13.04
N ASN G 260 -6.28 -2.01 12.61
CA ASN G 260 -5.70 -1.92 11.24
C ASN G 260 -6.59 -2.66 10.21
N ASN G 261 -7.34 -3.67 10.69
CA ASN G 261 -8.22 -4.49 9.85
C ASN G 261 -9.63 -3.84 9.74
N THR G 262 -9.88 -3.23 8.58
CA THR G 262 -11.14 -2.56 8.29
C THR G 262 -12.13 -3.45 7.52
N SER G 263 -11.78 -4.72 7.37
CA SER G 263 -12.71 -5.72 6.79
C SER G 263 -13.39 -6.59 7.86
N LYS G 264 -13.05 -6.34 9.11
CA LYS G 264 -13.57 -7.16 10.21
C LYS G 264 -13.69 -6.29 11.45
N PRO G 265 -14.86 -6.31 12.10
CA PRO G 265 -15.06 -5.46 13.26
C PRO G 265 -14.53 -6.14 14.51
N SER G 266 -14.42 -5.35 15.58
CA SER G 266 -14.04 -5.86 16.91
C SER G 266 -15.02 -6.93 17.45
N HIS G 267 -16.33 -6.68 17.28
CA HIS G 267 -17.38 -7.59 17.77
C HIS G 267 -18.52 -7.62 16.78
N SER G 268 -19.14 -8.80 16.65
CA SER G 268 -20.19 -9.05 15.67
C SER G 268 -21.26 -9.90 16.33
N VAL G 269 -22.49 -9.39 16.40
CA VAL G 269 -23.60 -10.06 17.10
C VAL G 269 -24.73 -10.40 16.10
N ASP G 270 -25.34 -11.56 16.26
CA ASP G 270 -26.65 -11.85 15.64
C ASP G 270 -27.72 -11.18 16.51
N ALA G 271 -28.00 -9.91 16.21
CA ALA G 271 -28.85 -9.08 17.06
C ALA G 271 -30.35 -9.45 16.99
N HIS G 272 -30.82 -9.74 15.79
CA HIS G 272 -32.25 -10.00 15.58
C HIS G 272 -32.46 -11.04 14.52
N THR G 273 -33.71 -11.44 14.36
CA THR G 273 -34.14 -12.39 13.35
C THR G 273 -34.65 -11.70 12.05
N ALA G 274 -34.42 -10.40 11.91
CA ALA G 274 -34.71 -9.66 10.68
C ALA G 274 -33.78 -8.44 10.61
N GLU G 275 -34.00 -7.59 9.61
CA GLU G 275 -33.20 -6.40 9.41
C GLU G 275 -33.08 -5.60 10.69
N VAL G 276 -31.90 -5.07 10.94
CA VAL G 276 -31.68 -4.19 12.09
C VAL G 276 -31.55 -2.79 11.59
N ASN G 277 -32.50 -1.91 11.95
CA ASN G 277 -32.60 -0.58 11.34
C ASN G 277 -31.99 0.56 12.11
N CYS G 278 -31.68 0.36 13.39
CA CYS G 278 -31.15 1.46 14.21
C CYS G 278 -30.45 1.00 15.47
N LEU G 279 -29.64 1.91 16.01
CA LEU G 279 -29.01 1.71 17.32
C LEU G 279 -28.79 3.03 18.04
N SER G 280 -28.70 2.93 19.37
CA SER G 280 -28.51 4.13 20.19
C SER G 280 -27.77 3.74 21.45
N PHE G 281 -26.67 4.45 21.70
CA PHE G 281 -25.90 4.29 22.96
C PHE G 281 -26.53 5.10 24.09
N ASN G 282 -26.63 4.46 25.25
CA ASN G 282 -27.13 5.12 26.47
C ASN G 282 -26.18 6.21 26.96
N PRO G 283 -26.64 7.47 27.03
CA PRO G 283 -25.75 8.59 27.39
C PRO G 283 -25.26 8.64 28.86
N TYR G 284 -25.70 7.72 29.71
CA TYR G 284 -25.24 7.64 31.09
C TYR G 284 -24.46 6.37 31.35
N SER G 285 -24.24 5.55 30.34
CA SER G 285 -23.45 4.34 30.54
C SER G 285 -22.68 4.03 29.27
N GLU G 286 -21.35 4.05 29.40
CA GLU G 286 -20.44 3.62 28.36
C GLU G 286 -20.66 2.18 27.87
N PHE G 287 -21.28 1.29 28.68
CA PHE G 287 -21.56 -0.08 28.21
C PHE G 287 -22.91 -0.38 27.54
N ILE G 288 -23.92 0.47 27.70
CA ILE G 288 -25.30 0.11 27.32
C ILE G 288 -25.70 0.66 25.98
N LEU G 289 -26.30 -0.16 25.14
CA LEU G 289 -26.92 0.36 23.92
C LEU G 289 -28.19 -0.37 23.60
N ALA G 290 -28.92 0.19 22.65
CA ALA G 290 -30.19 -0.42 22.24
C ALA G 290 -30.23 -0.51 20.72
N THR G 291 -30.83 -1.59 20.21
CA THR G 291 -31.08 -1.72 18.77
C THR G 291 -32.56 -1.95 18.45
N GLY G 292 -32.96 -1.48 17.26
CA GLY G 292 -34.32 -1.64 16.77
C GLY G 292 -34.36 -2.37 15.45
N SER G 293 -35.38 -3.21 15.25
CA SER G 293 -35.41 -4.14 14.15
C SER G 293 -36.76 -4.33 13.47
N ALA G 294 -36.68 -4.75 12.21
CA ALA G 294 -37.82 -5.18 11.45
C ALA G 294 -38.54 -6.37 12.07
N ASP G 295 -37.89 -7.08 13.00
CA ASP G 295 -38.57 -8.14 13.78
C ASP G 295 -39.53 -7.63 14.85
N LYS G 296 -39.72 -6.31 14.90
CA LYS G 296 -40.71 -5.60 15.76
C LYS G 296 -40.29 -5.44 17.21
N THR G 297 -39.00 -5.62 17.49
CA THR G 297 -38.48 -5.58 18.86
C THR G 297 -37.37 -4.61 19.02
N VAL G 298 -37.19 -4.12 20.25
CA VAL G 298 -36.01 -3.35 20.65
C VAL G 298 -35.22 -4.26 21.54
N ALA G 299 -33.91 -4.27 21.34
CA ALA G 299 -33.02 -5.10 22.14
C ALA G 299 -32.10 -4.25 22.95
N LEU G 300 -31.79 -4.77 24.13
CA LEU G 300 -30.89 -4.12 25.06
C LEU G 300 -29.59 -4.91 25.10
N TRP G 301 -28.47 -4.21 24.87
CA TRP G 301 -27.13 -4.84 24.85
C TRP G 301 -26.19 -4.21 25.88
N ASP G 302 -25.29 -5.04 26.40
CA ASP G 302 -24.16 -4.61 27.23
C ASP G 302 -22.85 -4.99 26.49
N LEU G 303 -21.99 -3.99 26.22
CA LEU G 303 -20.73 -4.22 25.48
C LEU G 303 -19.77 -5.19 26.16
N ARG G 304 -19.91 -5.35 27.47
CA ARG G 304 -19.11 -6.31 28.23
C ARG G 304 -19.57 -7.76 28.09
N ASN G 305 -20.73 -8.01 27.49
CA ASN G 305 -21.16 -9.37 27.20
C ASN G 305 -22.22 -9.34 26.09
N LEU G 306 -21.73 -9.22 24.84
CA LEU G 306 -22.59 -9.15 23.66
C LEU G 306 -23.15 -10.47 23.17
N LYS G 307 -22.64 -11.60 23.66
CA LYS G 307 -23.24 -12.90 23.28
C LYS G 307 -24.62 -13.06 23.94
N LEU G 308 -24.88 -12.23 24.97
CA LEU G 308 -26.16 -12.25 25.70
C LEU G 308 -26.94 -10.95 25.54
N LYS G 309 -28.15 -11.06 24.99
CA LYS G 309 -29.11 -9.95 24.89
C LYS G 309 -29.81 -9.71 26.23
N LEU G 310 -29.63 -8.52 26.81
CA LEU G 310 -30.15 -8.26 28.16
C LEU G 310 -31.66 -8.30 28.22
N HIS G 311 -32.32 -7.67 27.25
CA HIS G 311 -33.78 -7.64 27.22
C HIS G 311 -34.30 -7.43 25.81
N SER G 312 -35.54 -7.82 25.60
CA SER G 312 -36.24 -7.55 24.35
C SER G 312 -37.59 -6.87 24.63
N PHE G 313 -37.75 -5.65 24.14
CA PHE G 313 -38.99 -4.90 24.27
C PHE G 313 -39.89 -5.28 23.10
N GLU G 314 -40.85 -6.16 23.37
CA GLU G 314 -41.96 -6.40 22.45
C GLU G 314 -43.19 -5.61 22.88
N SER G 315 -43.66 -4.77 21.99
CA SER G 315 -45.06 -4.35 22.02
C SER G 315 -45.53 -3.65 20.74
N HIS G 316 -44.60 -3.02 20.04
CA HIS G 316 -44.81 -2.55 18.71
C HIS G 316 -45.54 -3.56 17.78
N LYS G 317 -46.38 -2.99 16.94
CA LYS G 317 -47.22 -3.71 16.01
C LYS G 317 -46.52 -3.84 14.65
N ASP G 318 -45.42 -3.09 14.48
CA ASP G 318 -44.70 -3.06 13.23
C ASP G 318 -43.20 -2.84 13.45
N GLU G 319 -42.47 -2.57 12.38
CA GLU G 319 -41.02 -2.44 12.38
C GLU G 319 -40.60 -1.24 13.17
N ILE G 320 -39.47 -1.37 13.85
CA ILE G 320 -38.81 -0.26 14.49
C ILE G 320 -37.77 0.34 13.58
N PHE G 321 -37.83 1.65 13.39
CA PHE G 321 -36.80 2.38 12.62
C PHE G 321 -36.00 3.42 13.41
N GLN G 322 -36.48 3.88 14.55
CA GLN G 322 -35.72 4.81 15.37
C GLN G 322 -35.86 4.42 16.82
N VAL G 323 -34.76 4.52 17.57
CA VAL G 323 -34.77 4.36 19.03
C VAL G 323 -33.79 5.39 19.63
N GLN G 324 -34.21 6.07 20.69
CA GLN G 324 -33.43 7.14 21.30
C GLN G 324 -33.60 7.12 22.80
N TRP G 325 -32.47 7.19 23.50
CA TRP G 325 -32.44 7.32 24.95
C TRP G 325 -32.81 8.73 25.39
N SER G 326 -33.46 8.84 26.55
CA SER G 326 -33.69 10.14 27.17
C SER G 326 -32.35 10.77 27.57
N PRO G 327 -32.14 12.02 27.16
CA PRO G 327 -30.98 12.77 27.61
C PRO G 327 -30.98 13.14 29.08
N HIS G 328 -32.13 13.05 29.75
CA HIS G 328 -32.29 13.37 31.17
C HIS G 328 -32.48 12.18 32.11
N ASN G 329 -32.87 11.02 31.59
CA ASN G 329 -33.19 9.87 32.45
C ASN G 329 -32.59 8.56 31.97
N GLU G 330 -31.60 8.08 32.70
CA GLU G 330 -30.82 6.94 32.28
C GLU G 330 -31.60 5.68 31.98
N THR G 331 -32.78 5.55 32.56
CA THR G 331 -33.60 4.33 32.35
C THR G 331 -34.73 4.47 31.29
N ILE G 332 -34.80 5.62 30.62
CA ILE G 332 -35.87 5.92 29.70
C ILE G 332 -35.38 5.91 28.25
N LEU G 333 -36.13 5.20 27.39
CA LEU G 333 -35.96 5.30 25.94
C LEU G 333 -37.28 5.23 25.19
N ALA G 334 -37.24 5.76 23.99
CA ALA G 334 -38.37 5.72 23.12
C ALA G 334 -38.01 5.04 21.81
N SER G 335 -39.04 4.51 21.14
CA SER G 335 -38.90 3.82 19.88
C SER G 335 -40.09 4.16 18.99
N SER G 336 -39.88 4.08 17.70
CA SER G 336 -40.85 4.45 16.70
C SER G 336 -40.56 3.72 15.40
N GLY G 337 -41.48 3.81 14.47
CA GLY G 337 -41.25 3.22 13.17
C GLY G 337 -42.44 3.25 12.25
N THR G 338 -42.78 2.10 11.71
CA THR G 338 -43.73 2.03 10.58
C THR G 338 -45.14 2.34 11.06
N ASP G 339 -45.48 1.79 12.21
CA ASP G 339 -46.71 2.08 12.83
C ASP G 339 -46.79 3.56 13.24
N ARG G 340 -48.01 4.06 13.42
CA ARG G 340 -48.18 5.48 13.73
C ARG G 340 -47.88 5.88 15.21
N ARG G 341 -47.54 4.91 16.05
CA ARG G 341 -47.30 5.14 17.45
C ARG G 341 -45.84 5.15 17.86
N LEU G 342 -45.56 5.97 18.85
CA LEU G 342 -44.26 6.09 19.45
C LEU G 342 -44.36 5.62 20.90
N ASN G 343 -43.52 4.66 21.26
CA ASN G 343 -43.52 4.05 22.59
C ASN G 343 -42.38 4.55 23.45
N VAL G 344 -42.67 4.72 24.72
CA VAL G 344 -41.71 5.18 25.69
C VAL G 344 -41.59 4.09 26.73
N TRP G 345 -40.37 3.66 26.95
CA TRP G 345 -40.05 2.52 27.81
C TRP G 345 -39.28 2.98 29.04
N ASP G 346 -39.53 2.33 30.16
CA ASP G 346 -38.90 2.64 31.44
C ASP G 346 -38.28 1.35 31.94
N LEU G 347 -36.96 1.27 31.80
CA LEU G 347 -36.18 0.09 32.20
C LEU G 347 -36.33 -0.29 33.65
N SER G 348 -36.52 0.72 34.50
CA SER G 348 -36.67 0.50 35.94
C SER G 348 -37.91 -0.27 36.34
N LYS G 349 -38.90 -0.34 35.48
CA LYS G 349 -40.10 -1.12 35.74
C LYS G 349 -40.03 -2.55 35.19
N ILE G 350 -38.94 -2.95 34.56
CA ILE G 350 -38.80 -4.32 34.01
C ILE G 350 -38.86 -5.33 35.15
N GLY G 351 -39.74 -6.32 35.02
CA GLY G 351 -39.91 -7.36 36.06
C GLY G 351 -40.96 -7.08 37.13
N GLU G 352 -41.47 -5.85 37.18
CA GLU G 352 -42.48 -5.46 38.16
C GLU G 352 -43.70 -6.37 38.08
N GLU G 353 -44.29 -6.63 39.23
CA GLU G 353 -45.51 -7.41 39.28
C GLU G 353 -46.66 -6.56 38.77
N GLN G 354 -47.58 -7.20 38.10
CA GLN G 354 -48.73 -6.52 37.52
C GLN G 354 -49.98 -7.32 37.79
N SER G 355 -51.08 -6.62 38.00
CA SER G 355 -52.38 -7.27 38.03
C SER G 355 -52.65 -7.84 36.65
N PRO G 356 -53.48 -8.88 36.55
CA PRO G 356 -53.78 -9.40 35.23
C PRO G 356 -54.38 -8.35 34.27
N GLU G 357 -55.15 -7.41 34.83
CA GLU G 357 -55.73 -6.29 34.07
C GLU G 357 -54.66 -5.40 33.44
N ASP G 358 -53.70 -4.97 34.25
CA ASP G 358 -52.58 -4.15 33.75
C ASP G 358 -51.72 -4.92 32.73
N ALA G 359 -51.61 -6.25 32.88
CA ALA G 359 -50.89 -7.11 31.92
C ALA G 359 -51.46 -7.04 30.51
N GLU G 360 -52.76 -6.85 30.41
CA GLU G 360 -53.46 -6.73 29.13
C GLU G 360 -53.17 -5.40 28.41
N ASP G 361 -52.86 -4.36 29.19
CA ASP G 361 -52.43 -3.07 28.61
C ASP G 361 -51.01 -3.11 28.04
N GLY G 362 -50.22 -4.10 28.44
CA GLY G 362 -48.84 -4.27 28.00
C GLY G 362 -47.93 -4.44 29.19
N PRO G 363 -46.66 -4.76 28.96
CA PRO G 363 -45.75 -5.00 30.07
C PRO G 363 -45.51 -3.74 30.89
N PRO G 364 -45.07 -3.88 32.14
CA PRO G 364 -44.92 -2.69 32.97
C PRO G 364 -43.87 -1.68 32.47
N GLU G 365 -42.86 -2.17 31.78
CA GLU G 365 -41.86 -1.29 31.18
C GLU G 365 -42.35 -0.38 30.05
N LEU G 366 -43.50 -0.68 29.46
CA LEU G 366 -44.10 0.26 28.54
C LEU G 366 -44.73 1.38 29.35
N LEU G 367 -44.07 2.51 29.42
CA LEU G 367 -44.53 3.64 30.17
C LEU G 367 -45.69 4.38 29.49
N PHE G 368 -45.57 4.62 28.20
CA PHE G 368 -46.48 5.54 27.50
C PHE G 368 -46.54 5.20 25.99
N ILE G 369 -47.75 5.28 25.41
CA ILE G 369 -47.93 5.17 23.98
C ILE G 369 -48.42 6.51 23.49
N HIS G 370 -47.65 7.16 22.64
CA HIS G 370 -48.03 8.42 21.97
C HIS G 370 -48.87 8.16 20.69
N GLY G 371 -50.15 8.54 20.72
CA GLY G 371 -51.10 8.29 19.63
C GLY G 371 -51.41 9.44 18.64
N GLY G 372 -50.71 10.54 18.78
CA GLY G 372 -51.00 11.74 18.00
C GLY G 372 -50.81 11.69 16.50
N HIS G 373 -49.92 10.83 16.01
CA HIS G 373 -49.66 10.75 14.59
C HIS G 373 -50.63 9.82 13.89
N THR G 374 -50.96 10.14 12.64
CA THR G 374 -51.90 9.31 11.83
C THR G 374 -51.21 8.60 10.66
N ALA G 375 -49.90 8.55 10.72
CA ALA G 375 -49.09 7.97 9.67
C ALA G 375 -47.72 7.64 10.22
N LYS G 376 -46.94 6.89 9.44
CA LYS G 376 -45.59 6.45 9.82
C LYS G 376 -44.79 7.59 10.45
N ILE G 377 -44.12 7.30 11.56
CA ILE G 377 -43.21 8.26 12.18
C ILE G 377 -41.82 8.06 11.61
N SER G 378 -41.28 9.13 11.03
CA SER G 378 -40.04 9.07 10.30
C SER G 378 -38.85 9.22 11.24
N ASP G 379 -38.94 10.20 12.13
CA ASP G 379 -37.87 10.47 13.09
C ASP G 379 -38.48 11.13 14.32
N PHE G 380 -37.70 11.15 15.40
CA PHE G 380 -38.03 11.94 16.56
C PHE G 380 -36.81 12.29 17.40
N SER G 381 -36.95 13.33 18.22
CA SER G 381 -35.82 13.87 18.96
C SER G 381 -36.29 14.34 20.31
N TRP G 382 -35.67 13.81 21.37
CA TRP G 382 -35.85 14.35 22.70
C TRP G 382 -35.24 15.78 22.74
N ASN G 383 -35.96 16.73 23.29
CA ASN G 383 -35.42 18.08 23.53
C ASN G 383 -34.34 17.99 24.63
N PRO G 384 -33.12 18.50 24.35
CA PRO G 384 -31.99 18.39 25.31
C PRO G 384 -32.04 19.45 26.43
N ASN G 385 -32.98 20.39 26.34
CA ASN G 385 -33.11 21.48 27.32
C ASN G 385 -34.36 21.52 28.22
N GLU G 386 -35.53 21.05 27.75
CA GLU G 386 -36.70 20.83 28.62
C GLU G 386 -37.02 19.33 28.69
N PRO G 387 -36.87 18.70 29.87
CA PRO G 387 -37.13 17.27 30.03
C PRO G 387 -38.51 16.80 29.59
N TRP G 388 -38.56 15.58 29.04
CA TRP G 388 -39.78 14.90 28.56
C TRP G 388 -40.42 15.51 27.32
N VAL G 389 -39.86 16.59 26.80
CA VAL G 389 -40.32 17.13 25.51
C VAL G 389 -39.71 16.29 24.38
N ILE G 390 -40.57 15.94 23.43
CA ILE G 390 -40.18 15.19 22.27
C ILE G 390 -40.78 15.91 21.08
N CYS G 391 -40.02 15.94 19.97
CA CYS G 391 -40.55 16.35 18.66
C CYS G 391 -40.52 15.15 17.76
N SER G 392 -41.65 14.88 17.13
CA SER G 392 -41.79 13.71 16.24
C SER G 392 -42.39 14.20 14.95
N VAL G 393 -41.97 13.59 13.85
CA VAL G 393 -42.43 13.99 12.52
C VAL G 393 -42.87 12.78 11.75
N SER G 394 -43.96 12.93 11.01
CA SER G 394 -44.56 11.80 10.29
C SER G 394 -44.78 12.10 8.80
N GLU G 395 -45.03 11.02 8.05
CA GLU G 395 -45.25 11.04 6.60
C GLU G 395 -46.48 11.87 6.18
N ASP G 396 -47.44 12.05 7.09
CA ASP G 396 -48.59 12.93 6.84
C ASP G 396 -48.31 14.45 6.85
N ASN G 397 -47.04 14.86 6.95
CA ASN G 397 -46.61 16.28 7.02
C ASN G 397 -46.61 16.89 8.41
N ILE G 398 -47.07 16.13 9.41
CA ILE G 398 -47.29 16.69 10.75
C ILE G 398 -46.03 16.62 11.58
N MET G 399 -45.71 17.74 12.22
CA MET G 399 -44.74 17.82 13.27
C MET G 399 -45.49 18.05 14.57
N GLN G 400 -45.19 17.24 15.58
CA GLN G 400 -45.73 17.39 16.90
C GLN G 400 -44.59 17.61 17.88
N VAL G 401 -44.75 18.60 18.75
CA VAL G 401 -43.87 18.79 19.89
C VAL G 401 -44.76 18.49 21.10
N TRP G 402 -44.32 17.58 21.96
CA TRP G 402 -45.19 17.15 23.04
C TRP G 402 -44.44 16.71 24.27
N GLN G 403 -45.16 16.68 25.38
CA GLN G 403 -44.64 16.27 26.68
C GLN G 403 -45.76 15.55 27.38
N MET G 404 -45.53 14.30 27.76
CA MET G 404 -46.56 13.53 28.46
C MET G 404 -46.78 14.13 29.84
N ALA G 405 -47.94 13.82 30.42
CA ALA G 405 -48.34 14.34 31.72
C ALA G 405 -47.40 13.90 32.81
N GLU G 406 -47.05 14.84 33.69
CA GLU G 406 -46.11 14.57 34.75
C GLU G 406 -46.52 13.45 35.66
N ASN G 407 -47.83 13.24 35.86
CA ASN G 407 -48.31 12.14 36.72
C ASN G 407 -48.04 10.76 36.15
N ILE G 408 -47.80 10.66 34.84
CA ILE G 408 -47.33 9.42 34.24
C ILE G 408 -45.83 9.25 34.45
N TYR G 409 -45.02 10.25 34.17
CA TYR G 409 -43.56 10.07 34.25
C TYR G 409 -42.96 10.18 35.64
N ASN G 410 -43.65 10.84 36.55
CA ASN G 410 -43.32 10.78 37.97
C ASN G 410 -44.07 9.61 38.61
N ASP G 411 -45.36 9.44 38.28
CA ASP G 411 -46.23 8.51 39.00
C ASP G 411 -46.42 8.96 40.46
N ARG H 7 -54.76 17.15 10.33
CA ARG H 7 -55.86 18.13 10.06
C ARG H 7 -55.50 19.54 10.64
N GLN H 8 -56.43 20.22 11.33
CA GLN H 8 -56.11 21.46 12.10
C GLN H 8 -54.94 21.31 13.08
N ALA H 9 -54.03 22.26 13.06
CA ALA H 9 -52.96 22.34 14.05
C ALA H 9 -53.50 22.95 15.30
N PHE H 10 -52.89 22.62 16.44
CA PHE H 10 -53.34 23.13 17.73
C PHE H 10 -52.23 23.28 18.75
N TYR H 11 -52.59 23.90 19.87
CA TYR H 11 -51.69 24.09 21.00
C TYR H 11 -52.45 23.70 22.28
N LEU H 12 -51.77 22.99 23.18
CA LEU H 12 -52.30 22.61 24.45
C LEU H 12 -51.21 22.79 25.45
N HIS H 13 -51.42 23.68 26.41
CA HIS H 13 -50.58 23.75 27.59
C HIS H 13 -51.57 23.52 28.70
N THR H 14 -51.53 22.34 29.31
CA THR H 14 -52.65 21.93 30.16
C THR H 14 -52.63 22.75 31.44
N THR H 15 -53.81 23.17 31.88
CA THR H 15 -53.94 24.03 33.06
C THR H 15 -53.61 23.33 34.36
N LYS H 16 -53.16 24.13 35.32
CA LYS H 16 -52.79 23.70 36.67
C LYS H 16 -53.93 22.94 37.35
N LEU H 17 -55.14 23.42 37.13
CA LEU H 17 -56.33 22.73 37.63
C LEU H 17 -56.50 21.33 37.00
N THR H 18 -56.26 21.19 35.69
CA THR H 18 -56.36 19.86 35.07
C THR H 18 -55.30 18.91 35.63
N ARG H 19 -54.10 19.43 35.89
CA ARG H 19 -53.05 18.64 36.45
C ARG H 19 -53.39 18.14 37.83
N ILE H 20 -53.99 19.00 38.67
CA ILE H 20 -54.47 18.57 40.01
C ILE H 20 -55.66 17.62 39.94
N ALA H 21 -56.55 17.85 38.99
CA ALA H 21 -57.67 16.97 38.77
C ALA H 21 -57.22 15.56 38.43
N ARG H 22 -56.19 15.44 37.61
CA ARG H 22 -55.62 14.14 37.25
C ARG H 22 -55.24 13.36 38.49
N ARG H 23 -54.65 14.03 39.46
CA ARG H 23 -54.18 13.36 40.66
C ARG H 23 -55.34 13.10 41.64
N LEU H 24 -56.23 14.07 41.81
CA LEU H 24 -57.43 13.89 42.62
C LEU H 24 -58.31 12.74 42.16
N CYS H 25 -58.51 12.66 40.87
CA CYS H 25 -59.46 11.71 40.27
C CYS H 25 -58.71 10.57 39.62
N ARG H 26 -57.56 10.25 40.20
CA ARG H 26 -56.78 9.07 39.89
C ARG H 26 -57.64 7.82 39.63
N GLU H 27 -58.64 7.57 40.45
CA GLU H 27 -59.44 6.36 40.36
C GLU H 27 -60.33 6.32 39.13
N ILE H 28 -60.68 7.49 38.61
CA ILE H 28 -61.47 7.58 37.38
C ILE H 28 -60.57 7.58 36.16
N LEU H 29 -59.55 8.41 36.17
CA LEU H 29 -58.62 8.55 35.07
C LEU H 29 -57.80 7.31 34.82
N ARG H 30 -57.27 6.74 35.89
CA ARG H 30 -56.47 5.52 35.82
C ARG H 30 -55.28 5.69 34.88
N PRO H 31 -54.35 6.61 35.19
CA PRO H 31 -53.25 7.01 34.29
C PRO H 31 -52.34 5.88 33.78
N TRP H 32 -52.09 4.91 34.60
CA TRP H 32 -51.36 3.72 34.23
C TRP H 32 -52.01 2.99 33.04
N HIS H 33 -53.33 2.97 33.01
CA HIS H 33 -54.13 2.32 31.98
C HIS H 33 -54.27 3.26 30.77
N ALA H 34 -54.68 4.49 31.01
CA ALA H 34 -54.85 5.50 29.97
C ALA H 34 -53.58 5.81 29.18
N ALA H 35 -52.42 5.79 29.82
CA ALA H 35 -51.14 5.99 29.15
C ALA H 35 -50.85 4.97 28.06
N ARG H 36 -51.44 3.77 28.17
CA ARG H 36 -51.33 2.74 27.16
C ARG H 36 -52.58 2.56 26.28
N HIS H 37 -53.51 3.51 26.33
CA HIS H 37 -54.74 3.50 25.58
C HIS H 37 -55.07 4.90 25.14
N PRO H 38 -54.24 5.46 24.25
CA PRO H 38 -54.51 6.76 23.65
C PRO H 38 -55.85 6.89 22.96
N TYR H 39 -56.39 5.79 22.44
CA TYR H 39 -57.59 5.79 21.62
C TYR H 39 -58.83 5.30 22.37
N LEU H 40 -58.74 5.21 23.69
CA LEU H 40 -59.94 5.04 24.53
C LEU H 40 -60.36 6.38 25.08
N PRO H 41 -61.67 6.70 25.02
CA PRO H 41 -62.13 7.98 25.52
C PRO H 41 -61.93 8.07 27.01
N ILE H 42 -61.25 9.10 27.45
CA ILE H 42 -61.14 9.38 28.86
C ILE H 42 -62.41 10.09 29.29
N ASN H 43 -62.96 9.71 30.43
CA ASN H 43 -64.19 10.29 30.90
C ASN H 43 -63.96 11.66 31.54
N SER H 44 -63.68 12.66 30.71
CA SER H 44 -63.33 13.99 31.22
C SER H 44 -64.44 14.72 31.99
N ALA H 45 -65.69 14.57 31.54
CA ALA H 45 -66.84 15.12 32.26
C ALA H 45 -66.97 14.57 33.70
N ALA H 46 -66.89 13.28 33.87
CA ALA H 46 -66.79 12.71 35.21
C ALA H 46 -65.60 13.27 36.03
N ILE H 47 -64.42 13.36 35.44
CA ILE H 47 -63.23 13.86 36.13
C ILE H 47 -63.43 15.31 36.60
N LYS H 48 -63.97 16.16 35.74
CA LYS H 48 -64.18 17.57 36.05
C LYS H 48 -65.19 17.77 37.16
N ALA H 49 -66.27 17.01 37.10
CA ALA H 49 -67.30 17.00 38.12
C ALA H 49 -66.71 16.57 39.45
N GLU H 50 -66.07 15.40 39.50
CA GLU H 50 -65.60 14.88 40.77
C GLU H 50 -64.53 15.82 41.35
N CYS H 51 -63.75 16.45 40.48
CA CYS H 51 -62.72 17.39 40.90
C CYS H 51 -63.35 18.61 41.52
N THR H 52 -64.32 19.21 40.83
CA THR H 52 -65.06 20.37 41.36
C THR H 52 -65.77 20.07 42.68
N ALA H 53 -66.24 18.83 42.84
CA ALA H 53 -66.96 18.41 44.02
C ALA H 53 -66.02 18.17 45.22
N ARG H 54 -64.89 17.50 45.00
CA ARG H 54 -63.97 17.20 46.10
C ARG H 54 -63.11 18.40 46.56
N LEU H 55 -62.99 19.39 45.69
CA LEU H 55 -61.97 20.40 45.83
C LEU H 55 -62.22 21.35 47.01
N PRO H 56 -63.50 21.61 47.34
CA PRO H 56 -63.75 22.35 48.57
C PRO H 56 -63.36 21.62 49.86
N GLU H 57 -62.54 20.57 49.84
CA GLU H 57 -62.06 19.95 51.11
C GLU H 57 -60.81 19.06 50.99
N ALA H 68 -40.46 12.09 42.18
CA ALA H 68 -40.72 10.65 42.31
C ALA H 68 -39.56 9.77 41.76
N VAL H 69 -38.97 8.99 42.68
CA VAL H 69 -37.62 8.46 42.50
C VAL H 69 -37.57 7.16 41.75
N ARG H 70 -36.60 7.09 40.83
CA ARG H 70 -36.42 5.95 39.98
C ARG H 70 -35.16 5.17 40.32
N LYS H 71 -35.23 3.85 40.13
CA LYS H 71 -34.09 2.98 40.30
C LYS H 71 -32.93 3.37 39.34
N PRO H 72 -31.68 3.50 39.86
CA PRO H 72 -30.56 3.79 38.94
C PRO H 72 -30.34 2.68 37.89
N LEU H 73 -29.77 3.09 36.76
CA LEU H 73 -29.53 2.18 35.65
C LEU H 73 -28.68 0.98 36.08
N GLU H 74 -27.64 1.27 36.88
CA GLU H 74 -26.73 0.24 37.44
C GLU H 74 -27.55 -0.87 38.12
N ALA H 75 -28.52 -0.44 38.95
CA ALA H 75 -29.42 -1.37 39.65
C ALA H 75 -30.31 -2.13 38.67
N VAL H 76 -30.80 -1.43 37.65
CA VAL H 76 -31.61 -2.11 36.63
C VAL H 76 -30.77 -3.20 35.95
N LEU H 77 -29.56 -2.83 35.51
CA LEU H 77 -28.67 -3.80 34.82
C LEU H 77 -28.41 -5.01 35.71
N ARG H 78 -28.08 -4.76 36.98
CA ARG H 78 -27.90 -5.85 37.94
C ARG H 78 -29.13 -6.76 38.01
N TYR H 79 -30.33 -6.15 38.11
CA TYR H 79 -31.56 -6.95 38.01
C TYR H 79 -31.64 -7.80 36.70
N LEU H 80 -31.35 -7.17 35.57
CA LEU H 80 -31.49 -7.82 34.27
C LEU H 80 -30.54 -9.00 34.07
N GLU H 81 -29.26 -8.76 34.34
CA GLU H 81 -28.24 -9.82 34.20
C GLU H 81 -28.39 -10.98 35.22
N THR H 82 -29.23 -10.80 36.24
CA THR H 82 -29.59 -11.89 37.16
C THR H 82 -31.01 -12.48 36.93
N HIS H 83 -31.69 -12.01 35.89
CA HIS H 83 -33.02 -12.48 35.56
C HIS H 83 -33.21 -12.60 34.06
N PRO H 84 -32.66 -13.66 33.46
CA PRO H 84 -32.74 -13.91 32.02
C PRO H 84 -34.18 -13.79 31.50
N ARG H 85 -34.55 -12.60 31.05
CA ARG H 85 -35.89 -12.36 30.53
C ARG H 85 -35.92 -11.12 29.64
#